data_6WRX
#
_entry.id   6WRX
#
_cell.length_a   137.425
_cell.length_b   137.425
_cell.length_c   280.158
_cell.angle_alpha   90.000
_cell.angle_beta   90.000
_cell.angle_gamma   120.000
#
_symmetry.space_group_name_H-M   'P 32 2 1'
#
loop_
_entity.id
_entity.type
_entity.pdbx_description
1 polymer 'Transferrin receptor protein 1'
2 polymer 'Computationally designed protein 2DS25.1'
3 branched beta-D-mannopyranose-(1-4)-2-acetamido-2-deoxy-beta-D-glucopyranose-(1-4)-2-acetamido-2-deoxy-beta-D-glucopyranose
4 branched 2-acetamido-2-deoxy-beta-D-glucopyranose-(1-4)-2-acetamido-2-deoxy-beta-D-glucopyranose
5 branched alpha-D-mannopyranose-(1-3)-beta-D-mannopyranose-(1-4)-2-acetamido-2-deoxy-beta-D-glucopyranose-(1-4)-2-acetamido-2-deoxy-beta-D-glucopyranose
6 non-polymer 'CALCIUM ION'
7 non-polymer 2-acetamido-2-deoxy-beta-D-glucopyranose
8 non-polymer alpha-D-mannopyranose
#
loop_
_entity_poly.entity_id
_entity_poly.type
_entity_poly.pdbx_seq_one_letter_code
_entity_poly.pdbx_strand_id
1 'polypeptide(L)'
;RLYWDDLKRKLSEKLDSTDFTSTIKLLNENSYVPREAGSQKDENLALYVENQFREFKLSKVWRDQHFVKIQVKDSAQNSV
IIVDKNGRLVYLVENPGGYVAYSKAATVTGKLVHANFGTKKDFEDLYTPVNGSIVIVRAGKITFAEKVANAESLNAIGVL
IYMDQTKFPIVNAELSFFGHAHLGTGDPYTPGFPSFNHTQFPPSRSSGLPNIPVQTISRAAAEKLFGNMEGDCPSDWKTD
STCRMVTSESKNVKLTVSNVLKEIKILNIFGVIKGFVEPDHYVVVGAQRDAWGPGAAKSGVGTALLLKLAQMFSDMVLKD
GFQPSRSIIFASWSAGDFGSVGATEWLEGYLSSLHLKAFTYINLDKAVLGTSNFKVSASPLLYTLIEKTMQNVKHPVTGQ
FLYQDSNWASKVEKLTLDNAAFPFLAYSGIPAVSFCFCEDTDYPYLGTTMDTYKELIERIPELNKVARAAAEVAGQFVIK
LTHDVELNLDYERYNSQLLSFVRDLNQYRADIKEMGLSLQWLYSARGDFFRATSRLTTDFGNAEKTDRFVMKKLNDRVMR
VEYHFLSPYVSPKESPFRHVFWGSGSHTLPALLENLKLRKQNNGAFNETLFRNQLALATWTIQGAANALSGDVWDIDNEF
;
A,B
2 'polypeptide(L)'
;DEEEIQKAIEELLRKGVSEEEAAIIIVQRFNVAVVVVVQDERQAKHISEYIRRYIPEADVILFANIVVIKVETHELRKRV
WEAAQKAY
;
C,D
#
loop_
_chem_comp.id
_chem_comp.type
_chem_comp.name
_chem_comp.formula
BMA D-saccharide, beta linking beta-D-mannopyranose 'C6 H12 O6'
CA non-polymer 'CALCIUM ION' 'Ca 2'
MAN D-saccharide, alpha linking alpha-D-mannopyranose 'C6 H12 O6'
NAG D-saccharide, beta linking 2-acetamido-2-deoxy-beta-D-glucopyranose 'C8 H15 N O6'
#
# COMPACT_ATOMS: atom_id res chain seq x y z
N ARG A 1 -33.28 -3.11 35.32
CA ARG A 1 -32.69 -3.10 33.98
C ARG A 1 -32.93 -4.43 33.28
N LEU A 2 -32.18 -4.72 32.22
CA LEU A 2 -32.36 -5.93 31.44
C LEU A 2 -31.04 -6.66 31.25
N TYR A 3 -31.01 -7.93 31.64
CA TYR A 3 -29.85 -8.78 31.43
C TYR A 3 -30.02 -9.57 30.13
N TRP A 4 -29.12 -10.52 29.88
CA TRP A 4 -29.16 -11.27 28.62
C TRP A 4 -30.39 -12.17 28.56
N ASP A 5 -30.70 -12.88 29.64
CA ASP A 5 -31.85 -13.78 29.64
C ASP A 5 -33.15 -13.03 29.46
N ASP A 6 -33.24 -11.80 30.00
CA ASP A 6 -34.43 -10.99 29.75
C ASP A 6 -34.49 -10.53 28.30
N LEU A 7 -33.35 -10.22 27.70
CA LEU A 7 -33.32 -9.78 26.32
C LEU A 7 -33.47 -10.95 25.35
N LYS A 8 -32.93 -12.12 25.70
CA LYS A 8 -33.13 -13.30 24.86
C LYS A 8 -34.60 -13.66 24.77
N ARG A 9 -35.34 -13.54 25.88
CA ARG A 9 -36.77 -13.84 25.86
C ARG A 9 -37.54 -12.79 25.08
N LYS A 10 -37.24 -11.50 25.32
CA LYS A 10 -37.93 -10.43 24.61
C LYS A 10 -37.67 -10.50 23.11
N LEU A 11 -36.51 -11.02 22.70
CA LEU A 11 -36.27 -11.25 21.28
C LEU A 11 -37.04 -12.47 20.80
N SER A 12 -37.03 -13.56 21.57
CA SER A 12 -37.71 -14.77 21.17
C SER A 12 -39.23 -14.59 21.20
N GLU A 13 -39.74 -13.68 22.03
CA GLU A 13 -41.18 -13.45 22.07
C GLU A 13 -41.66 -12.72 20.82
N LYS A 14 -40.90 -11.71 20.37
CA LYS A 14 -41.27 -10.97 19.17
C LYS A 14 -41.00 -11.76 17.90
N LEU A 15 -40.18 -12.81 17.97
CA LEU A 15 -39.94 -13.65 16.80
C LEU A 15 -41.15 -14.51 16.47
N ASP A 16 -41.85 -15.00 17.50
CA ASP A 16 -43.02 -15.84 17.27
C ASP A 16 -44.17 -15.06 16.66
N SER A 17 -44.25 -13.76 16.96
CA SER A 17 -45.31 -12.90 16.44
C SER A 17 -44.88 -12.14 15.19
N THR A 18 -43.98 -12.71 14.39
CA THR A 18 -43.51 -12.07 13.17
C THR A 18 -43.79 -12.98 11.99
N ASP A 19 -44.41 -12.43 10.95
CA ASP A 19 -44.76 -13.17 9.74
C ASP A 19 -43.71 -12.87 8.68
N PHE A 20 -42.79 -13.81 8.46
CA PHE A 20 -41.71 -13.64 7.49
C PHE A 20 -42.13 -14.00 6.07
N THR A 21 -42.98 -15.01 5.90
CA THR A 21 -43.37 -15.44 4.56
C THR A 21 -44.20 -14.40 3.84
N SER A 22 -44.97 -13.59 4.59
CA SER A 22 -45.76 -12.53 3.95
C SER A 22 -44.88 -11.36 3.51
N THR A 23 -43.74 -11.16 4.18
CA THR A 23 -42.81 -10.11 3.77
C THR A 23 -42.06 -10.53 2.51
N ILE A 24 -41.55 -11.77 2.49
CA ILE A 24 -40.94 -12.31 1.28
C ILE A 24 -41.94 -12.31 0.14
N LYS A 25 -43.22 -12.54 0.45
CA LYS A 25 -44.26 -12.46 -0.57
C LYS A 25 -44.40 -11.05 -1.12
N LEU A 26 -44.34 -10.04 -0.23
CA LEU A 26 -44.45 -8.66 -0.69
C LEU A 26 -43.26 -8.26 -1.56
N LEU A 27 -42.05 -8.68 -1.18
CA LEU A 27 -40.86 -8.34 -1.95
C LEU A 27 -40.82 -9.05 -3.29
N ASN A 28 -41.66 -10.05 -3.52
CA ASN A 28 -41.73 -10.76 -4.79
C ASN A 28 -42.97 -10.39 -5.60
N GLU A 29 -43.67 -9.31 -5.24
CA GLU A 29 -44.82 -8.87 -6.01
C GLU A 29 -44.38 -8.34 -7.38
N ASN A 30 -45.36 -8.02 -8.21
CA ASN A 30 -45.08 -7.57 -9.57
C ASN A 30 -44.41 -6.21 -9.62
N SER A 31 -44.51 -5.42 -8.55
CA SER A 31 -43.92 -4.09 -8.53
C SER A 31 -42.42 -4.10 -8.23
N TYR A 32 -41.89 -5.22 -7.72
CA TYR A 32 -40.50 -5.30 -7.31
C TYR A 32 -39.71 -6.37 -8.05
N VAL A 33 -40.24 -6.91 -9.15
CA VAL A 33 -39.59 -7.99 -9.87
C VAL A 33 -39.78 -7.80 -11.37
N PRO A 34 -38.72 -7.91 -12.19
CA PRO A 34 -37.33 -8.14 -11.77
C PRO A 34 -36.61 -6.85 -11.42
N ARG A 35 -35.63 -6.92 -10.53
CA ARG A 35 -34.91 -5.74 -10.05
C ARG A 35 -33.41 -5.92 -10.28
N GLU A 36 -33.00 -5.89 -11.55
CA GLU A 36 -31.58 -5.77 -11.85
C GLU A 36 -31.06 -4.45 -11.30
N ALA A 37 -29.79 -4.44 -10.92
CA ALA A 37 -29.19 -3.26 -10.31
C ALA A 37 -29.36 -2.03 -11.20
N GLY A 38 -29.83 -0.94 -10.60
CA GLY A 38 -30.06 0.29 -11.32
C GLY A 38 -31.39 0.40 -12.04
N SER A 39 -32.16 -0.68 -12.10
CA SER A 39 -33.45 -0.64 -12.78
C SER A 39 -34.46 0.17 -11.98
N GLN A 40 -35.60 0.46 -12.63
CA GLN A 40 -36.65 1.23 -11.96
C GLN A 40 -37.24 0.46 -10.79
N LYS A 41 -37.42 -0.85 -10.95
CA LYS A 41 -37.96 -1.65 -9.85
C LYS A 41 -36.96 -1.80 -8.71
N ASP A 42 -35.66 -1.72 -9.02
CA ASP A 42 -34.66 -1.67 -7.96
C ASP A 42 -34.81 -0.40 -7.13
N GLU A 43 -35.04 0.73 -7.80
CA GLU A 43 -35.26 1.99 -7.09
C GLU A 43 -36.57 1.97 -6.32
N ASN A 44 -37.56 1.23 -6.82
CA ASN A 44 -38.84 1.13 -6.12
C ASN A 44 -38.69 0.40 -4.79
N LEU A 45 -38.06 -0.77 -4.81
CA LEU A 45 -37.84 -1.50 -3.56
C LEU A 45 -36.92 -0.74 -2.61
N ALA A 46 -35.99 0.05 -3.15
CA ALA A 46 -35.15 0.88 -2.30
C ALA A 46 -35.97 1.93 -1.58
N LEU A 47 -36.89 2.56 -2.30
CA LEU A 47 -37.76 3.57 -1.68
C LEU A 47 -38.69 2.95 -0.65
N TYR A 48 -39.11 1.70 -0.86
CA TYR A 48 -39.95 1.02 0.12
C TYR A 48 -39.19 0.75 1.41
N VAL A 49 -37.96 0.24 1.29
CA VAL A 49 -37.14 -0.03 2.47
C VAL A 49 -36.81 1.27 3.19
N GLU A 50 -36.62 2.36 2.44
CA GLU A 50 -36.33 3.65 3.06
C GLU A 50 -37.50 4.13 3.92
N ASN A 51 -38.72 3.98 3.42
CA ASN A 51 -39.90 4.37 4.20
C ASN A 51 -40.13 3.43 5.37
N GLN A 52 -39.86 2.13 5.18
CA GLN A 52 -40.06 1.17 6.25
C GLN A 52 -39.13 1.45 7.43
N PHE A 53 -37.90 1.91 7.15
CA PHE A 53 -36.97 2.24 8.23
C PHE A 53 -37.44 3.44 9.03
N ARG A 54 -38.10 4.41 8.39
CA ARG A 54 -38.62 5.56 9.12
C ARG A 54 -39.81 5.17 9.99
N GLU A 55 -40.68 4.28 9.48
CA GLU A 55 -41.82 3.86 10.27
C GLU A 55 -41.40 3.06 11.50
N PHE A 56 -40.29 2.32 11.40
CA PHE A 56 -39.74 1.62 12.57
C PHE A 56 -39.18 2.60 13.59
N LYS A 57 -39.01 3.87 13.22
CA LYS A 57 -38.52 4.93 14.11
C LYS A 57 -37.10 4.64 14.58
N LEU A 58 -36.19 4.49 13.61
CA LEU A 58 -34.78 4.39 13.89
C LEU A 58 -34.21 5.76 14.24
N SER A 59 -32.97 5.78 14.71
CA SER A 59 -32.36 7.03 15.11
C SER A 59 -32.13 7.96 13.92
N LYS A 60 -31.66 7.41 12.80
CA LYS A 60 -31.45 8.23 11.61
C LYS A 60 -31.46 7.31 10.38
N VAL A 61 -31.96 7.87 9.27
CA VAL A 61 -32.01 7.17 7.99
C VAL A 61 -31.36 8.06 6.94
N TRP A 62 -30.51 7.47 6.10
CA TRP A 62 -29.82 8.21 5.07
C TRP A 62 -29.57 7.28 3.89
N ARG A 63 -29.02 7.84 2.81
CA ARG A 63 -28.76 7.09 1.60
C ARG A 63 -27.49 7.58 0.94
N ASP A 64 -26.81 6.67 0.24
CA ASP A 64 -25.66 7.00 -0.60
C ASP A 64 -26.04 6.78 -2.05
N GLN A 65 -25.49 7.61 -2.93
CA GLN A 65 -25.75 7.52 -4.36
C GLN A 65 -24.43 7.30 -5.09
N HIS A 66 -24.30 6.16 -5.75
CA HIS A 66 -23.12 5.82 -6.51
C HIS A 66 -23.47 5.68 -8.00
N PHE A 67 -22.45 5.89 -8.84
CA PHE A 67 -22.57 5.76 -10.29
C PHE A 67 -21.49 4.78 -10.74
N VAL A 68 -21.85 3.51 -10.86
CA VAL A 68 -20.93 2.44 -11.19
C VAL A 68 -21.17 1.99 -12.62
N LYS A 69 -20.13 1.42 -13.22
CA LYS A 69 -20.22 0.86 -14.57
C LYS A 69 -20.46 -0.65 -14.46
N ILE A 70 -21.62 -1.08 -14.95
CA ILE A 70 -21.94 -2.51 -15.00
C ILE A 70 -21.87 -2.98 -16.44
N GLN A 71 -22.25 -4.23 -16.69
CA GLN A 71 -22.32 -4.78 -18.03
C GLN A 71 -23.67 -5.45 -18.22
N VAL A 72 -24.27 -5.23 -19.40
CA VAL A 72 -25.59 -5.76 -19.72
C VAL A 72 -25.56 -6.35 -21.12
N LYS A 73 -26.61 -7.10 -21.46
CA LYS A 73 -26.73 -7.65 -22.79
C LYS A 73 -26.83 -6.54 -23.84
N ASP A 74 -26.44 -6.87 -25.06
CA ASP A 74 -26.51 -5.95 -26.18
C ASP A 74 -27.72 -6.27 -27.06
N SER A 75 -28.08 -5.31 -27.91
CA SER A 75 -29.11 -5.56 -28.91
C SER A 75 -28.69 -6.66 -29.87
N ALA A 76 -27.38 -6.86 -30.04
CA ALA A 76 -26.88 -7.96 -30.84
C ALA A 76 -26.89 -9.25 -30.02
N GLN A 77 -27.48 -10.30 -30.58
CA GLN A 77 -27.64 -11.54 -29.85
C GLN A 77 -26.30 -12.26 -29.67
N ASN A 78 -26.05 -12.73 -28.45
CA ASN A 78 -24.93 -13.62 -28.20
C ASN A 78 -25.25 -15.01 -28.73
N SER A 79 -24.27 -15.65 -29.36
CA SER A 79 -24.51 -16.91 -30.04
C SER A 79 -23.39 -17.91 -29.74
N VAL A 80 -23.77 -19.18 -29.73
CA VAL A 80 -22.83 -20.31 -29.67
C VAL A 80 -23.07 -21.14 -30.92
N ILE A 81 -22.04 -21.29 -31.74
CA ILE A 81 -22.16 -21.90 -33.06
C ILE A 81 -21.12 -22.99 -33.20
N ILE A 82 -21.51 -24.11 -33.80
CA ILE A 82 -20.60 -25.20 -34.15
C ILE A 82 -20.33 -25.16 -35.65
N VAL A 83 -19.07 -25.23 -36.03
CA VAL A 83 -18.65 -25.22 -37.42
C VAL A 83 -17.90 -26.51 -37.70
N ASP A 84 -18.26 -27.19 -38.81
CA ASP A 84 -17.65 -28.46 -39.17
C ASP A 84 -17.22 -28.42 -40.64
N LYS A 85 -16.19 -29.20 -40.94
CA LYS A 85 -15.66 -29.36 -42.29
C LYS A 85 -15.32 -28.01 -42.92
N ASN A 86 -14.38 -27.31 -42.28
CA ASN A 86 -13.79 -26.09 -42.79
C ASN A 86 -14.84 -24.99 -43.01
N GLY A 87 -15.63 -24.75 -41.97
CA GLY A 87 -16.61 -23.67 -42.01
C GLY A 87 -17.76 -23.85 -42.97
N ARG A 88 -17.84 -24.97 -43.67
CA ARG A 88 -18.89 -25.22 -44.64
C ARG A 88 -20.12 -25.89 -44.03
N LEU A 89 -20.07 -26.21 -42.74
CA LEU A 89 -21.22 -26.73 -42.01
C LEU A 89 -21.33 -25.99 -40.69
N VAL A 90 -22.42 -25.24 -40.52
CA VAL A 90 -22.62 -24.45 -39.31
C VAL A 90 -23.89 -24.92 -38.63
N TYR A 91 -23.88 -24.86 -37.29
CA TYR A 91 -24.95 -25.41 -36.47
C TYR A 91 -25.18 -24.47 -35.30
N LEU A 92 -26.38 -23.88 -35.24
CA LEU A 92 -26.72 -22.96 -34.18
C LEU A 92 -27.06 -23.75 -32.92
N VAL A 93 -26.27 -23.57 -31.87
CA VAL A 93 -26.48 -24.31 -30.64
C VAL A 93 -27.49 -23.61 -29.73
N GLU A 94 -27.28 -22.33 -29.48
CA GLU A 94 -28.17 -21.57 -28.61
C GLU A 94 -27.92 -20.07 -28.76
N ASN A 95 -29.00 -19.29 -28.72
CA ASN A 95 -28.95 -17.86 -28.52
C ASN A 95 -29.32 -17.57 -27.07
N PRO A 96 -28.37 -17.64 -26.14
CA PRO A 96 -28.72 -17.67 -24.72
C PRO A 96 -29.42 -16.39 -24.28
N GLY A 97 -30.32 -16.54 -23.31
CA GLY A 97 -31.01 -15.40 -22.73
C GLY A 97 -30.26 -14.85 -21.54
N GLY A 98 -29.33 -15.63 -21.00
CA GLY A 98 -28.44 -15.17 -19.95
C GLY A 98 -27.11 -14.68 -20.49
N TYR A 99 -26.28 -14.20 -19.56
CA TYR A 99 -24.95 -13.72 -19.91
C TYR A 99 -24.13 -13.62 -18.63
N VAL A 100 -22.82 -13.49 -18.81
CA VAL A 100 -21.88 -13.31 -17.71
C VAL A 100 -21.39 -11.88 -17.75
N ALA A 101 -21.71 -11.11 -16.72
CA ALA A 101 -21.28 -9.71 -16.65
C ALA A 101 -19.77 -9.62 -16.61
N TYR A 102 -19.24 -8.58 -17.25
CA TYR A 102 -17.80 -8.28 -17.32
C TYR A 102 -17.03 -9.27 -18.18
N SER A 103 -17.73 -10.04 -19.00
CA SER A 103 -17.08 -10.81 -20.05
C SER A 103 -16.49 -9.86 -21.09
N LYS A 104 -15.43 -10.32 -21.75
CA LYS A 104 -14.83 -9.54 -22.82
C LYS A 104 -15.68 -9.64 -24.09
N ALA A 105 -15.84 -8.52 -24.77
CA ALA A 105 -16.58 -8.50 -26.03
C ALA A 105 -15.66 -8.97 -27.15
N ALA A 106 -15.87 -10.20 -27.61
CA ALA A 106 -15.04 -10.78 -28.65
C ALA A 106 -15.76 -12.00 -29.22
N THR A 107 -15.25 -12.48 -30.34
CA THR A 107 -15.75 -13.70 -30.98
C THR A 107 -14.57 -14.64 -31.17
N VAL A 108 -14.56 -15.74 -30.43
CA VAL A 108 -13.49 -16.73 -30.50
C VAL A 108 -14.04 -18.00 -31.12
N THR A 109 -13.18 -18.71 -31.84
CA THR A 109 -13.56 -19.93 -32.54
C THR A 109 -12.43 -20.93 -32.44
N GLY A 110 -12.75 -22.16 -32.05
CA GLY A 110 -11.74 -23.20 -31.97
C GLY A 110 -12.25 -24.42 -31.25
N LYS A 111 -11.32 -25.26 -30.82
CA LYS A 111 -11.65 -26.50 -30.13
C LYS A 111 -12.34 -26.21 -28.79
N LEU A 112 -13.20 -27.13 -28.39
CA LEU A 112 -13.89 -27.07 -27.11
C LEU A 112 -13.46 -28.25 -26.24
N VAL A 113 -12.98 -27.95 -25.04
CA VAL A 113 -12.46 -28.95 -24.12
C VAL A 113 -13.19 -28.81 -22.79
N HIS A 114 -13.66 -29.93 -22.25
CA HIS A 114 -14.34 -29.93 -20.96
C HIS A 114 -13.30 -29.94 -19.84
N ALA A 115 -13.58 -29.16 -18.79
CA ALA A 115 -12.65 -29.02 -17.67
C ALA A 115 -13.35 -29.16 -16.33
N ASN A 116 -14.45 -29.93 -16.29
CA ASN A 116 -15.20 -30.21 -15.07
C ASN A 116 -15.66 -28.89 -14.46
N PHE A 117 -15.25 -28.53 -13.25
CA PHE A 117 -15.68 -27.30 -12.61
C PHE A 117 -14.74 -26.13 -12.85
N GLY A 118 -13.60 -26.35 -13.49
CA GLY A 118 -12.68 -25.28 -13.80
C GLY A 118 -11.70 -24.93 -12.70
N THR A 119 -11.68 -25.68 -11.60
CA THR A 119 -10.72 -25.43 -10.55
C THR A 119 -9.30 -25.74 -11.05
N LYS A 120 -8.31 -25.25 -10.29
CA LYS A 120 -6.91 -25.49 -10.67
C LYS A 120 -6.59 -26.98 -10.69
N LYS A 121 -7.19 -27.75 -9.78
CA LYS A 121 -6.98 -29.20 -9.78
C LYS A 121 -7.60 -29.84 -11.01
N ASP A 122 -8.78 -29.35 -11.44
CA ASP A 122 -9.43 -29.92 -12.61
C ASP A 122 -8.61 -29.71 -13.87
N PHE A 123 -8.02 -28.53 -14.04
CA PHE A 123 -7.22 -28.28 -15.23
C PHE A 123 -5.93 -29.08 -15.22
N GLU A 124 -5.40 -29.41 -14.05
CA GLU A 124 -4.23 -30.27 -13.97
C GLU A 124 -4.55 -31.70 -14.38
N ASP A 125 -5.67 -32.24 -13.89
CA ASP A 125 -6.09 -33.61 -14.19
C ASP A 125 -6.92 -33.63 -15.47
N LEU A 126 -6.25 -33.34 -16.59
CA LEU A 126 -6.88 -33.31 -17.89
C LEU A 126 -5.94 -33.94 -18.92
N TYR A 127 -6.52 -34.76 -19.80
CA TYR A 127 -5.73 -35.35 -20.88
C TYR A 127 -5.34 -34.28 -21.90
N THR A 128 -6.33 -33.54 -22.40
CA THR A 128 -6.12 -32.52 -23.42
C THR A 128 -5.79 -31.18 -22.78
N PRO A 129 -4.75 -30.50 -23.23
CA PRO A 129 -4.49 -29.14 -22.74
C PRO A 129 -5.44 -28.13 -23.35
N VAL A 130 -5.68 -27.05 -22.62
CA VAL A 130 -6.65 -26.04 -23.01
C VAL A 130 -5.98 -24.86 -23.72
N ASN A 131 -4.77 -25.04 -24.22
CA ASN A 131 -4.04 -23.96 -24.88
C ASN A 131 -4.70 -23.61 -26.20
N GLY A 132 -5.17 -22.37 -26.32
CA GLY A 132 -5.76 -21.90 -27.56
C GLY A 132 -7.14 -22.42 -27.88
N SER A 133 -7.81 -23.06 -26.93
CA SER A 133 -9.12 -23.67 -27.17
C SER A 133 -10.15 -23.13 -26.20
N ILE A 134 -11.42 -23.28 -26.58
CA ILE A 134 -12.54 -22.89 -25.74
C ILE A 134 -12.79 -23.96 -24.69
N VAL A 135 -13.19 -23.54 -23.50
CA VAL A 135 -13.41 -24.43 -22.37
C VAL A 135 -14.88 -24.39 -21.97
N ILE A 136 -15.44 -25.57 -21.69
CA ILE A 136 -16.80 -25.69 -21.16
C ILE A 136 -16.69 -26.26 -19.76
N VAL A 137 -17.43 -25.66 -18.82
CA VAL A 137 -17.28 -25.95 -17.40
C VAL A 137 -18.65 -25.98 -16.73
N ARG A 138 -18.78 -26.86 -15.73
CA ARG A 138 -20.00 -26.93 -14.94
C ARG A 138 -20.01 -25.85 -13.86
N ALA A 139 -21.20 -25.31 -13.60
CA ALA A 139 -21.35 -24.33 -12.53
C ALA A 139 -21.24 -25.01 -11.17
N GLY A 140 -20.63 -24.31 -10.22
CA GLY A 140 -20.49 -24.78 -8.86
C GLY A 140 -19.04 -24.82 -8.43
N LYS A 141 -18.85 -25.27 -7.18
CA LYS A 141 -17.54 -25.42 -6.54
C LYS A 141 -16.84 -24.08 -6.36
N ILE A 142 -16.64 -23.33 -7.45
CA ILE A 142 -15.98 -22.04 -7.41
C ILE A 142 -16.83 -21.02 -8.16
N THR A 143 -16.50 -19.75 -7.97
CA THR A 143 -17.25 -18.67 -8.61
C THR A 143 -16.98 -18.65 -10.11
N PHE A 144 -17.86 -17.95 -10.83
CA PHE A 144 -17.66 -17.75 -12.27
C PHE A 144 -16.32 -17.09 -12.54
N ALA A 145 -15.94 -16.12 -11.71
CA ALA A 145 -14.68 -15.39 -11.92
C ALA A 145 -13.48 -16.31 -11.80
N GLU A 146 -13.51 -17.23 -10.82
CA GLU A 146 -12.37 -18.14 -10.63
C GLU A 146 -12.22 -19.09 -11.82
N LYS A 147 -13.34 -19.56 -12.37
CA LYS A 147 -13.30 -20.43 -13.54
C LYS A 147 -12.61 -19.72 -14.71
N VAL A 148 -13.00 -18.48 -14.97
CA VAL A 148 -12.43 -17.73 -16.09
C VAL A 148 -10.95 -17.45 -15.85
N ALA A 149 -10.58 -17.13 -14.62
CA ALA A 149 -9.18 -16.82 -14.32
C ALA A 149 -8.29 -18.04 -14.48
N ASN A 150 -8.76 -19.21 -14.05
CA ASN A 150 -7.97 -20.42 -14.20
C ASN A 150 -7.85 -20.84 -15.66
N ALA A 151 -8.88 -20.59 -16.48
CA ALA A 151 -8.77 -20.87 -17.90
C ALA A 151 -7.85 -19.87 -18.59
N GLU A 152 -7.94 -18.59 -18.21
CA GLU A 152 -7.02 -17.60 -18.75
C GLU A 152 -5.57 -17.93 -18.38
N SER A 153 -5.36 -18.46 -17.17
CA SER A 153 -4.01 -18.79 -16.73
C SER A 153 -3.36 -19.84 -17.62
N LEU A 154 -4.16 -20.67 -18.29
CA LEU A 154 -3.64 -21.68 -19.19
C LEU A 154 -3.89 -21.34 -20.66
N ASN A 155 -4.09 -20.05 -20.95
CA ASN A 155 -4.20 -19.54 -22.33
C ASN A 155 -5.42 -20.07 -23.06
N ALA A 156 -6.52 -20.29 -22.35
CA ALA A 156 -7.79 -20.59 -23.00
C ALA A 156 -8.36 -19.34 -23.64
N ILE A 157 -9.12 -19.53 -24.73
CA ILE A 157 -9.67 -18.40 -25.48
C ILE A 157 -11.13 -18.14 -25.18
N GLY A 158 -11.78 -18.98 -24.39
CA GLY A 158 -13.17 -18.76 -24.05
C GLY A 158 -13.64 -19.79 -23.05
N VAL A 159 -14.73 -19.45 -22.36
CA VAL A 159 -15.29 -20.29 -21.30
C VAL A 159 -16.80 -20.35 -21.49
N LEU A 160 -17.35 -21.56 -21.44
CA LEU A 160 -18.78 -21.79 -21.43
C LEU A 160 -19.17 -22.43 -20.10
N ILE A 161 -20.23 -21.93 -19.49
CA ILE A 161 -20.71 -22.42 -18.20
C ILE A 161 -22.14 -22.91 -18.37
N TYR A 162 -22.41 -24.12 -17.88
CA TYR A 162 -23.73 -24.72 -17.96
C TYR A 162 -24.06 -25.40 -16.64
N MET A 163 -25.31 -25.83 -16.50
CA MET A 163 -25.80 -26.52 -15.31
C MET A 163 -26.24 -27.92 -15.70
N ASP A 164 -25.44 -28.92 -15.37
CA ASP A 164 -25.85 -30.30 -15.57
C ASP A 164 -26.97 -30.66 -14.60
N GLN A 165 -27.72 -31.71 -14.93
CA GLN A 165 -28.87 -32.08 -14.13
C GLN A 165 -28.49 -32.85 -12.86
N THR A 166 -27.32 -33.47 -12.83
CA THR A 166 -26.91 -34.20 -11.63
C THR A 166 -26.71 -33.24 -10.46
N LYS A 167 -25.94 -32.17 -10.67
CA LYS A 167 -25.73 -31.19 -9.61
C LYS A 167 -26.91 -30.22 -9.50
N PHE A 168 -27.60 -29.95 -10.62
CA PHE A 168 -28.73 -29.03 -10.67
C PHE A 168 -29.94 -29.77 -11.23
N PRO A 169 -30.69 -30.49 -10.39
CA PRO A 169 -31.88 -31.21 -10.88
C PRO A 169 -32.99 -30.26 -11.30
N ILE A 170 -32.93 -29.76 -12.53
CA ILE A 170 -33.91 -28.81 -13.06
C ILE A 170 -34.64 -29.47 -14.22
N VAL A 171 -35.96 -29.34 -14.22
CA VAL A 171 -36.77 -29.98 -15.27
C VAL A 171 -36.62 -29.24 -16.60
N ASN A 172 -36.54 -27.91 -16.55
CA ASN A 172 -36.41 -27.11 -17.76
C ASN A 172 -34.96 -27.15 -18.23
N ALA A 173 -34.71 -27.87 -19.32
CA ALA A 173 -33.36 -27.98 -19.87
C ALA A 173 -32.94 -26.76 -20.66
N GLU A 174 -33.88 -25.85 -20.94
CA GLU A 174 -33.59 -24.63 -21.71
C GLU A 174 -33.43 -23.42 -20.80
N LEU A 175 -33.24 -23.63 -19.51
CA LEU A 175 -33.16 -22.52 -18.56
C LEU A 175 -31.82 -21.82 -18.65
N SER A 176 -31.86 -20.49 -18.76
CA SER A 176 -30.67 -19.66 -18.75
C SER A 176 -30.47 -19.04 -17.37
N PHE A 177 -29.23 -18.68 -17.07
CA PHE A 177 -28.88 -18.14 -15.77
C PHE A 177 -27.84 -17.04 -15.95
N PHE A 178 -27.49 -16.39 -14.84
CA PHE A 178 -26.71 -15.16 -14.87
C PHE A 178 -25.56 -15.25 -13.86
N GLY A 179 -24.48 -14.55 -14.17
CA GLY A 179 -23.35 -14.42 -13.28
C GLY A 179 -22.44 -13.29 -13.72
N HIS A 180 -21.30 -13.20 -13.04
CA HIS A 180 -20.28 -12.21 -13.39
C HIS A 180 -18.91 -12.84 -13.23
N ALA A 181 -17.98 -12.42 -14.09
CA ALA A 181 -16.65 -13.00 -14.16
C ALA A 181 -15.55 -12.03 -13.73
N HIS A 182 -15.85 -11.13 -12.80
CA HIS A 182 -14.86 -10.20 -12.28
C HIS A 182 -14.21 -10.81 -11.04
N LEU A 183 -12.89 -11.00 -11.10
CA LEU A 183 -12.14 -11.60 -9.99
C LEU A 183 -11.87 -10.52 -8.94
N GLY A 184 -12.95 -10.11 -8.28
CA GLY A 184 -12.86 -9.09 -7.26
C GLY A 184 -14.24 -8.65 -6.82
N THR A 185 -14.27 -7.54 -6.09
CA THR A 185 -15.51 -6.95 -5.61
C THR A 185 -15.54 -5.47 -5.94
N GLY A 186 -16.75 -4.94 -6.04
CA GLY A 186 -16.93 -3.52 -6.32
C GLY A 186 -16.94 -3.20 -7.79
N ASP A 187 -17.14 -1.92 -8.08
CA ASP A 187 -17.08 -1.38 -9.44
C ASP A 187 -15.69 -1.65 -10.02
N PRO A 188 -15.58 -2.54 -11.02
CA PRO A 188 -14.26 -2.90 -11.54
C PRO A 188 -13.59 -1.80 -12.34
N TYR A 189 -14.25 -0.68 -12.60
CA TYR A 189 -13.64 0.44 -13.29
C TYR A 189 -13.29 1.58 -12.34
N THR A 190 -13.48 1.40 -11.04
CA THR A 190 -12.91 2.28 -10.02
C THR A 190 -12.24 1.41 -8.94
N PRO A 191 -11.19 0.68 -9.30
CA PRO A 191 -10.61 -0.30 -8.35
C PRO A 191 -9.84 0.39 -7.24
N GLY A 192 -10.28 0.17 -6.00
CA GLY A 192 -9.59 0.67 -4.84
C GLY A 192 -10.09 1.99 -4.30
N PHE A 193 -10.95 2.70 -5.03
CA PHE A 193 -11.45 3.99 -4.60
C PHE A 193 -12.95 4.07 -4.91
N PRO A 194 -13.69 4.90 -4.18
CA PRO A 194 -15.15 4.87 -4.32
C PRO A 194 -15.62 5.42 -5.66
N SER A 195 -16.82 4.99 -6.04
CA SER A 195 -17.46 5.43 -7.28
C SER A 195 -18.37 6.63 -7.02
N PHE A 196 -17.75 7.70 -6.54
CA PHE A 196 -18.42 8.97 -6.34
C PHE A 196 -18.08 9.96 -7.44
N ASN A 197 -18.88 11.02 -7.54
CA ASN A 197 -18.64 12.06 -8.53
C ASN A 197 -17.35 12.82 -8.25
N HIS A 198 -16.93 12.89 -6.98
CA HIS A 198 -15.72 13.62 -6.61
C HIS A 198 -14.51 13.11 -7.38
N THR A 199 -14.39 11.79 -7.54
CA THR A 199 -13.26 11.22 -8.27
C THR A 199 -13.23 11.64 -9.73
N GLN A 200 -14.37 12.07 -10.29
CA GLN A 200 -14.50 12.44 -11.70
C GLN A 200 -14.13 11.28 -12.64
N PHE A 201 -14.21 10.05 -12.13
CA PHE A 201 -14.07 8.81 -12.88
C PHE A 201 -12.85 8.79 -13.79
N PRO A 202 -11.65 8.63 -13.25
CA PRO A 202 -10.45 8.60 -14.08
C PRO A 202 -10.29 7.25 -14.75
N PRO A 203 -9.48 7.16 -15.80
CA PRO A 203 -9.28 5.86 -16.45
C PRO A 203 -8.53 4.86 -15.57
N SER A 204 -9.26 3.94 -14.97
CA SER A 204 -8.69 2.92 -14.12
C SER A 204 -9.41 1.60 -14.36
N ARG A 205 -8.66 0.54 -14.60
CA ARG A 205 -9.21 -0.77 -14.91
C ARG A 205 -8.71 -1.78 -13.89
N SER A 206 -9.64 -2.51 -13.28
CA SER A 206 -9.27 -3.52 -12.31
C SER A 206 -8.53 -4.67 -12.99
N SER A 207 -7.51 -5.20 -12.30
CA SER A 207 -6.77 -6.33 -12.82
C SER A 207 -7.57 -7.64 -12.77
N GLY A 208 -8.75 -7.63 -12.14
CA GLY A 208 -9.60 -8.80 -12.09
C GLY A 208 -10.52 -8.98 -13.27
N LEU A 209 -10.59 -7.98 -14.16
CA LEU A 209 -11.41 -8.11 -15.35
C LEU A 209 -10.79 -9.13 -16.30
N PRO A 210 -11.56 -10.09 -16.79
CA PRO A 210 -10.99 -11.09 -17.70
C PRO A 210 -10.74 -10.51 -19.08
N ASN A 211 -9.90 -11.20 -19.84
CA ASN A 211 -9.57 -10.81 -21.21
C ASN A 211 -9.96 -11.90 -22.20
N ILE A 212 -10.94 -12.72 -21.85
CA ILE A 212 -11.52 -13.69 -22.79
C ILE A 212 -13.03 -13.68 -22.66
N PRO A 213 -13.73 -13.93 -23.76
CA PRO A 213 -15.20 -13.95 -23.69
C PRO A 213 -15.71 -15.18 -22.97
N VAL A 214 -16.72 -14.99 -22.13
CA VAL A 214 -17.34 -16.06 -21.37
C VAL A 214 -18.85 -15.94 -21.50
N GLN A 215 -19.52 -17.07 -21.74
CA GLN A 215 -20.96 -17.09 -21.97
C GLN A 215 -21.57 -18.26 -21.22
N THR A 216 -22.79 -18.06 -20.75
CA THR A 216 -23.57 -19.10 -20.08
C THR A 216 -24.54 -19.73 -21.06
N ILE A 217 -24.73 -21.04 -20.95
CA ILE A 217 -25.61 -21.79 -21.82
C ILE A 217 -26.48 -22.72 -20.99
N SER A 218 -27.65 -23.06 -21.51
CA SER A 218 -28.57 -23.96 -20.84
C SER A 218 -28.07 -25.40 -20.95
N ARG A 219 -28.72 -26.29 -20.19
CA ARG A 219 -28.34 -27.70 -20.24
C ARG A 219 -28.65 -28.31 -21.60
N ALA A 220 -29.75 -27.89 -22.22
CA ALA A 220 -30.08 -28.37 -23.56
C ALA A 220 -29.01 -27.96 -24.57
N ALA A 221 -28.48 -26.75 -24.44
CA ALA A 221 -27.40 -26.30 -25.32
C ALA A 221 -26.13 -27.11 -25.08
N ALA A 222 -25.83 -27.44 -23.82
CA ALA A 222 -24.66 -28.23 -23.52
C ALA A 222 -24.78 -29.64 -24.09
N GLU A 223 -26.00 -30.21 -24.04
CA GLU A 223 -26.22 -31.52 -24.63
C GLU A 223 -26.19 -31.47 -26.14
N LYS A 224 -26.56 -30.33 -26.73
CA LYS A 224 -26.35 -30.14 -28.16
C LYS A 224 -24.86 -30.20 -28.51
N LEU A 225 -24.02 -29.59 -27.66
CA LEU A 225 -22.58 -29.60 -27.90
C LEU A 225 -22.01 -31.01 -27.76
N PHE A 226 -22.43 -31.74 -26.72
CA PHE A 226 -21.87 -33.06 -26.45
C PHE A 226 -22.10 -34.04 -27.60
N GLY A 227 -23.18 -33.84 -28.37
CA GLY A 227 -23.39 -34.65 -29.55
C GLY A 227 -22.34 -34.49 -30.63
N ASN A 228 -21.49 -33.47 -30.52
CA ASN A 228 -20.39 -33.23 -31.45
C ASN A 228 -19.03 -33.43 -30.80
N MET A 229 -18.97 -34.14 -29.66
CA MET A 229 -17.74 -34.27 -28.88
C MET A 229 -17.50 -35.75 -28.56
N GLU A 230 -16.23 -36.08 -28.37
CA GLU A 230 -15.80 -37.44 -28.09
C GLU A 230 -15.26 -37.55 -26.66
N GLY A 231 -14.96 -38.78 -26.27
CA GLY A 231 -14.41 -39.06 -24.95
C GLY A 231 -15.45 -39.09 -23.85
N ASP A 232 -15.34 -40.05 -22.95
CA ASP A 232 -16.27 -40.19 -21.84
C ASP A 232 -15.77 -39.40 -20.64
N CYS A 233 -16.67 -38.65 -20.02
CA CYS A 233 -16.31 -37.90 -18.83
C CYS A 233 -16.07 -38.86 -17.68
N PRO A 234 -15.00 -38.69 -16.91
CA PRO A 234 -14.64 -39.69 -15.89
C PRO A 234 -15.73 -39.85 -14.85
N SER A 235 -15.81 -41.06 -14.29
CA SER A 235 -16.79 -41.34 -13.24
C SER A 235 -16.52 -40.56 -11.97
N ASP A 236 -15.29 -40.05 -11.79
CA ASP A 236 -14.99 -39.22 -10.63
C ASP A 236 -15.87 -37.98 -10.60
N TRP A 237 -16.19 -37.42 -11.77
CA TRP A 237 -16.90 -36.14 -11.83
C TRP A 237 -18.35 -36.27 -11.38
N LYS A 238 -18.93 -37.47 -11.47
CA LYS A 238 -20.31 -37.72 -11.06
C LYS A 238 -21.28 -36.77 -11.76
N THR A 239 -21.30 -36.88 -13.09
CA THR A 239 -22.12 -36.02 -13.93
C THR A 239 -23.07 -36.86 -14.79
N ASP A 240 -23.75 -36.18 -15.72
CA ASP A 240 -24.68 -36.84 -16.62
C ASP A 240 -23.95 -37.81 -17.55
N SER A 241 -24.71 -38.79 -18.07
CA SER A 241 -24.16 -39.75 -19.01
C SER A 241 -23.97 -39.17 -20.39
N THR A 242 -24.70 -38.12 -20.75
CA THR A 242 -24.52 -37.43 -22.02
C THR A 242 -23.23 -36.60 -22.07
N CYS A 243 -22.48 -36.54 -20.98
CA CYS A 243 -21.29 -35.72 -20.92
C CYS A 243 -20.22 -36.24 -21.87
N ARG A 244 -19.48 -35.31 -22.48
CA ARG A 244 -18.36 -35.64 -23.36
C ARG A 244 -17.19 -34.73 -23.03
N MET A 245 -16.05 -35.01 -23.64
CA MET A 245 -14.77 -34.41 -23.24
C MET A 245 -14.25 -33.39 -24.24
N VAL A 246 -14.04 -33.80 -25.49
CA VAL A 246 -13.38 -32.96 -26.49
C VAL A 246 -14.11 -33.10 -27.81
N THR A 247 -14.25 -31.99 -28.54
CA THR A 247 -14.89 -32.01 -29.84
C THR A 247 -14.14 -32.92 -30.81
N SER A 248 -14.80 -33.26 -31.90
CA SER A 248 -14.18 -34.09 -32.92
C SER A 248 -13.05 -33.31 -33.60
N GLU A 249 -12.35 -33.98 -34.52
CA GLU A 249 -11.17 -33.39 -35.13
C GLU A 249 -11.53 -32.19 -36.00
N SER A 250 -12.63 -32.29 -36.76
CA SER A 250 -12.99 -31.28 -37.74
C SER A 250 -14.08 -30.34 -37.25
N LYS A 251 -14.48 -30.43 -35.98
CA LYS A 251 -15.56 -29.62 -35.44
C LYS A 251 -14.99 -28.57 -34.49
N ASN A 252 -15.50 -27.35 -34.60
CA ASN A 252 -15.11 -26.25 -33.73
C ASN A 252 -16.35 -25.56 -33.19
N VAL A 253 -16.15 -24.72 -32.16
CA VAL A 253 -17.21 -23.94 -31.55
C VAL A 253 -16.87 -22.46 -31.72
N LYS A 254 -17.84 -21.69 -32.18
CA LYS A 254 -17.68 -20.24 -32.37
C LYS A 254 -18.50 -19.53 -31.31
N LEU A 255 -17.83 -19.00 -30.29
CA LEU A 255 -18.47 -18.24 -29.23
C LEU A 255 -18.50 -16.76 -29.59
N THR A 256 -19.67 -16.16 -29.48
CA THR A 256 -19.88 -14.75 -29.83
C THR A 256 -20.50 -14.02 -28.65
N VAL A 257 -19.72 -13.18 -27.99
CA VAL A 257 -20.18 -12.35 -26.88
C VAL A 257 -19.98 -10.89 -27.27
N SER A 258 -21.02 -10.08 -27.05
CA SER A 258 -20.97 -8.67 -27.44
C SER A 258 -21.57 -7.78 -26.35
N ASN A 259 -21.41 -8.14 -25.09
CA ASN A 259 -21.95 -7.35 -23.99
C ASN A 259 -21.33 -5.96 -23.98
N VAL A 260 -22.07 -5.00 -23.40
CA VAL A 260 -21.67 -3.60 -23.38
C VAL A 260 -21.73 -3.08 -21.95
N LEU A 261 -20.93 -2.05 -21.68
CA LEU A 261 -20.94 -1.41 -20.38
C LEU A 261 -22.13 -0.46 -20.27
N LYS A 262 -22.51 -0.15 -19.04
CA LYS A 262 -23.63 0.74 -18.78
C LYS A 262 -23.43 1.44 -17.45
N GLU A 263 -23.33 2.77 -17.48
CA GLU A 263 -23.23 3.56 -16.26
C GLU A 263 -24.62 3.69 -15.63
N ILE A 264 -24.76 3.26 -14.38
CA ILE A 264 -26.06 3.23 -13.71
C ILE A 264 -25.93 3.90 -12.35
N LYS A 265 -27.06 4.38 -11.85
CA LYS A 265 -27.16 4.95 -10.50
C LYS A 265 -27.71 3.89 -9.56
N ILE A 266 -26.94 3.57 -8.51
CA ILE A 266 -27.37 2.61 -7.51
C ILE A 266 -27.58 3.33 -6.19
N LEU A 267 -28.42 2.75 -5.35
CA LEU A 267 -28.79 3.33 -4.06
C LEU A 267 -28.48 2.36 -2.93
N ASN A 268 -27.77 2.84 -1.91
CA ASN A 268 -27.59 2.12 -0.67
C ASN A 268 -28.46 2.79 0.40
N ILE A 269 -29.38 2.04 0.98
CA ILE A 269 -30.30 2.54 1.98
C ILE A 269 -29.82 2.10 3.36
N PHE A 270 -29.84 3.04 4.31
CA PHE A 270 -29.28 2.80 5.63
C PHE A 270 -30.26 3.20 6.71
N GLY A 271 -30.13 2.55 7.88
CA GLY A 271 -30.83 2.93 9.08
C GLY A 271 -29.99 2.59 10.30
N VAL A 272 -30.03 3.44 11.32
CA VAL A 272 -29.15 3.28 12.48
C VAL A 272 -29.96 3.44 13.76
N ILE A 273 -29.72 2.56 14.72
CA ILE A 273 -30.19 2.71 16.09
C ILE A 273 -28.99 3.15 16.93
N LYS A 274 -28.98 4.43 17.33
CA LYS A 274 -27.83 4.97 18.03
C LYS A 274 -27.69 4.32 19.41
N GLY A 275 -26.44 4.17 19.84
CA GLY A 275 -26.15 3.54 21.11
C GLY A 275 -26.40 4.44 22.30
N PHE A 276 -26.20 3.87 23.49
CA PHE A 276 -26.45 4.57 24.74
C PHE A 276 -25.19 4.84 25.55
N VAL A 277 -24.09 4.17 25.24
CA VAL A 277 -22.83 4.34 25.98
C VAL A 277 -21.74 4.76 25.01
N GLU A 278 -21.43 3.90 24.04
CA GLU A 278 -20.42 4.15 23.01
C GLU A 278 -21.10 4.16 21.65
N PRO A 279 -21.80 5.25 21.31
CA PRO A 279 -22.49 5.27 20.01
C PRO A 279 -21.55 5.43 18.83
N ASP A 280 -20.30 5.84 19.05
CA ASP A 280 -19.34 5.96 17.96
C ASP A 280 -18.88 4.60 17.45
N HIS A 281 -19.10 3.53 18.22
CA HIS A 281 -18.89 2.17 17.75
C HIS A 281 -20.22 1.54 17.39
N TYR A 282 -20.20 0.63 16.42
CA TYR A 282 -21.46 0.10 15.91
C TYR A 282 -21.23 -1.21 15.17
N VAL A 283 -22.30 -2.01 15.11
CA VAL A 283 -22.37 -3.22 14.30
C VAL A 283 -23.15 -2.91 13.04
N VAL A 284 -22.84 -3.59 11.96
CA VAL A 284 -23.49 -3.38 10.66
C VAL A 284 -24.17 -4.67 10.23
N VAL A 285 -25.44 -4.57 9.86
CA VAL A 285 -26.22 -5.71 9.36
C VAL A 285 -26.66 -5.35 7.95
N GLY A 286 -26.27 -6.18 6.98
CA GLY A 286 -26.51 -5.87 5.58
C GLY A 286 -27.20 -7.03 4.88
N ALA A 287 -27.79 -6.70 3.73
CA ALA A 287 -28.50 -7.67 2.91
C ALA A 287 -28.62 -7.15 1.49
N GLN A 288 -28.24 -7.97 0.52
CA GLN A 288 -28.35 -7.59 -0.88
C GLN A 288 -29.81 -7.42 -1.27
N ARG A 289 -30.08 -6.44 -2.14
CA ARG A 289 -31.42 -6.11 -2.56
C ARG A 289 -31.70 -6.38 -4.03
N ASP A 290 -30.70 -6.26 -4.89
CA ASP A 290 -30.90 -6.46 -6.32
C ASP A 290 -30.77 -7.94 -6.69
N ALA A 291 -31.26 -8.27 -7.88
CA ALA A 291 -31.20 -9.64 -8.41
C ALA A 291 -31.50 -9.59 -9.89
N TRP A 292 -30.93 -10.55 -10.63
CA TRP A 292 -31.15 -10.60 -12.08
C TRP A 292 -32.57 -11.04 -12.39
N GLY A 293 -32.99 -12.17 -11.81
CA GLY A 293 -34.36 -12.61 -11.92
C GLY A 293 -35.19 -12.04 -10.78
N PRO A 294 -36.16 -12.82 -10.29
CA PRO A 294 -36.89 -12.38 -9.09
C PRO A 294 -36.03 -12.41 -7.84
N GLY A 295 -35.07 -13.33 -7.76
CA GLY A 295 -34.16 -13.38 -6.63
C GLY A 295 -34.83 -13.53 -5.28
N ALA A 296 -35.82 -14.41 -5.18
CA ALA A 296 -36.50 -14.62 -3.91
C ALA A 296 -35.55 -15.21 -2.86
N ALA A 297 -34.82 -16.27 -3.23
CA ALA A 297 -33.88 -16.88 -2.30
C ALA A 297 -32.60 -16.08 -2.18
N LYS A 298 -32.13 -15.51 -3.30
CA LYS A 298 -30.87 -14.76 -3.27
C LYS A 298 -31.05 -13.43 -2.56
N SER A 299 -32.02 -12.62 -2.99
CA SER A 299 -32.20 -11.27 -2.48
C SER A 299 -33.45 -11.07 -1.65
N GLY A 300 -34.54 -11.79 -1.96
CA GLY A 300 -35.78 -11.55 -1.23
C GLY A 300 -35.70 -11.96 0.22
N VAL A 301 -35.18 -13.15 0.50
CA VAL A 301 -35.06 -13.63 1.87
C VAL A 301 -34.13 -12.73 2.68
N GLY A 302 -33.02 -12.32 2.08
CA GLY A 302 -32.08 -11.47 2.79
C GLY A 302 -32.69 -10.14 3.19
N THR A 303 -33.32 -9.45 2.24
CA THR A 303 -33.93 -8.15 2.53
C THR A 303 -35.07 -8.29 3.53
N ALA A 304 -35.84 -9.38 3.43
CA ALA A 304 -36.94 -9.59 4.38
C ALA A 304 -36.42 -9.76 5.79
N LEU A 305 -35.33 -10.52 5.96
CA LEU A 305 -34.72 -10.64 7.28
C LEU A 305 -34.19 -9.30 7.78
N LEU A 306 -33.65 -8.49 6.87
CA LEU A 306 -33.14 -7.18 7.27
C LEU A 306 -34.27 -6.25 7.71
N LEU A 307 -35.38 -6.24 6.98
CA LEU A 307 -36.50 -5.37 7.32
C LEU A 307 -37.07 -5.73 8.69
N LYS A 308 -37.29 -7.01 8.94
CA LYS A 308 -37.90 -7.41 10.21
C LYS A 308 -36.93 -7.37 11.38
N LEU A 309 -35.63 -7.53 11.11
CA LEU A 309 -34.66 -7.34 12.19
C LEU A 309 -34.61 -5.90 12.65
N ALA A 310 -34.76 -4.95 11.71
CA ALA A 310 -34.79 -3.54 12.08
C ALA A 310 -36.08 -3.20 12.82
N GLN A 311 -37.20 -3.83 12.43
CA GLN A 311 -38.46 -3.59 13.12
C GLN A 311 -38.43 -4.15 14.53
N MET A 312 -37.91 -5.37 14.70
CA MET A 312 -37.89 -6.00 16.02
C MET A 312 -36.96 -5.27 16.98
N PHE A 313 -35.77 -4.89 16.50
CA PHE A 313 -34.81 -4.23 17.39
C PHE A 313 -35.24 -2.81 17.72
N SER A 314 -35.85 -2.11 16.76
CA SER A 314 -36.40 -0.78 17.06
C SER A 314 -37.56 -0.88 18.03
N ASP A 315 -38.39 -1.93 17.88
CA ASP A 315 -39.47 -2.14 18.85
C ASP A 315 -38.94 -2.42 20.24
N MET A 316 -37.84 -3.19 20.34
CA MET A 316 -37.31 -3.53 21.65
C MET A 316 -36.72 -2.31 22.36
N VAL A 317 -36.14 -1.37 21.60
CA VAL A 317 -35.51 -0.21 22.23
C VAL A 317 -36.58 0.76 22.71
N LEU A 318 -37.64 0.95 21.94
CA LEU A 318 -38.66 1.94 22.28
C LEU A 318 -39.75 1.37 23.17
N LYS A 319 -40.11 0.10 22.99
CA LYS A 319 -41.25 -0.49 23.70
C LYS A 319 -40.85 -1.42 24.84
N ASP A 320 -39.62 -1.95 24.84
CA ASP A 320 -39.21 -2.94 25.83
C ASP A 320 -38.00 -2.50 26.65
N GLY A 321 -37.54 -1.27 26.50
CA GLY A 321 -36.45 -0.78 27.32
C GLY A 321 -35.10 -1.37 27.01
N PHE A 322 -34.85 -1.68 25.74
CA PHE A 322 -33.53 -2.15 25.33
C PHE A 322 -32.57 -0.98 25.24
N GLN A 323 -31.37 -1.15 25.81
CA GLN A 323 -30.35 -0.10 25.85
C GLN A 323 -29.02 -0.66 25.39
N PRO A 324 -28.79 -0.73 24.09
CA PRO A 324 -27.47 -1.17 23.59
C PRO A 324 -26.42 -0.09 23.80
N SER A 325 -25.21 -0.53 24.18
CA SER A 325 -24.12 0.42 24.37
C SER A 325 -23.65 0.99 23.05
N ARG A 326 -23.38 0.14 22.08
CA ARG A 326 -22.97 0.57 20.75
C ARG A 326 -24.18 0.61 19.81
N SER A 327 -23.99 1.26 18.67
CA SER A 327 -25.07 1.45 17.71
C SER A 327 -25.21 0.24 16.80
N ILE A 328 -26.29 0.23 16.03
CA ILE A 328 -26.59 -0.82 15.07
C ILE A 328 -26.97 -0.16 13.75
N ILE A 329 -26.35 -0.60 12.66
CA ILE A 329 -26.61 -0.07 11.32
C ILE A 329 -27.23 -1.16 10.46
N PHE A 330 -28.37 -0.86 9.86
CA PHE A 330 -29.02 -1.74 8.90
C PHE A 330 -28.81 -1.18 7.50
N ALA A 331 -28.32 -2.02 6.59
CA ALA A 331 -27.94 -1.57 5.25
C ALA A 331 -28.52 -2.51 4.21
N SER A 332 -29.07 -1.92 3.14
CA SER A 332 -29.62 -2.65 2.01
C SER A 332 -28.80 -2.27 0.77
N TRP A 333 -27.81 -3.10 0.44
CA TRP A 333 -26.93 -2.78 -0.68
C TRP A 333 -27.62 -3.07 -2.01
N SER A 334 -27.08 -2.46 -3.06
CA SER A 334 -27.47 -2.73 -4.43
C SER A 334 -26.25 -3.21 -5.21
N ALA A 335 -26.48 -3.59 -6.47
CA ALA A 335 -25.43 -4.07 -7.36
C ALA A 335 -24.66 -5.23 -6.74
N GLY A 336 -25.37 -6.09 -6.01
CA GLY A 336 -24.73 -7.23 -5.38
C GLY A 336 -24.47 -8.38 -6.33
N ASP A 337 -25.24 -8.48 -7.41
CA ASP A 337 -25.04 -9.55 -8.37
C ASP A 337 -23.74 -9.41 -9.15
N PHE A 338 -23.25 -8.17 -9.30
CA PHE A 338 -21.99 -7.96 -10.01
C PHE A 338 -20.76 -8.22 -9.14
N GLY A 339 -20.93 -8.44 -7.84
CA GLY A 339 -19.80 -8.67 -6.96
C GLY A 339 -19.71 -7.69 -5.82
N SER A 340 -20.68 -7.77 -4.91
CA SER A 340 -20.75 -6.94 -3.71
C SER A 340 -20.42 -5.48 -3.98
N VAL A 341 -20.94 -4.93 -5.08
CA VAL A 341 -20.48 -3.62 -5.55
C VAL A 341 -20.99 -2.53 -4.61
N GLY A 342 -22.27 -2.57 -4.25
CA GLY A 342 -22.82 -1.55 -3.38
C GLY A 342 -22.14 -1.50 -2.03
N ALA A 343 -21.78 -2.67 -1.48
CA ALA A 343 -21.12 -2.72 -0.19
C ALA A 343 -19.65 -2.33 -0.29
N THR A 344 -18.99 -2.71 -1.39
CA THR A 344 -17.58 -2.41 -1.54
C THR A 344 -17.34 -0.91 -1.72
N GLU A 345 -18.21 -0.25 -2.49
CA GLU A 345 -18.06 1.19 -2.69
C GLU A 345 -18.30 1.97 -1.39
N TRP A 346 -19.16 1.44 -0.52
CA TRP A 346 -19.34 2.07 0.78
C TRP A 346 -18.08 1.94 1.63
N LEU A 347 -17.48 0.75 1.65
CA LEU A 347 -16.24 0.55 2.40
C LEU A 347 -15.10 1.37 1.81
N GLU A 348 -14.96 1.35 0.47
CA GLU A 348 -13.90 2.12 -0.17
C GLU A 348 -14.10 3.62 -0.04
N GLY A 349 -15.31 4.08 0.26
CA GLY A 349 -15.58 5.50 0.34
C GLY A 349 -15.43 6.07 1.74
N TYR A 350 -15.90 5.34 2.74
CA TYR A 350 -15.90 5.82 4.12
C TYR A 350 -14.95 5.02 5.00
N LEU A 351 -13.85 4.50 4.42
CA LEU A 351 -12.92 3.69 5.19
C LEU A 351 -12.31 4.48 6.34
N SER A 352 -12.05 5.78 6.12
CA SER A 352 -11.47 6.59 7.18
C SER A 352 -12.45 6.82 8.33
N SER A 353 -13.74 6.90 8.03
CA SER A 353 -14.74 7.24 9.04
C SER A 353 -15.22 6.03 9.83
N LEU A 354 -14.82 4.81 9.44
CA LEU A 354 -15.13 3.60 10.21
C LEU A 354 -13.89 2.76 10.45
N HIS A 355 -12.74 3.42 10.63
CA HIS A 355 -11.47 2.70 10.75
C HIS A 355 -11.48 1.73 11.93
N LEU A 356 -11.76 2.24 13.12
CA LEU A 356 -11.83 1.42 14.33
C LEU A 356 -13.13 1.66 15.07
N LYS A 357 -14.21 1.86 14.33
CA LYS A 357 -15.54 2.10 14.88
C LYS A 357 -16.51 0.97 14.56
N ALA A 358 -16.53 0.48 13.33
CA ALA A 358 -17.34 -0.66 12.95
C ALA A 358 -16.56 -1.94 13.25
N PHE A 359 -17.09 -2.76 14.16
CA PHE A 359 -16.35 -3.91 14.66
C PHE A 359 -16.98 -5.25 14.35
N THR A 360 -18.09 -5.29 13.61
CA THR A 360 -18.68 -6.55 13.20
C THR A 360 -19.68 -6.29 12.07
N TYR A 361 -19.67 -7.16 11.06
CA TYR A 361 -20.64 -7.12 9.98
C TYR A 361 -21.35 -8.47 9.91
N ILE A 362 -22.67 -8.43 9.82
CA ILE A 362 -23.50 -9.63 9.70
C ILE A 362 -24.21 -9.59 8.36
N ASN A 363 -24.07 -10.66 7.58
CA ASN A 363 -24.61 -10.74 6.23
C ASN A 363 -25.78 -11.73 6.22
N LEU A 364 -26.96 -11.23 5.89
CA LEU A 364 -28.18 -12.04 5.86
C LEU A 364 -28.48 -12.62 4.49
N ASP A 365 -27.60 -12.41 3.51
CA ASP A 365 -27.88 -12.83 2.15
C ASP A 365 -27.90 -14.35 2.04
N LYS A 366 -28.91 -14.89 1.37
CA LYS A 366 -29.02 -16.32 1.10
C LYS A 366 -29.00 -17.12 2.39
N ALA A 367 -29.67 -16.61 3.42
CA ALA A 367 -29.72 -17.26 4.73
C ALA A 367 -30.69 -18.43 4.77
N VAL A 368 -31.65 -18.51 3.86
CA VAL A 368 -32.62 -19.59 3.81
C VAL A 368 -32.55 -20.22 2.42
N LEU A 369 -32.05 -21.45 2.36
CA LEU A 369 -31.97 -22.18 1.10
C LEU A 369 -32.50 -23.60 1.28
N GLY A 370 -32.36 -24.13 2.48
CA GLY A 370 -32.86 -25.47 2.80
C GLY A 370 -33.15 -25.61 4.28
N THR A 371 -33.10 -26.86 4.75
CA THR A 371 -33.37 -27.17 6.16
C THR A 371 -32.45 -28.23 6.75
N SER A 372 -31.63 -28.92 5.95
CA SER A 372 -30.81 -30.00 6.48
C SER A 372 -29.71 -29.48 7.39
N ASN A 373 -28.79 -28.68 6.85
CA ASN A 373 -27.60 -28.26 7.56
C ASN A 373 -27.68 -26.78 7.91
N PHE A 374 -26.92 -26.40 8.94
CA PHE A 374 -26.71 -25.00 9.30
C PHE A 374 -25.22 -24.74 9.19
N LYS A 375 -24.81 -24.09 8.09
CA LYS A 375 -23.41 -23.82 7.83
C LYS A 375 -23.12 -22.34 8.10
N VAL A 376 -21.87 -22.07 8.51
CA VAL A 376 -21.45 -20.71 8.83
C VAL A 376 -20.01 -20.52 8.37
N SER A 377 -19.73 -19.36 7.79
CA SER A 377 -18.38 -18.94 7.44
C SER A 377 -18.16 -17.55 8.02
N ALA A 378 -17.12 -17.40 8.83
CA ALA A 378 -16.93 -16.17 9.58
C ALA A 378 -15.48 -16.05 10.01
N SER A 379 -15.13 -14.87 10.53
CA SER A 379 -13.83 -14.67 11.12
C SER A 379 -13.74 -15.42 12.45
N PRO A 380 -12.54 -15.88 12.82
CA PRO A 380 -12.40 -16.62 14.09
C PRO A 380 -12.80 -15.81 15.30
N LEU A 381 -12.74 -14.47 15.23
CA LEU A 381 -13.16 -13.65 16.36
C LEU A 381 -14.62 -13.89 16.74
N LEU A 382 -15.44 -14.35 15.79
CA LEU A 382 -16.85 -14.62 16.04
C LEU A 382 -17.14 -16.10 16.25
N TYR A 383 -16.12 -16.95 16.27
CA TYR A 383 -16.35 -18.39 16.44
C TYR A 383 -17.00 -18.68 17.80
N THR A 384 -16.50 -18.05 18.86
CA THR A 384 -17.07 -18.28 20.19
C THR A 384 -18.51 -17.79 20.27
N LEU A 385 -18.79 -16.62 19.69
CA LEU A 385 -20.16 -16.12 19.66
C LEU A 385 -21.07 -17.04 18.87
N ILE A 386 -20.58 -17.57 17.75
CA ILE A 386 -21.38 -18.50 16.96
C ILE A 386 -21.63 -19.78 17.74
N GLU A 387 -20.63 -20.25 18.49
CA GLU A 387 -20.79 -21.46 19.27
C GLU A 387 -21.81 -21.26 20.39
N LYS A 388 -21.75 -20.12 21.08
CA LYS A 388 -22.73 -19.84 22.13
C LYS A 388 -24.14 -19.68 21.56
N THR A 389 -24.26 -19.14 20.35
CA THR A 389 -25.58 -18.97 19.76
C THR A 389 -26.19 -20.32 19.37
N MET A 390 -25.39 -21.23 18.83
CA MET A 390 -25.88 -22.54 18.42
C MET A 390 -26.31 -23.41 19.59
N GLN A 391 -25.96 -23.04 20.83
CA GLN A 391 -26.28 -23.83 21.99
C GLN A 391 -27.63 -23.48 22.62
N ASN A 392 -28.29 -22.42 22.14
CA ASN A 392 -29.60 -22.06 22.65
C ASN A 392 -30.49 -21.51 21.54
N VAL A 393 -30.34 -22.04 20.33
CA VAL A 393 -31.22 -21.74 19.21
C VAL A 393 -31.58 -23.08 18.57
N LYS A 394 -32.87 -23.41 18.58
CA LYS A 394 -33.31 -24.74 18.17
C LYS A 394 -33.58 -24.80 16.68
N HIS A 395 -33.25 -25.95 16.09
CA HIS A 395 -33.50 -26.15 14.67
C HIS A 395 -34.99 -26.07 14.39
N PRO A 396 -35.41 -25.45 13.28
CA PRO A 396 -36.85 -25.35 13.01
C PRO A 396 -37.54 -26.69 12.85
N VAL A 397 -36.86 -27.65 12.22
CA VAL A 397 -37.44 -28.96 11.95
C VAL A 397 -37.10 -29.92 13.09
N THR A 398 -35.80 -30.10 13.36
CA THR A 398 -35.37 -31.09 14.33
C THR A 398 -35.84 -30.76 15.74
N GLY A 399 -35.91 -29.47 16.08
CA GLY A 399 -36.21 -29.05 17.43
C GLY A 399 -35.07 -29.16 18.41
N GLN A 400 -33.99 -29.85 18.04
CA GLN A 400 -32.80 -29.91 18.86
C GLN A 400 -31.94 -28.67 18.66
N PHE A 401 -31.01 -28.45 19.59
CA PHE A 401 -30.13 -27.30 19.50
C PHE A 401 -29.23 -27.42 18.27
N LEU A 402 -28.82 -26.26 17.74
CA LEU A 402 -27.95 -26.26 16.56
C LEU A 402 -26.57 -26.83 16.88
N TYR A 403 -26.08 -26.62 18.10
CA TYR A 403 -24.77 -27.12 18.50
C TYR A 403 -24.83 -28.63 18.67
N GLN A 404 -24.37 -29.37 17.67
CA GLN A 404 -24.29 -30.82 17.73
C GLN A 404 -22.91 -31.38 17.45
N ASP A 405 -22.05 -30.64 16.74
CA ASP A 405 -20.68 -31.06 16.47
C ASP A 405 -19.74 -30.21 17.33
N SER A 406 -18.99 -30.88 18.20
CA SER A 406 -18.02 -30.18 19.03
C SER A 406 -16.79 -29.74 18.24
N ASN A 407 -16.49 -30.42 17.14
CA ASN A 407 -15.41 -30.04 16.24
C ASN A 407 -15.92 -29.24 15.05
N TRP A 408 -16.91 -28.38 15.27
CA TRP A 408 -17.51 -27.64 14.16
C TRP A 408 -16.57 -26.56 13.63
N ALA A 409 -15.78 -25.94 14.51
CA ALA A 409 -14.94 -24.83 14.10
C ALA A 409 -13.79 -25.29 13.21
N SER A 410 -13.32 -26.53 13.41
CA SER A 410 -12.25 -27.07 12.57
C SER A 410 -12.73 -27.42 11.17
N LYS A 411 -14.04 -27.44 10.93
CA LYS A 411 -14.61 -27.77 9.63
C LYS A 411 -15.15 -26.55 8.91
N VAL A 412 -14.97 -25.35 9.45
CA VAL A 412 -15.49 -24.14 8.83
C VAL A 412 -14.64 -23.78 7.61
N GLU A 413 -15.30 -23.36 6.54
CA GLU A 413 -14.64 -22.88 5.35
C GLU A 413 -14.60 -21.36 5.34
N LYS A 414 -13.57 -20.80 4.72
CA LYS A 414 -13.39 -19.36 4.72
C LYS A 414 -14.33 -18.69 3.71
N LEU A 415 -14.56 -17.40 3.93
CA LEU A 415 -15.46 -16.64 3.07
C LEU A 415 -14.93 -16.55 1.65
N THR A 416 -15.82 -16.67 0.69
CA THR A 416 -15.46 -16.68 -0.72
C THR A 416 -15.72 -15.32 -1.36
N LEU A 417 -15.25 -15.17 -2.61
CA LEU A 417 -15.32 -13.89 -3.28
C LEU A 417 -16.75 -13.43 -3.53
N ASP A 418 -17.67 -14.36 -3.77
CA ASP A 418 -19.05 -14.02 -4.08
C ASP A 418 -19.85 -13.60 -2.85
N ASN A 419 -19.29 -13.72 -1.65
CA ASN A 419 -20.00 -13.40 -0.42
C ASN A 419 -19.86 -11.91 -0.10
N ALA A 420 -20.97 -11.26 0.21
CA ALA A 420 -20.94 -9.84 0.53
C ALA A 420 -20.19 -9.53 1.81
N ALA A 421 -20.02 -10.52 2.69
CA ALA A 421 -19.24 -10.33 3.91
C ALA A 421 -17.74 -10.47 3.68
N PHE A 422 -17.32 -10.91 2.49
CA PHE A 422 -15.89 -11.06 2.23
C PHE A 422 -15.14 -9.74 2.21
N PRO A 423 -15.60 -8.70 1.48
CA PRO A 423 -14.83 -7.44 1.49
C PRO A 423 -14.78 -6.77 2.84
N PHE A 424 -15.80 -6.97 3.69
CA PHE A 424 -15.75 -6.41 5.04
C PHE A 424 -14.58 -6.97 5.83
N LEU A 425 -14.30 -8.27 5.69
CA LEU A 425 -13.25 -8.91 6.45
C LEU A 425 -11.88 -8.82 5.80
N ALA A 426 -11.80 -9.02 4.48
CA ALA A 426 -10.51 -9.10 3.81
C ALA A 426 -9.94 -7.75 3.44
N TYR A 427 -10.77 -6.71 3.35
CA TYR A 427 -10.32 -5.39 2.94
C TYR A 427 -10.37 -4.36 4.06
N SER A 428 -11.48 -4.29 4.81
CA SER A 428 -11.64 -3.29 5.85
C SER A 428 -11.21 -3.77 7.22
N GLY A 429 -10.88 -5.05 7.38
CA GLY A 429 -10.49 -5.56 8.68
C GLY A 429 -11.60 -5.59 9.69
N ILE A 430 -12.84 -5.75 9.24
CA ILE A 430 -14.01 -5.82 10.11
C ILE A 430 -14.44 -7.29 10.21
N PRO A 431 -14.54 -7.86 11.40
CA PRO A 431 -15.00 -9.25 11.51
C PRO A 431 -16.39 -9.41 10.92
N ALA A 432 -16.56 -10.46 10.12
CA ALA A 432 -17.80 -10.70 9.38
C ALA A 432 -18.27 -12.13 9.61
N VAL A 433 -19.57 -12.34 9.37
CA VAL A 433 -20.19 -13.65 9.54
C VAL A 433 -21.26 -13.81 8.46
N SER A 434 -21.27 -14.97 7.81
CA SER A 434 -22.34 -15.36 6.90
C SER A 434 -22.84 -16.75 7.29
N PHE A 435 -24.15 -16.91 7.38
CA PHE A 435 -24.76 -18.15 7.83
C PHE A 435 -25.99 -18.44 6.99
N CYS A 436 -26.39 -19.71 6.96
CA CYS A 436 -27.54 -20.12 6.16
C CYS A 436 -28.00 -21.50 6.59
N PHE A 437 -29.32 -21.73 6.47
CA PHE A 437 -29.89 -23.06 6.54
C PHE A 437 -30.00 -23.60 5.11
N CYS A 438 -29.22 -24.62 4.78
CA CYS A 438 -29.13 -25.10 3.41
C CYS A 438 -28.94 -26.61 3.42
N GLU A 439 -28.93 -27.19 2.21
CA GLU A 439 -28.66 -28.60 2.00
C GLU A 439 -27.30 -28.78 1.34
N ASP A 440 -26.86 -30.04 1.28
CA ASP A 440 -25.55 -30.37 0.72
C ASP A 440 -25.44 -30.06 -0.77
N THR A 441 -26.54 -29.71 -1.42
CA THR A 441 -26.54 -29.36 -2.83
C THR A 441 -26.97 -27.91 -2.99
N ASP A 442 -26.45 -27.26 -4.03
CA ASP A 442 -26.74 -25.85 -4.26
C ASP A 442 -28.21 -25.65 -4.62
N TYR A 443 -28.78 -24.55 -4.14
CA TYR A 443 -30.14 -24.14 -4.53
C TYR A 443 -30.16 -23.96 -6.04
N PRO A 444 -30.90 -24.81 -6.76
CA PRO A 444 -30.71 -24.88 -8.22
C PRO A 444 -31.16 -23.64 -8.96
N TYR A 445 -32.15 -22.92 -8.47
CA TYR A 445 -32.77 -21.82 -9.20
C TYR A 445 -32.08 -20.48 -8.94
N LEU A 446 -30.96 -20.47 -8.23
CA LEU A 446 -30.24 -19.22 -8.00
C LEU A 446 -29.70 -18.66 -9.31
N GLY A 447 -29.87 -17.36 -9.50
CA GLY A 447 -29.42 -16.71 -10.71
C GLY A 447 -30.24 -17.01 -11.95
N THR A 448 -31.42 -17.57 -11.80
CA THR A 448 -32.30 -17.90 -12.92
C THR A 448 -33.61 -17.14 -12.78
N THR A 449 -34.45 -17.26 -13.81
CA THR A 449 -35.79 -16.67 -13.77
C THR A 449 -36.77 -17.48 -12.93
N MET A 450 -36.35 -18.63 -12.40
CA MET A 450 -37.20 -19.47 -11.57
C MET A 450 -36.92 -19.30 -10.08
N ASP A 451 -36.14 -18.29 -9.70
CA ASP A 451 -35.90 -17.98 -8.29
C ASP A 451 -37.06 -17.16 -7.74
N THR A 452 -38.25 -17.72 -7.87
CA THR A 452 -39.49 -17.08 -7.44
C THR A 452 -39.88 -17.56 -6.04
N TYR A 453 -40.84 -16.84 -5.46
CA TYR A 453 -41.39 -17.27 -4.17
C TYR A 453 -42.12 -18.61 -4.30
N LYS A 454 -42.81 -18.83 -5.43
CA LYS A 454 -43.52 -20.09 -5.62
C LYS A 454 -42.57 -21.29 -5.51
N GLU A 455 -41.40 -21.20 -6.15
CA GLU A 455 -40.44 -22.31 -6.07
C GLU A 455 -39.78 -22.39 -4.71
N LEU A 456 -39.71 -21.28 -3.98
CA LEU A 456 -39.05 -21.27 -2.69
C LEU A 456 -39.94 -21.87 -1.60
N ILE A 457 -41.24 -21.55 -1.62
CA ILE A 457 -42.14 -22.09 -0.61
C ILE A 457 -42.46 -23.56 -0.89
N GLU A 458 -42.44 -23.97 -2.16
CA GLU A 458 -42.67 -25.38 -2.48
C GLU A 458 -41.51 -26.26 -2.01
N ARG A 459 -40.28 -25.74 -2.06
CA ARG A 459 -39.14 -26.50 -1.59
C ARG A 459 -38.98 -26.43 -0.07
N ILE A 460 -39.36 -25.30 0.53
CA ILE A 460 -39.28 -25.14 1.98
C ILE A 460 -40.68 -24.86 2.51
N PRO A 461 -41.46 -25.89 2.85
CA PRO A 461 -42.82 -25.63 3.35
C PRO A 461 -42.85 -24.86 4.65
N GLU A 462 -41.89 -25.13 5.54
CA GLU A 462 -41.76 -24.42 6.81
C GLU A 462 -40.93 -23.15 6.66
N LEU A 463 -41.15 -22.40 5.57
CA LEU A 463 -40.30 -21.23 5.28
C LEU A 463 -40.37 -20.20 6.40
N ASN A 464 -41.54 -20.04 7.02
CA ASN A 464 -41.68 -19.05 8.09
C ASN A 464 -40.91 -19.47 9.32
N LYS A 465 -41.01 -20.75 9.71
CA LYS A 465 -40.28 -21.23 10.87
C LYS A 465 -38.77 -21.27 10.61
N VAL A 466 -38.38 -21.50 9.36
CA VAL A 466 -36.95 -21.50 9.03
C VAL A 466 -36.41 -20.07 8.99
N ALA A 467 -37.15 -19.15 8.36
CA ALA A 467 -36.75 -17.76 8.35
C ALA A 467 -36.77 -17.14 9.74
N ARG A 468 -37.57 -17.69 10.66
CA ARG A 468 -37.58 -17.20 12.03
C ARG A 468 -36.29 -17.57 12.76
N ALA A 469 -35.80 -18.80 12.55
CA ALA A 469 -34.56 -19.21 13.19
C ALA A 469 -33.37 -18.45 12.62
N ALA A 470 -33.40 -18.15 11.33
CA ALA A 470 -32.34 -17.32 10.74
C ALA A 470 -32.32 -15.94 11.38
N ALA A 471 -33.49 -15.39 11.69
CA ALA A 471 -33.53 -14.11 12.40
C ALA A 471 -33.12 -14.27 13.86
N GLU A 472 -33.43 -15.41 14.47
CA GLU A 472 -33.02 -15.63 15.85
C GLU A 472 -31.51 -15.75 15.97
N VAL A 473 -30.86 -16.37 14.99
CA VAL A 473 -29.40 -16.45 14.98
C VAL A 473 -28.79 -15.06 14.81
N ALA A 474 -29.25 -14.32 13.79
CA ALA A 474 -28.75 -12.97 13.58
C ALA A 474 -29.18 -12.04 14.69
N GLY A 475 -30.34 -12.27 15.29
CA GLY A 475 -30.78 -11.42 16.39
C GLY A 475 -29.92 -11.58 17.62
N GLN A 476 -29.60 -12.83 17.99
CA GLN A 476 -28.71 -13.06 19.12
C GLN A 476 -27.31 -12.54 18.86
N PHE A 477 -26.86 -12.56 17.60
CA PHE A 477 -25.58 -11.95 17.25
C PHE A 477 -25.56 -10.47 17.61
N VAL A 478 -26.61 -9.74 17.23
CA VAL A 478 -26.62 -8.30 17.46
C VAL A 478 -26.68 -7.97 18.95
N ILE A 479 -27.50 -8.72 19.71
CA ILE A 479 -27.67 -8.42 21.12
C ILE A 479 -26.37 -8.66 21.88
N LYS A 480 -25.69 -9.78 21.61
CA LYS A 480 -24.46 -10.10 22.33
C LYS A 480 -23.36 -9.07 22.07
N LEU A 481 -23.38 -8.44 20.91
CA LEU A 481 -22.33 -7.50 20.51
C LEU A 481 -22.60 -6.06 20.95
N THR A 482 -23.80 -5.76 21.46
CA THR A 482 -24.18 -4.37 21.68
C THR A 482 -24.70 -4.05 23.07
N HIS A 483 -25.13 -5.04 23.86
CA HIS A 483 -25.78 -4.72 25.12
C HIS A 483 -24.81 -4.70 26.30
N ASP A 484 -23.81 -5.57 26.30
CA ASP A 484 -22.88 -5.66 27.41
C ASP A 484 -21.70 -4.70 27.19
N VAL A 485 -21.08 -4.31 28.31
CA VAL A 485 -19.87 -3.48 28.24
C VAL A 485 -18.68 -4.23 27.68
N GLU A 486 -18.75 -5.55 27.60
CA GLU A 486 -17.69 -6.36 27.02
C GLU A 486 -18.08 -6.82 25.61
N LEU A 487 -17.12 -6.78 24.70
CA LEU A 487 -17.33 -7.28 23.35
C LEU A 487 -17.21 -8.79 23.35
N ASN A 488 -18.19 -9.46 22.75
CA ASN A 488 -18.19 -10.92 22.68
C ASN A 488 -17.23 -11.44 21.62
N LEU A 489 -16.36 -10.60 21.08
CA LEU A 489 -15.32 -11.04 20.16
C LEU A 489 -14.24 -11.78 20.92
N ASP A 490 -13.90 -12.98 20.43
CA ASP A 490 -12.93 -13.85 21.09
C ASP A 490 -11.62 -13.79 20.31
N TYR A 491 -10.66 -13.04 20.83
CA TYR A 491 -9.35 -12.93 20.21
C TYR A 491 -8.51 -14.19 20.37
N GLU A 492 -8.83 -15.02 21.38
CA GLU A 492 -8.07 -16.25 21.61
C GLU A 492 -8.25 -17.26 20.50
N ARG A 493 -9.27 -17.11 19.66
CA ARG A 493 -9.53 -18.06 18.59
C ARG A 493 -8.44 -18.06 17.52
N TYR A 494 -7.62 -17.01 17.46
CA TYR A 494 -6.55 -16.95 16.48
C TYR A 494 -5.31 -17.73 16.89
N ASN A 495 -5.24 -18.17 18.15
CA ASN A 495 -4.12 -19.02 18.56
C ASN A 495 -4.15 -20.35 17.83
N SER A 496 -5.35 -20.93 17.63
CA SER A 496 -5.47 -22.16 16.86
C SER A 496 -5.17 -21.91 15.39
N GLN A 497 -5.60 -20.76 14.86
CA GLN A 497 -5.33 -20.44 13.47
C GLN A 497 -3.84 -20.24 13.23
N LEU A 498 -3.16 -19.53 14.14
CA LEU A 498 -1.72 -19.34 14.00
C LEU A 498 -0.96 -20.65 14.21
N LEU A 499 -1.35 -21.42 15.22
CA LEU A 499 -0.69 -22.69 15.49
C LEU A 499 -0.86 -23.65 14.31
N SER A 500 -2.03 -23.63 13.67
CA SER A 500 -2.23 -24.46 12.49
C SER A 500 -1.34 -24.01 11.33
N PHE A 501 -1.08 -22.71 11.21
CA PHE A 501 -0.21 -22.22 10.15
C PHE A 501 1.25 -22.59 10.42
N VAL A 502 1.71 -22.47 11.66
CA VAL A 502 3.10 -22.79 11.97
C VAL A 502 3.34 -24.30 11.84
N ARG A 503 2.38 -25.10 12.31
CA ARG A 503 2.50 -26.56 12.16
C ARG A 503 2.50 -26.96 10.70
N ASP A 504 1.58 -26.38 9.91
CA ASP A 504 1.52 -26.69 8.48
C ASP A 504 2.81 -26.29 7.78
N LEU A 505 3.39 -25.16 8.18
CA LEU A 505 4.64 -24.72 7.56
C LEU A 505 5.83 -25.56 8.04
N ASN A 506 5.76 -26.08 9.26
CA ASN A 506 6.84 -26.90 9.79
C ASN A 506 6.99 -28.24 9.07
N GLN A 507 5.96 -28.71 8.36
CA GLN A 507 6.10 -29.95 7.62
C GLN A 507 7.12 -29.82 6.49
N TYR A 508 7.40 -28.60 6.04
CA TYR A 508 8.41 -28.35 5.01
C TYR A 508 9.69 -27.79 5.62
N ARG A 509 9.96 -28.14 6.89
CA ARG A 509 11.17 -27.67 7.56
C ARG A 509 12.43 -28.18 6.87
N ALA A 510 12.33 -29.30 6.15
CA ALA A 510 13.50 -29.80 5.42
C ALA A 510 13.90 -28.84 4.31
N ASP A 511 12.93 -28.31 3.57
CA ASP A 511 13.25 -27.33 2.53
C ASP A 511 13.78 -26.04 3.15
N ILE A 512 13.28 -25.68 4.32
CA ILE A 512 13.69 -24.44 4.98
C ILE A 512 15.14 -24.54 5.45
N LYS A 513 15.53 -25.69 6.01
CA LYS A 513 16.89 -25.83 6.50
C LYS A 513 17.91 -25.76 5.38
N GLU A 514 17.59 -26.29 4.21
CA GLU A 514 18.56 -26.30 3.11
C GLU A 514 18.67 -24.94 2.43
N MET A 515 17.72 -24.04 2.65
CA MET A 515 17.85 -22.66 2.19
C MET A 515 18.49 -21.76 3.24
N GLY A 516 19.02 -22.33 4.31
CA GLY A 516 19.66 -21.53 5.35
C GLY A 516 18.70 -20.69 6.15
N LEU A 517 17.44 -21.12 6.27
CA LEU A 517 16.42 -20.39 7.00
C LEU A 517 15.98 -21.18 8.23
N SER A 518 15.17 -20.53 9.06
CA SER A 518 14.71 -21.13 10.31
C SER A 518 13.31 -20.61 10.63
N LEU A 519 12.45 -21.50 11.10
CA LEU A 519 11.11 -21.14 11.55
C LEU A 519 11.07 -20.71 13.00
N GLN A 520 12.22 -20.52 13.64
CA GLN A 520 12.25 -20.26 15.08
C GLN A 520 11.62 -18.92 15.43
N TRP A 521 11.73 -17.93 14.53
CA TRP A 521 11.13 -16.63 14.80
C TRP A 521 9.62 -16.63 14.53
N LEU A 522 9.16 -17.51 13.64
CA LEU A 522 7.70 -17.63 13.45
C LEU A 522 7.06 -18.35 14.62
N TYR A 523 7.73 -19.35 15.20
CA TYR A 523 7.29 -19.88 16.48
C TYR A 523 7.31 -18.82 17.57
N SER A 524 8.35 -17.98 17.58
CA SER A 524 8.42 -16.91 18.56
C SER A 524 7.24 -15.97 18.43
N ALA A 525 6.81 -15.70 17.20
CA ALA A 525 5.66 -14.82 16.99
C ALA A 525 4.37 -15.49 17.46
N ARG A 526 4.21 -16.79 17.18
CA ARG A 526 3.02 -17.50 17.62
C ARG A 526 2.92 -17.54 19.14
N GLY A 527 4.05 -17.73 19.82
CA GLY A 527 4.05 -17.74 21.27
C GLY A 527 3.85 -16.35 21.85
N ASP A 528 4.46 -15.34 21.22
CA ASP A 528 4.28 -13.97 21.69
C ASP A 528 2.83 -13.51 21.52
N PHE A 529 2.15 -13.99 20.47
CA PHE A 529 0.74 -13.67 20.31
C PHE A 529 -0.13 -14.45 21.30
N PHE A 530 0.23 -15.71 21.58
CA PHE A 530 -0.52 -16.49 22.55
C PHE A 530 -0.45 -15.88 23.93
N ARG A 531 0.73 -15.46 24.35
CA ARG A 531 0.87 -14.83 25.67
C ARG A 531 0.19 -13.46 25.72
N ALA A 532 0.13 -12.76 24.58
CA ALA A 532 -0.58 -11.49 24.55
C ALA A 532 -2.07 -11.67 24.74
N THR A 533 -2.64 -12.74 24.17
CA THR A 533 -4.06 -13.03 24.38
C THR A 533 -4.33 -13.53 25.78
N SER A 534 -3.41 -14.29 26.36
CA SER A 534 -3.57 -14.73 27.74
C SER A 534 -3.46 -13.56 28.71
N ARG A 535 -2.57 -12.61 28.42
CA ARG A 535 -2.43 -11.43 29.26
C ARG A 535 -3.68 -10.55 29.17
N LEU A 536 -4.30 -10.49 27.99
CA LEU A 536 -5.49 -9.66 27.83
C LEU A 536 -6.68 -10.28 28.55
N THR A 537 -6.79 -11.60 28.56
CA THR A 537 -7.84 -12.25 29.33
C THR A 537 -7.64 -12.03 30.83
N THR A 538 -6.38 -12.07 31.28
CA THR A 538 -6.08 -11.75 32.67
C THR A 538 -6.45 -10.31 32.99
N ASP A 539 -6.07 -9.37 32.11
CA ASP A 539 -6.43 -7.97 32.32
C ASP A 539 -7.93 -7.78 32.33
N PHE A 540 -8.66 -8.51 31.47
CA PHE A 540 -10.11 -8.45 31.50
C PHE A 540 -10.67 -9.08 32.77
N GLY A 541 -9.99 -10.09 33.31
CA GLY A 541 -10.47 -10.72 34.54
C GLY A 541 -10.37 -9.80 35.74
N ASN A 542 -9.19 -9.23 35.96
CA ASN A 542 -8.97 -8.30 37.08
C ASN A 542 -9.58 -6.93 36.84
N ALA A 543 -10.25 -6.72 35.71
CA ALA A 543 -10.78 -5.40 35.38
C ALA A 543 -12.06 -5.10 36.13
N GLU A 544 -12.18 -3.87 36.62
CA GLU A 544 -13.42 -3.38 37.20
C GLU A 544 -14.37 -3.06 36.05
N LYS A 545 -15.35 -3.95 35.82
CA LYS A 545 -16.24 -3.82 34.68
C LYS A 545 -17.00 -2.51 34.65
N THR A 546 -17.18 -1.86 35.80
CA THR A 546 -17.89 -0.58 35.83
C THR A 546 -16.99 0.60 35.47
N ASP A 547 -15.67 0.43 35.57
CA ASP A 547 -14.74 1.50 35.21
C ASP A 547 -14.72 1.63 33.70
N ARG A 548 -15.40 2.66 33.17
CA ARG A 548 -15.51 2.83 31.73
C ARG A 548 -14.16 3.13 31.08
N PHE A 549 -13.24 3.74 31.82
CA PHE A 549 -11.95 4.10 31.23
C PHE A 549 -11.10 2.87 30.97
N VAL A 550 -10.99 1.98 31.97
CA VAL A 550 -10.18 0.78 31.80
C VAL A 550 -10.82 -0.19 30.80
N MET A 551 -12.16 -0.20 30.73
CA MET A 551 -12.85 -1.13 29.82
C MET A 551 -12.62 -0.75 28.36
N LYS A 552 -12.82 0.52 28.03
CA LYS A 552 -12.61 0.95 26.65
C LYS A 552 -11.13 1.02 26.29
N LYS A 553 -10.25 1.09 27.28
CA LYS A 553 -8.82 0.89 27.02
C LYS A 553 -8.56 -0.53 26.56
N LEU A 554 -9.25 -1.51 27.14
CA LEU A 554 -9.09 -2.91 26.75
C LEU A 554 -9.91 -3.23 25.50
N ASN A 555 -11.09 -2.64 25.37
CA ASN A 555 -11.91 -2.88 24.18
C ASN A 555 -11.27 -2.30 22.92
N ASP A 556 -10.57 -1.17 23.04
CA ASP A 556 -9.87 -0.62 21.88
C ASP A 556 -8.75 -1.54 21.41
N ARG A 557 -8.18 -2.32 22.33
CA ARG A 557 -7.18 -3.31 21.94
C ARG A 557 -7.80 -4.51 21.25
N VAL A 558 -9.06 -4.83 21.58
CA VAL A 558 -9.74 -5.94 20.93
C VAL A 558 -10.17 -5.56 19.52
N MET A 559 -10.70 -4.36 19.34
CA MET A 559 -11.14 -3.92 18.01
C MET A 559 -9.98 -3.71 17.05
N ARG A 560 -8.74 -3.70 17.54
CA ARG A 560 -7.56 -3.62 16.69
C ARG A 560 -7.03 -4.98 16.29
N VAL A 561 -7.57 -6.07 16.86
CA VAL A 561 -7.03 -7.40 16.59
C VAL A 561 -7.20 -7.76 15.12
N GLU A 562 -8.40 -7.57 14.57
CA GLU A 562 -8.64 -7.89 13.17
C GLU A 562 -7.90 -6.94 12.24
N TYR A 563 -7.74 -5.68 12.63
CA TYR A 563 -7.08 -4.70 11.77
C TYR A 563 -5.60 -5.02 11.60
N HIS A 564 -4.93 -5.43 12.68
CA HIS A 564 -3.49 -5.68 12.64
C HIS A 564 -3.12 -6.91 11.83
N PHE A 565 -4.08 -7.63 11.25
CA PHE A 565 -3.80 -8.74 10.37
C PHE A 565 -3.85 -8.36 8.90
N LEU A 566 -4.26 -7.13 8.58
CA LEU A 566 -4.12 -6.62 7.22
C LEU A 566 -2.66 -6.32 6.92
N SER A 567 -2.19 -6.77 5.77
CA SER A 567 -0.78 -6.64 5.41
C SER A 567 -0.39 -5.17 5.31
N PRO A 568 0.55 -4.69 6.13
CA PRO A 568 0.95 -3.28 6.07
C PRO A 568 1.91 -2.94 4.94
N TYR A 569 2.28 -3.91 4.09
CA TYR A 569 3.31 -3.70 3.09
C TYR A 569 2.78 -3.77 1.66
N VAL A 570 1.48 -3.78 1.46
CA VAL A 570 0.89 -3.91 0.13
C VAL A 570 -0.01 -2.72 -0.14
N SER A 571 -0.16 -2.40 -1.43
CA SER A 571 -0.99 -1.28 -1.85
C SER A 571 -2.46 -1.66 -1.79
N PRO A 572 -3.26 -1.01 -0.94
CA PRO A 572 -4.70 -1.35 -0.88
C PRO A 572 -5.46 -1.06 -2.16
N LYS A 573 -4.88 -0.31 -3.10
CA LYS A 573 -5.57 -0.03 -4.36
C LYS A 573 -5.43 -1.20 -5.33
N GLU A 574 -4.21 -1.71 -5.51
CA GLU A 574 -3.96 -2.79 -6.45
C GLU A 574 -4.00 -4.17 -5.81
N SER A 575 -4.08 -4.24 -4.48
CA SER A 575 -4.26 -5.49 -3.75
C SER A 575 -5.12 -5.20 -2.53
N PRO A 576 -6.44 -5.06 -2.71
CA PRO A 576 -7.29 -4.59 -1.62
C PRO A 576 -7.57 -5.65 -0.55
N PHE A 577 -7.49 -6.94 -0.88
CA PHE A 577 -7.77 -8.00 0.08
C PHE A 577 -6.49 -8.27 0.86
N ARG A 578 -6.23 -7.40 1.84
CA ARG A 578 -4.94 -7.37 2.52
C ARG A 578 -4.84 -8.38 3.66
N HIS A 579 -5.96 -8.90 4.15
CA HIS A 579 -5.93 -9.80 5.30
C HIS A 579 -5.07 -11.02 5.00
N VAL A 580 -4.01 -11.20 5.80
CA VAL A 580 -3.05 -12.28 5.56
C VAL A 580 -3.69 -13.65 5.75
N PHE A 581 -4.82 -13.73 6.44
CA PHE A 581 -5.51 -14.99 6.65
C PHE A 581 -6.56 -15.26 5.58
N TRP A 582 -7.37 -14.25 5.24
CA TRP A 582 -8.56 -14.46 4.43
C TRP A 582 -8.57 -13.68 3.13
N GLY A 583 -7.52 -12.92 2.83
CA GLY A 583 -7.45 -12.14 1.61
C GLY A 583 -6.88 -12.93 0.45
N SER A 584 -6.65 -12.22 -0.65
CA SER A 584 -6.06 -12.79 -1.85
C SER A 584 -4.79 -12.03 -2.21
N GLY A 585 -3.80 -12.76 -2.71
CA GLY A 585 -2.53 -12.18 -3.11
C GLY A 585 -1.36 -12.92 -2.51
N SER A 586 -0.17 -12.55 -2.99
CA SER A 586 1.07 -13.16 -2.53
C SER A 586 1.41 -12.83 -1.08
N HIS A 587 0.71 -11.86 -0.48
CA HIS A 587 0.98 -11.49 0.91
C HIS A 587 0.27 -12.37 1.92
N THR A 588 -0.68 -13.19 1.49
CA THR A 588 -1.43 -14.02 2.41
C THR A 588 -0.60 -15.21 2.89
N LEU A 589 -0.93 -15.71 4.06
CA LEU A 589 -0.25 -16.90 4.59
C LEU A 589 -0.45 -18.14 3.71
N PRO A 590 -1.65 -18.41 3.17
CA PRO A 590 -1.75 -19.54 2.22
C PRO A 590 -0.86 -19.40 1.01
N ALA A 591 -0.64 -18.17 0.52
CA ALA A 591 0.25 -17.98 -0.62
C ALA A 591 1.68 -18.37 -0.27
N LEU A 592 2.10 -18.14 0.97
CA LEU A 592 3.42 -18.58 1.41
C LEU A 592 3.54 -20.10 1.33
N LEU A 593 2.48 -20.83 1.68
CA LEU A 593 2.54 -22.28 1.66
C LEU A 593 2.56 -22.82 0.23
N GLU A 594 1.74 -22.25 -0.65
CA GLU A 594 1.68 -22.73 -2.03
C GLU A 594 3.04 -22.58 -2.72
N ASN A 595 3.75 -21.49 -2.43
CA ASN A 595 5.07 -21.29 -3.04
C ASN A 595 6.08 -22.31 -2.54
N LEU A 596 6.16 -22.49 -1.22
CA LEU A 596 7.14 -23.43 -0.67
C LEU A 596 6.89 -24.86 -1.11
N LYS A 597 5.62 -25.21 -1.39
CA LYS A 597 5.32 -26.55 -1.90
C LYS A 597 5.95 -26.79 -3.27
N LEU A 598 6.22 -25.72 -4.03
CA LEU A 598 6.78 -25.82 -5.36
C LEU A 598 8.29 -25.99 -5.38
N ARG A 599 8.95 -26.10 -4.22
CA ARG A 599 10.40 -26.22 -4.21
C ARG A 599 10.88 -27.65 -4.36
N LYS A 600 10.14 -28.62 -3.81
CA LYS A 600 10.55 -30.01 -3.89
C LYS A 600 10.63 -30.51 -5.32
N GLN A 601 9.80 -29.98 -6.22
CA GLN A 601 9.96 -30.24 -7.64
C GLN A 601 11.13 -29.42 -8.19
N ASN A 602 12.00 -30.08 -8.97
CA ASN A 602 13.22 -29.42 -9.44
C ASN A 602 12.97 -28.25 -10.36
N ASN A 603 11.78 -28.17 -10.97
CA ASN A 603 11.49 -27.09 -11.91
C ASN A 603 11.51 -25.73 -11.21
N GLY A 604 11.63 -24.68 -12.02
CA GLY A 604 11.75 -23.34 -11.50
C GLY A 604 10.43 -22.64 -11.23
N ALA A 605 9.38 -23.40 -10.92
CA ALA A 605 8.13 -22.78 -10.49
C ALA A 605 8.31 -22.09 -9.15
N PHE A 606 9.25 -22.56 -8.35
CA PHE A 606 9.62 -21.89 -7.11
C PHE A 606 10.38 -20.61 -7.43
N ASN A 607 10.21 -19.60 -6.59
CA ASN A 607 10.83 -18.30 -6.81
C ASN A 607 11.93 -17.99 -5.80
N GLU A 608 11.85 -18.55 -4.60
CA GLU A 608 12.84 -18.35 -3.54
C GLU A 608 13.00 -16.89 -3.13
N THR A 609 13.41 -16.03 -4.06
CA THR A 609 13.59 -14.62 -3.72
C THR A 609 12.27 -14.00 -3.29
N LEU A 610 11.16 -14.47 -3.86
CA LEU A 610 9.85 -14.05 -3.39
C LEU A 610 9.52 -14.69 -2.04
N PHE A 611 9.81 -15.98 -1.90
CA PHE A 611 9.49 -16.69 -0.65
C PHE A 611 10.21 -16.08 0.54
N ARG A 612 11.50 -15.76 0.38
CA ARG A 612 12.24 -15.14 1.47
C ARG A 612 11.61 -13.82 1.89
N ASN A 613 11.08 -13.07 0.92
CA ASN A 613 10.37 -11.84 1.26
C ASN A 613 8.99 -12.13 1.85
N GLN A 614 8.30 -13.15 1.32
CA GLN A 614 7.02 -13.56 1.90
C GLN A 614 7.17 -13.98 3.35
N LEU A 615 8.17 -14.84 3.63
CA LEU A 615 8.40 -15.28 4.99
C LEU A 615 8.79 -14.14 5.90
N ALA A 616 9.52 -13.14 5.39
CA ALA A 616 9.94 -12.02 6.21
C ALA A 616 8.75 -11.16 6.62
N LEU A 617 7.93 -10.75 5.66
CA LEU A 617 6.82 -9.84 5.96
C LEU A 617 5.72 -10.56 6.74
N ALA A 618 5.49 -11.84 6.44
CA ALA A 618 4.48 -12.59 7.18
C ALA A 618 4.92 -12.82 8.63
N THR A 619 6.22 -13.04 8.84
CA THR A 619 6.72 -13.21 10.21
C THR A 619 6.50 -11.96 11.04
N TRP A 620 6.79 -10.78 10.47
CA TRP A 620 6.67 -9.56 11.24
C TRP A 620 5.23 -9.07 11.35
N THR A 621 4.39 -9.38 10.35
CA THR A 621 2.98 -9.06 10.46
C THR A 621 2.35 -9.76 11.67
N ILE A 622 2.74 -11.00 11.91
CA ILE A 622 2.27 -11.72 13.10
C ILE A 622 2.94 -11.15 14.35
N GLN A 623 4.26 -10.97 14.30
CA GLN A 623 4.98 -10.43 15.45
C GLN A 623 4.52 -9.01 15.78
N GLY A 624 4.20 -8.22 14.75
CA GLY A 624 3.73 -6.87 14.99
C GLY A 624 2.37 -6.84 15.66
N ALA A 625 1.44 -7.69 15.21
CA ALA A 625 0.14 -7.78 15.85
C ALA A 625 0.27 -8.27 17.29
N ALA A 626 1.25 -9.14 17.56
CA ALA A 626 1.45 -9.62 18.92
C ALA A 626 2.00 -8.51 19.82
N ASN A 627 2.96 -7.73 19.32
CA ASN A 627 3.55 -6.68 20.15
C ASN A 627 2.55 -5.55 20.42
N ALA A 628 1.64 -5.29 19.49
CA ALA A 628 0.63 -4.26 19.72
C ALA A 628 -0.43 -4.73 20.71
N LEU A 629 -0.69 -6.04 20.76
CA LEU A 629 -1.67 -6.57 21.70
C LEU A 629 -1.10 -6.74 23.11
N SER A 630 0.22 -6.88 23.22
CA SER A 630 0.82 -7.03 24.55
C SER A 630 0.62 -5.81 25.42
N GLY A 631 0.59 -4.62 24.82
CA GLY A 631 0.41 -3.40 25.57
C GLY A 631 1.25 -2.25 25.04
N ASP A 632 1.91 -1.55 25.96
CA ASP A 632 2.75 -0.42 25.57
C ASP A 632 4.00 -0.90 24.83
N VAL A 633 4.67 0.05 24.18
CA VAL A 633 5.84 -0.28 23.37
C VAL A 633 7.04 -0.65 24.24
N TRP A 634 7.15 -0.04 25.43
CA TRP A 634 8.27 -0.32 26.32
C TRP A 634 8.16 -1.67 27.01
N ASP A 635 7.04 -2.38 26.87
CA ASP A 635 6.87 -3.69 27.51
C ASP A 635 7.03 -4.82 26.48
N ILE A 636 8.20 -4.83 25.83
CA ILE A 636 8.54 -5.85 24.84
C ILE A 636 9.91 -6.43 25.17
N ASP A 637 10.12 -7.67 24.72
CA ASP A 637 11.31 -8.47 24.95
C ASP A 637 12.35 -8.29 23.84
N ASN A 638 13.61 -8.57 24.19
CA ASN A 638 14.70 -8.54 23.23
C ASN A 638 15.59 -9.75 23.45
N GLU A 639 16.19 -10.24 22.38
CA GLU A 639 17.14 -11.34 22.48
C GLU A 639 18.55 -10.84 22.20
N ARG B 1 -3.06 21.13 42.42
CA ARG B 1 -2.34 20.78 41.20
C ARG B 1 -1.29 21.83 40.83
N LEU B 2 -0.83 21.75 39.59
CA LEU B 2 0.15 22.67 39.03
C LEU B 2 -0.38 23.16 37.70
N TYR B 3 -0.46 24.48 37.52
CA TYR B 3 -0.95 25.05 36.28
C TYR B 3 0.24 25.35 35.36
N TRP B 4 -0.04 26.00 34.23
CA TRP B 4 1.01 26.23 33.24
C TRP B 4 2.06 27.22 33.73
N ASP B 5 1.62 28.32 34.35
CA ASP B 5 2.57 29.31 34.85
C ASP B 5 3.46 28.74 35.94
N ASP B 6 2.94 27.83 36.75
CA ASP B 6 3.76 27.16 37.75
C ASP B 6 4.77 26.22 37.10
N LEU B 7 4.36 25.54 36.01
CA LEU B 7 5.27 24.63 35.34
C LEU B 7 6.29 25.35 34.46
N LYS B 8 5.89 26.46 33.84
CA LYS B 8 6.85 27.24 33.06
C LYS B 8 7.99 27.75 33.93
N ARG B 9 7.67 28.21 35.14
CA ARG B 9 8.71 28.69 36.06
C ARG B 9 9.52 27.53 36.63
N LYS B 10 8.85 26.44 37.01
CA LYS B 10 9.57 25.29 37.56
C LYS B 10 10.54 24.68 36.55
N LEU B 11 10.22 24.80 35.25
CA LEU B 11 11.16 24.36 34.23
C LEU B 11 12.29 25.36 34.01
N SER B 12 11.96 26.65 34.01
CA SER B 12 12.96 27.68 33.73
C SER B 12 14.02 27.78 34.82
N GLU B 13 13.68 27.41 36.06
CA GLU B 13 14.66 27.47 37.13
C GLU B 13 15.71 26.36 36.99
N LYS B 14 15.28 25.15 36.64
CA LYS B 14 16.22 24.05 36.45
C LYS B 14 17.04 24.20 35.18
N LEU B 15 16.61 25.04 34.25
CA LEU B 15 17.39 25.27 33.04
C LEU B 15 18.60 26.15 33.34
N ASP B 16 18.44 27.14 34.22
CA ASP B 16 19.56 28.02 34.56
C ASP B 16 20.63 27.30 35.37
N SER B 17 20.24 26.29 36.15
CA SER B 17 21.16 25.52 36.98
C SER B 17 21.62 24.23 36.29
N THR B 18 21.68 24.25 34.96
CA THR B 18 22.11 23.09 34.18
C THR B 18 23.32 23.49 33.34
N ASP B 19 24.37 22.67 33.39
CA ASP B 19 25.61 22.93 32.67
C ASP B 19 25.58 22.11 31.38
N PHE B 20 25.31 22.79 30.26
CA PHE B 20 25.23 22.12 28.98
C PHE B 20 26.60 21.98 28.32
N THR B 21 27.46 22.98 28.48
CA THR B 21 28.77 22.95 27.83
C THR B 21 29.66 21.85 28.38
N SER B 22 29.48 21.48 29.64
CA SER B 22 30.28 20.40 30.21
C SER B 22 29.86 19.05 29.68
N THR B 23 28.59 18.90 29.29
CA THR B 23 28.14 17.65 28.68
C THR B 23 28.62 17.56 27.24
N ILE B 24 28.46 18.64 26.47
CA ILE B 24 28.98 18.67 25.11
C ILE B 24 30.48 18.44 25.11
N LYS B 25 31.18 18.94 26.14
CA LYS B 25 32.60 18.66 26.28
C LYS B 25 32.85 17.18 26.56
N LEU B 26 32.01 16.57 27.42
CA LEU B 26 32.17 15.16 27.75
C LEU B 26 31.93 14.28 26.53
N LEU B 27 30.90 14.60 25.73
CA LEU B 27 30.58 13.81 24.56
C LEU B 27 31.62 13.93 23.46
N ASN B 28 32.53 14.91 23.56
CA ASN B 28 33.61 15.08 22.60
C ASN B 28 34.95 14.65 23.17
N GLU B 29 34.96 13.95 24.30
CA GLU B 29 36.20 13.44 24.86
C GLU B 29 36.77 12.32 23.98
N ASN B 30 37.96 11.86 24.35
CA ASN B 30 38.64 10.83 23.56
C ASN B 30 37.93 9.48 23.66
N SER B 31 37.11 9.27 24.69
CA SER B 31 36.45 7.99 24.88
C SER B 31 35.21 7.81 24.00
N TYR B 32 34.65 8.90 23.47
CA TYR B 32 33.44 8.84 22.66
C TYR B 32 33.62 9.44 21.28
N VAL B 33 34.86 9.67 20.84
CA VAL B 33 35.14 10.29 19.56
C VAL B 33 36.34 9.59 18.93
N PRO B 34 36.26 9.19 17.64
CA PRO B 34 35.07 9.32 16.81
C PRO B 34 34.11 8.15 16.98
N ARG B 35 32.83 8.38 16.74
CA ARG B 35 31.79 7.37 16.96
C ARG B 35 31.01 7.15 15.67
N GLU B 36 31.67 6.55 14.69
CA GLU B 36 30.97 6.05 13.52
C GLU B 36 29.98 4.96 13.94
N ALA B 37 28.87 4.86 13.18
CA ALA B 37 27.83 3.91 13.52
C ALA B 37 28.38 2.50 13.63
N GLY B 38 28.05 1.82 14.73
CA GLY B 38 28.51 0.47 14.98
C GLY B 38 29.89 0.35 15.59
N SER B 39 30.64 1.44 15.72
CA SER B 39 31.98 1.38 16.28
C SER B 39 31.91 1.13 17.79
N GLN B 40 33.07 0.81 18.36
CA GLN B 40 33.15 0.57 19.79
C GLN B 40 32.83 1.83 20.59
N LYS B 41 33.31 2.99 20.11
CA LYS B 41 33.03 4.24 20.80
C LYS B 41 31.56 4.63 20.67
N ASP B 42 30.90 4.20 19.60
CA ASP B 42 29.46 4.40 19.50
C ASP B 42 28.72 3.61 20.57
N GLU B 43 29.13 2.36 20.80
CA GLU B 43 28.51 1.55 21.85
C GLU B 43 28.85 2.09 23.24
N ASN B 44 30.01 2.72 23.40
CA ASN B 44 30.38 3.27 24.70
C ASN B 44 29.45 4.41 25.09
N LEU B 45 29.22 5.35 24.17
CA LEU B 45 28.30 6.45 24.45
C LEU B 45 26.89 5.95 24.68
N ALA B 46 26.52 4.82 24.06
CA ALA B 46 25.19 4.25 24.28
C ALA B 46 25.02 3.80 25.73
N LEU B 47 26.03 3.12 26.29
CA LEU B 47 25.94 2.72 27.68
C LEU B 47 25.95 3.92 28.63
N TYR B 48 26.63 5.01 28.25
CA TYR B 48 26.61 6.20 29.10
C TYR B 48 25.22 6.81 29.15
N VAL B 49 24.57 6.95 27.99
CA VAL B 49 23.20 7.47 27.96
C VAL B 49 22.26 6.49 28.64
N GLU B 50 22.49 5.18 28.48
CA GLU B 50 21.66 4.19 29.14
C GLU B 50 21.82 4.25 30.65
N ASN B 51 23.06 4.38 31.14
CA ASN B 51 23.27 4.46 32.58
C ASN B 51 22.78 5.81 33.13
N GLN B 52 22.94 6.88 32.36
CA GLN B 52 22.45 8.18 32.81
C GLN B 52 20.92 8.17 32.95
N PHE B 53 20.24 7.45 32.06
CA PHE B 53 18.79 7.34 32.18
C PHE B 53 18.39 6.57 33.44
N ARG B 54 19.19 5.59 33.84
CA ARG B 54 18.92 4.86 35.07
C ARG B 54 19.18 5.74 36.29
N GLU B 55 20.23 6.55 36.25
CA GLU B 55 20.51 7.47 37.36
C GLU B 55 19.44 8.53 37.49
N PHE B 56 18.85 8.96 36.37
CA PHE B 56 17.74 9.91 36.42
C PHE B 56 16.48 9.30 37.01
N LYS B 57 16.44 7.97 37.15
CA LYS B 57 15.32 7.26 37.76
C LYS B 57 14.03 7.46 36.95
N LEU B 58 14.12 7.10 35.67
CA LEU B 58 12.96 7.09 34.80
C LEU B 58 12.10 5.86 35.09
N SER B 59 10.91 5.84 34.47
CA SER B 59 9.99 4.73 34.71
C SER B 59 10.55 3.42 34.17
N LYS B 60 11.15 3.45 32.98
CA LYS B 60 11.75 2.26 32.42
C LYS B 60 12.81 2.67 31.40
N VAL B 61 13.87 1.87 31.33
CA VAL B 61 14.95 2.07 30.36
C VAL B 61 15.16 0.76 29.62
N TRP B 62 15.24 0.84 28.29
CA TRP B 62 15.44 -0.35 27.48
C TRP B 62 16.18 0.05 26.22
N ARG B 63 16.56 -0.94 25.42
CA ARG B 63 17.28 -0.70 24.18
C ARG B 63 16.91 -1.74 23.15
N ASP B 64 16.99 -1.34 21.88
CA ASP B 64 16.75 -2.21 20.74
C ASP B 64 18.05 -2.46 19.98
N GLN B 65 18.15 -3.64 19.39
CA GLN B 65 19.32 -4.04 18.62
C GLN B 65 18.90 -4.32 17.18
N HIS B 66 19.43 -3.53 16.25
CA HIS B 66 19.18 -3.70 14.82
C HIS B 66 20.48 -4.09 14.13
N PHE B 67 20.34 -4.76 12.98
CA PHE B 67 21.49 -5.20 12.18
C PHE B 67 21.30 -4.64 10.78
N VAL B 68 21.89 -3.48 10.53
CA VAL B 68 21.72 -2.76 9.27
C VAL B 68 22.99 -2.87 8.44
N LYS B 69 22.83 -2.71 7.13
CA LYS B 69 23.95 -2.70 6.19
C LYS B 69 24.33 -1.26 5.89
N ILE B 70 25.55 -0.87 6.27
CA ILE B 70 26.07 0.45 5.92
C ILE B 70 27.14 0.25 4.86
N GLN B 71 27.82 1.33 4.48
CA GLN B 71 28.92 1.26 3.53
C GLN B 71 30.12 2.01 4.11
N VAL B 72 31.30 1.41 3.95
CA VAL B 72 32.54 1.93 4.52
C VAL B 72 33.63 1.87 3.46
N LYS B 73 34.75 2.52 3.76
CA LYS B 73 35.90 2.50 2.87
C LYS B 73 36.43 1.08 2.68
N ASP B 74 37.09 0.87 1.55
CA ASP B 74 37.74 -0.38 1.21
C ASP B 74 39.25 -0.26 1.44
N SER B 75 39.90 -1.42 1.50
CA SER B 75 41.37 -1.42 1.53
C SER B 75 41.95 -0.80 0.27
N ALA B 76 41.20 -0.84 -0.84
CA ALA B 76 41.62 -0.18 -2.06
C ALA B 76 41.26 1.30 -2.00
N GLN B 77 42.24 2.15 -2.29
CA GLN B 77 42.05 3.59 -2.19
C GLN B 77 41.14 4.11 -3.31
N ASN B 78 40.19 4.96 -2.94
CA ASN B 78 39.44 5.70 -3.94
C ASN B 78 40.30 6.79 -4.54
N SER B 79 40.22 6.97 -5.85
CA SER B 79 41.11 7.89 -6.54
C SER B 79 40.33 8.70 -7.57
N VAL B 80 40.79 9.94 -7.76
CA VAL B 80 40.32 10.81 -8.83
C VAL B 80 41.51 11.18 -9.68
N ILE B 81 41.47 10.83 -10.96
CA ILE B 81 42.61 10.97 -11.86
C ILE B 81 42.16 11.67 -13.13
N ILE B 82 43.01 12.57 -13.64
CA ILE B 82 42.81 13.22 -14.92
C ILE B 82 43.71 12.56 -15.94
N VAL B 83 43.15 12.21 -17.10
CA VAL B 83 43.88 11.55 -18.18
C VAL B 83 43.82 12.45 -19.40
N ASP B 84 44.99 12.68 -20.01
CA ASP B 84 45.10 13.56 -21.17
C ASP B 84 45.89 12.88 -22.28
N LYS B 85 45.56 13.26 -23.51
CA LYS B 85 46.26 12.80 -24.72
C LYS B 85 46.33 11.27 -24.80
N ASN B 86 45.14 10.66 -24.83
CA ASN B 86 44.99 9.23 -25.08
C ASN B 86 45.73 8.38 -24.05
N GLY B 87 45.47 8.65 -22.78
CA GLY B 87 46.02 7.87 -21.69
C GLY B 87 47.51 7.97 -21.49
N ARG B 88 48.20 8.80 -22.25
CA ARG B 88 49.65 8.94 -22.15
C ARG B 88 50.07 10.04 -21.18
N LEU B 89 49.11 10.75 -20.58
CA LEU B 89 49.39 11.74 -19.55
C LEU B 89 48.45 11.49 -18.38
N VAL B 90 49.02 11.19 -17.22
CA VAL B 90 48.25 10.87 -16.02
C VAL B 90 48.56 11.91 -14.96
N TYR B 91 47.54 12.28 -14.19
CA TYR B 91 47.63 13.35 -13.21
C TYR B 91 46.80 12.96 -12.00
N LEU B 92 47.46 12.76 -10.86
CA LEU B 92 46.76 12.38 -9.65
C LEU B 92 46.12 13.61 -9.01
N VAL B 93 44.80 13.63 -8.93
CA VAL B 93 44.09 14.77 -8.36
C VAL B 93 43.95 14.62 -6.84
N GLU B 94 43.40 13.51 -6.37
CA GLU B 94 43.29 13.30 -4.94
C GLU B 94 43.00 11.84 -4.65
N ASN B 95 43.55 11.35 -3.55
CA ASN B 95 43.11 10.11 -2.93
C ASN B 95 42.28 10.50 -1.72
N PRO B 96 40.99 10.74 -1.90
CA PRO B 96 40.20 11.43 -0.86
C PRO B 96 40.13 10.66 0.44
N GLY B 97 40.05 11.42 1.54
CA GLY B 97 39.90 10.85 2.87
C GLY B 97 38.46 10.68 3.27
N GLY B 98 37.56 11.34 2.54
CA GLY B 98 36.13 11.15 2.72
C GLY B 98 35.55 10.17 1.71
N TYR B 99 34.25 9.91 1.86
CA TYR B 99 33.54 9.04 0.95
C TYR B 99 32.04 9.28 1.10
N VAL B 100 31.29 8.80 0.11
CA VAL B 100 29.83 8.89 0.10
C VAL B 100 29.27 7.50 0.32
N ALA B 101 28.59 7.31 1.45
CA ALA B 101 27.99 6.01 1.73
C ALA B 101 26.91 5.69 0.69
N TYR B 102 26.82 4.42 0.32
CA TYR B 102 25.86 3.86 -0.63
C TYR B 102 26.13 4.30 -2.06
N SER B 103 27.30 4.85 -2.33
CA SER B 103 27.74 5.04 -3.71
C SER B 103 28.03 3.70 -4.36
N LYS B 104 27.88 3.65 -5.68
CA LYS B 104 28.19 2.42 -6.41
C LYS B 104 29.70 2.25 -6.58
N ALA B 105 30.16 1.02 -6.42
CA ALA B 105 31.57 0.68 -6.63
C ALA B 105 31.80 0.49 -8.12
N ALA B 106 32.48 1.44 -8.76
CA ALA B 106 32.70 1.39 -10.19
C ALA B 106 33.84 2.33 -10.55
N THR B 107 34.31 2.22 -11.79
CA THR B 107 35.34 3.08 -12.35
C THR B 107 34.80 3.69 -13.64
N VAL B 108 34.52 4.99 -13.62
CA VAL B 108 33.99 5.71 -14.76
C VAL B 108 35.04 6.69 -15.27
N THR B 109 35.02 6.91 -16.58
CA THR B 109 35.98 7.81 -17.22
C THR B 109 35.26 8.59 -18.32
N GLY B 110 35.44 9.91 -18.32
CA GLY B 110 34.84 10.72 -19.35
C GLY B 110 34.92 12.20 -19.00
N LYS B 111 34.11 12.99 -19.71
CA LYS B 111 34.08 14.43 -19.52
C LYS B 111 33.55 14.79 -18.12
N LEU B 112 34.02 15.93 -17.61
CA LEU B 112 33.56 16.47 -16.35
C LEU B 112 32.86 17.79 -16.58
N VAL B 113 31.62 17.90 -16.12
CA VAL B 113 30.79 19.08 -16.33
C VAL B 113 30.30 19.58 -14.98
N HIS B 114 30.43 20.88 -14.75
CA HIS B 114 29.95 21.50 -13.52
C HIS B 114 28.45 21.76 -13.61
N ALA B 115 27.75 21.52 -12.50
CA ALA B 115 26.30 21.66 -12.45
C ALA B 115 25.85 22.44 -11.22
N ASN B 116 26.71 23.33 -10.70
CA ASN B 116 26.40 24.19 -9.57
C ASN B 116 26.05 23.31 -8.37
N PHE B 117 24.83 23.37 -7.82
CA PHE B 117 24.46 22.57 -6.67
C PHE B 117 23.80 21.25 -7.05
N GLY B 118 23.52 21.02 -8.33
CA GLY B 118 22.94 19.77 -8.75
C GLY B 118 21.43 19.69 -8.69
N THR B 119 20.75 20.79 -8.37
CA THR B 119 19.29 20.78 -8.34
C THR B 119 18.73 20.56 -9.75
N LYS B 120 17.44 20.22 -9.80
CA LYS B 120 16.78 19.98 -11.08
C LYS B 120 16.80 21.23 -11.95
N LYS B 121 16.68 22.41 -11.33
CA LYS B 121 16.73 23.66 -12.08
C LYS B 121 18.12 23.89 -12.66
N ASP B 122 19.17 23.54 -11.90
CA ASP B 122 20.53 23.75 -12.38
C ASP B 122 20.82 22.91 -13.62
N PHE B 123 20.39 21.65 -13.62
CA PHE B 123 20.63 20.79 -14.78
C PHE B 123 19.81 21.23 -15.99
N GLU B 124 18.65 21.85 -15.76
CA GLU B 124 17.85 22.37 -16.87
C GLU B 124 18.53 23.58 -17.50
N ASP B 125 19.03 24.50 -16.66
CA ASP B 125 19.70 25.70 -17.14
C ASP B 125 21.20 25.42 -17.30
N LEU B 126 21.50 24.57 -18.27
CA LEU B 126 22.87 24.19 -18.57
C LEU B 126 23.07 24.13 -20.08
N TYR B 127 24.19 24.69 -20.54
CA TYR B 127 24.51 24.63 -21.96
C TYR B 127 24.93 23.22 -22.37
N THR B 128 25.90 22.64 -21.67
CA THR B 128 26.40 21.32 -22.04
C THR B 128 25.57 20.23 -21.38
N PRO B 129 25.14 19.22 -22.13
CA PRO B 129 24.43 18.10 -21.51
C PRO B 129 25.39 17.17 -20.78
N VAL B 130 24.86 16.52 -19.75
CA VAL B 130 25.66 15.67 -18.88
C VAL B 130 25.50 14.19 -19.23
N ASN B 131 24.98 13.87 -20.40
CA ASN B 131 24.80 12.47 -20.78
C ASN B 131 26.17 11.84 -21.05
N GLY B 132 26.49 10.77 -20.31
CA GLY B 132 27.73 10.06 -20.48
C GLY B 132 28.95 10.74 -19.92
N SER B 133 28.78 11.78 -19.10
CA SER B 133 29.89 12.52 -18.54
C SER B 133 29.78 12.55 -17.02
N ILE B 134 30.92 12.80 -16.36
CA ILE B 134 30.96 12.93 -14.91
C ILE B 134 30.52 14.35 -14.54
N VAL B 135 29.84 14.48 -13.40
CA VAL B 135 29.30 15.75 -12.94
C VAL B 135 29.99 16.12 -11.63
N ILE B 136 30.38 17.38 -11.50
CA ILE B 136 30.92 17.92 -10.26
C ILE B 136 29.97 19.00 -9.77
N VAL B 137 29.66 18.96 -8.47
CA VAL B 137 28.63 19.81 -7.89
C VAL B 137 29.08 20.31 -6.52
N ARG B 138 28.63 21.50 -6.16
CA ARG B 138 28.91 22.07 -4.86
C ARG B 138 27.98 21.48 -3.80
N ALA B 139 28.50 21.26 -2.61
CA ALA B 139 27.68 20.77 -1.51
C ALA B 139 26.77 21.87 -0.99
N GLY B 140 25.56 21.49 -0.61
CA GLY B 140 24.60 22.41 -0.04
C GLY B 140 23.30 22.43 -0.82
N LYS B 141 22.38 23.28 -0.35
CA LYS B 141 21.06 23.50 -0.94
C LYS B 141 20.20 22.24 -0.88
N ILE B 142 20.69 21.12 -1.41
CA ILE B 142 19.96 19.87 -1.39
C ILE B 142 20.89 18.77 -0.87
N THR B 143 20.29 17.64 -0.51
CA THR B 143 21.05 16.53 0.04
C THR B 143 21.92 15.87 -1.02
N PHE B 144 22.93 15.12 -0.57
CA PHE B 144 23.76 14.35 -1.49
C PHE B 144 22.91 13.41 -2.34
N ALA B 145 21.90 12.79 -1.75
CA ALA B 145 21.07 11.84 -2.49
C ALA B 145 20.33 12.53 -3.64
N GLU B 146 19.82 13.74 -3.40
CA GLU B 146 19.10 14.45 -4.45
C GLU B 146 20.02 14.84 -5.60
N LYS B 147 21.25 15.25 -5.28
CA LYS B 147 22.23 15.58 -6.32
C LYS B 147 22.50 14.39 -7.22
N VAL B 148 22.77 13.22 -6.62
CA VAL B 148 23.09 12.03 -7.39
C VAL B 148 21.87 11.57 -8.20
N ALA B 149 20.68 11.64 -7.60
CA ALA B 149 19.48 11.19 -8.29
C ALA B 149 19.17 12.06 -9.50
N ASN B 150 19.34 13.38 -9.37
CA ASN B 150 19.08 14.26 -10.49
C ASN B 150 20.11 14.10 -11.60
N ALA B 151 21.36 13.78 -11.25
CA ALA B 151 22.37 13.54 -12.27
C ALA B 151 22.13 12.21 -12.97
N GLU B 152 21.78 11.17 -12.22
CA GLU B 152 21.47 9.88 -12.82
C GLU B 152 20.31 9.98 -13.81
N SER B 153 19.31 10.81 -13.49
CA SER B 153 18.14 10.95 -14.36
C SER B 153 18.52 11.49 -15.74
N LEU B 154 19.64 12.20 -15.86
CA LEU B 154 20.10 12.74 -17.13
C LEU B 154 21.30 11.96 -17.68
N ASN B 155 21.46 10.70 -17.26
CA ASN B 155 22.46 9.78 -17.80
C ASN B 155 23.89 10.21 -17.47
N ALA B 156 24.09 10.83 -16.30
CA ALA B 156 25.44 11.07 -15.82
C ALA B 156 26.06 9.76 -15.32
N ILE B 157 27.38 9.65 -15.45
CA ILE B 157 28.07 8.42 -15.08
C ILE B 157 28.80 8.52 -13.73
N GLY B 158 28.82 9.69 -13.12
CA GLY B 158 29.49 9.84 -11.84
C GLY B 158 29.29 11.24 -11.31
N VAL B 159 29.48 11.37 -9.99
CA VAL B 159 29.27 12.62 -9.28
C VAL B 159 30.44 12.88 -8.36
N LEU B 160 30.99 14.10 -8.42
CA LEU B 160 31.99 14.58 -7.48
C LEU B 160 31.40 15.75 -6.71
N ILE B 161 31.59 15.75 -5.39
CA ILE B 161 31.05 16.78 -4.51
C ILE B 161 32.22 17.43 -3.78
N TYR B 162 32.24 18.76 -3.78
CA TYR B 162 33.29 19.52 -3.11
C TYR B 162 32.67 20.69 -2.36
N MET B 163 33.50 21.37 -1.56
CA MET B 163 33.08 22.51 -0.77
C MET B 163 33.89 23.73 -1.22
N ASP B 164 33.25 24.62 -1.97
CA ASP B 164 33.89 25.88 -2.33
C ASP B 164 34.05 26.76 -1.09
N GLN B 165 34.96 27.72 -1.18
CA GLN B 165 35.28 28.56 -0.04
C GLN B 165 34.25 29.67 0.18
N THR B 166 33.51 30.05 -0.85
CA THR B 166 32.49 31.09 -0.68
C THR B 166 31.36 30.59 0.21
N LYS B 167 30.83 29.41 -0.08
CA LYS B 167 29.75 28.84 0.73
C LYS B 167 30.28 28.22 2.02
N PHE B 168 31.51 27.71 2.00
CA PHE B 168 32.12 27.08 3.17
C PHE B 168 33.45 27.77 3.47
N PRO B 169 33.43 28.86 4.23
CA PRO B 169 34.68 29.56 4.55
C PRO B 169 35.57 28.75 5.47
N ILE B 170 36.34 27.84 4.90
CA ILE B 170 37.23 26.94 5.66
C ILE B 170 38.66 27.26 5.28
N VAL B 171 39.53 27.37 6.29
CA VAL B 171 40.92 27.70 6.03
C VAL B 171 41.66 26.49 5.46
N ASN B 172 41.36 25.30 5.95
CA ASN B 172 42.01 24.07 5.48
C ASN B 172 41.39 23.68 4.15
N ALA B 173 42.13 23.88 3.06
CA ALA B 173 41.65 23.57 1.73
C ALA B 173 41.75 22.09 1.38
N GLU B 174 42.41 21.29 2.20
CA GLU B 174 42.55 19.85 1.97
C GLU B 174 41.60 19.02 2.82
N LEU B 175 40.59 19.66 3.41
CA LEU B 175 39.68 18.97 4.32
C LEU B 175 38.71 18.09 3.53
N SER B 176 38.59 16.84 3.95
CA SER B 176 37.64 15.89 3.37
C SER B 176 36.41 15.79 4.28
N PHE B 177 35.29 15.36 3.68
CA PHE B 177 34.03 15.29 4.40
C PHE B 177 33.27 14.04 3.95
N PHE B 178 32.13 13.80 4.59
CA PHE B 178 31.39 12.56 4.47
C PHE B 178 29.91 12.83 4.24
N GLY B 179 29.27 11.91 3.54
CA GLY B 179 27.84 11.95 3.33
C GLY B 179 27.34 10.62 2.83
N HIS B 180 26.06 10.58 2.46
CA HIS B 180 25.46 9.40 1.88
C HIS B 180 24.48 9.82 0.79
N ALA B 181 24.38 8.97 -0.24
CA ALA B 181 23.59 9.29 -1.43
C ALA B 181 22.39 8.37 -1.59
N HIS B 182 21.79 7.95 -0.48
CA HIS B 182 20.59 7.12 -0.52
C HIS B 182 19.36 8.02 -0.49
N LEU B 183 18.54 7.94 -1.53
CA LEU B 183 17.34 8.78 -1.65
C LEU B 183 16.21 8.15 -0.83
N GLY B 184 16.39 8.19 0.49
CA GLY B 184 15.40 7.63 1.39
C GLY B 184 15.93 7.63 2.81
N THR B 185 15.22 6.89 3.67
CA THR B 185 15.60 6.76 5.06
C THR B 185 15.61 5.28 5.45
N GLY B 186 16.40 4.97 6.48
CA GLY B 186 16.49 3.62 6.99
C GLY B 186 17.52 2.78 6.27
N ASP B 187 17.65 1.54 6.76
CA ASP B 187 18.50 0.54 6.12
C ASP B 187 18.03 0.32 4.69
N PRO B 188 18.81 0.75 3.69
CA PRO B 188 18.35 0.64 2.30
C PRO B 188 18.29 -0.78 1.77
N TYR B 189 18.73 -1.77 2.54
CA TYR B 189 18.64 -3.16 2.13
C TYR B 189 17.53 -3.91 2.88
N THR B 190 16.75 -3.20 3.69
CA THR B 190 15.49 -3.71 4.24
C THR B 190 14.41 -2.65 4.04
N PRO B 191 14.07 -2.33 2.79
CA PRO B 191 13.15 -1.21 2.53
C PRO B 191 11.73 -1.58 2.90
N GLY B 192 11.16 -0.83 3.86
CA GLY B 192 9.77 -0.99 4.23
C GLY B 192 9.51 -1.89 5.42
N PHE B 193 10.51 -2.63 5.88
CA PHE B 193 10.34 -3.55 7.00
C PHE B 193 11.55 -3.45 7.91
N PRO B 194 11.39 -3.77 9.19
CA PRO B 194 12.47 -3.54 10.16
C PRO B 194 13.65 -4.47 9.94
N SER B 195 14.82 -4.01 10.39
CA SER B 195 16.06 -4.79 10.29
C SER B 195 16.28 -5.62 11.55
N PHE B 196 15.33 -6.52 11.79
CA PHE B 196 15.43 -7.46 12.89
C PHE B 196 15.81 -8.84 12.35
N ASN B 197 16.23 -9.72 13.26
CA ASN B 197 16.56 -11.08 12.85
C ASN B 197 15.33 -11.85 12.39
N HIS B 198 14.16 -11.49 12.91
CA HIS B 198 12.92 -12.19 12.59
C HIS B 198 12.68 -12.22 11.08
N THR B 199 12.93 -11.10 10.40
CA THR B 199 12.77 -11.03 8.96
C THR B 199 13.71 -11.98 8.23
N GLN B 200 14.79 -12.41 8.89
CA GLN B 200 15.82 -13.26 8.30
C GLN B 200 16.49 -12.63 7.09
N PHE B 201 16.41 -11.29 6.99
CA PHE B 201 17.11 -10.46 6.02
C PHE B 201 16.98 -10.99 4.59
N PRO B 202 15.82 -10.82 3.97
CA PRO B 202 15.64 -11.31 2.60
C PRO B 202 16.29 -10.38 1.59
N PRO B 203 16.54 -10.84 0.37
CA PRO B 203 17.13 -9.95 -0.65
C PRO B 203 16.19 -8.85 -1.09
N SER B 204 16.40 -7.64 -0.57
CA SER B 204 15.57 -6.49 -0.92
C SER B 204 16.45 -5.25 -1.02
N ARG B 205 16.30 -4.50 -2.12
CA ARG B 205 17.09 -3.31 -2.37
C ARG B 205 16.15 -2.12 -2.53
N SER B 206 16.42 -1.06 -1.77
CA SER B 206 15.63 0.16 -1.88
C SER B 206 15.83 0.80 -3.26
N SER B 207 14.74 1.36 -3.80
CA SER B 207 14.81 2.04 -5.08
C SER B 207 15.55 3.36 -5.02
N GLY B 208 15.91 3.83 -3.83
CA GLY B 208 16.68 5.05 -3.68
C GLY B 208 18.18 4.89 -3.78
N LEU B 209 18.66 3.64 -3.85
CA LEU B 209 20.09 3.41 -3.99
C LEU B 209 20.56 3.81 -5.39
N PRO B 210 21.60 4.63 -5.51
CA PRO B 210 22.09 5.03 -6.83
C PRO B 210 22.86 3.93 -7.52
N ASN B 211 23.03 4.09 -8.83
CA ASN B 211 23.80 3.18 -9.66
C ASN B 211 24.95 3.91 -10.36
N ILE B 212 25.46 4.98 -9.75
CA ILE B 212 26.63 5.67 -10.26
C ILE B 212 27.58 5.96 -9.09
N PRO B 213 28.88 5.98 -9.31
CA PRO B 213 29.82 6.25 -8.21
C PRO B 213 29.75 7.70 -7.77
N VAL B 214 29.83 7.91 -6.46
CA VAL B 214 29.81 9.23 -5.86
C VAL B 214 30.99 9.35 -4.91
N GLN B 215 31.73 10.46 -5.02
CA GLN B 215 32.92 10.68 -4.20
C GLN B 215 32.98 12.14 -3.78
N THR B 216 33.47 12.37 -2.57
CA THR B 216 33.71 13.70 -2.06
C THR B 216 35.19 14.03 -2.19
N ILE B 217 35.49 15.29 -2.55
CA ILE B 217 36.85 15.75 -2.73
C ILE B 217 37.01 17.10 -2.04
N SER B 218 38.23 17.40 -1.64
CA SER B 218 38.54 18.65 -0.97
C SER B 218 38.55 19.81 -1.97
N ARG B 219 38.62 21.03 -1.44
CA ARG B 219 38.67 22.21 -2.30
C ARG B 219 39.93 22.24 -3.15
N ALA B 220 41.05 21.79 -2.58
CA ALA B 220 42.31 21.75 -3.33
C ALA B 220 42.19 20.80 -4.52
N ALA B 221 41.50 19.67 -4.33
CA ALA B 221 41.30 18.74 -5.44
C ALA B 221 40.41 19.35 -6.51
N ALA B 222 39.39 20.11 -6.11
CA ALA B 222 38.51 20.75 -7.09
C ALA B 222 39.25 21.81 -7.88
N GLU B 223 40.17 22.55 -7.23
CA GLU B 223 40.95 23.54 -7.95
C GLU B 223 41.99 22.90 -8.86
N LYS B 224 42.47 21.71 -8.49
CA LYS B 224 43.29 20.93 -9.41
C LYS B 224 42.51 20.58 -10.67
N LEU B 225 41.23 20.20 -10.51
CA LEU B 225 40.40 19.86 -11.66
C LEU B 225 40.12 21.09 -12.51
N PHE B 226 39.79 22.22 -11.87
CA PHE B 226 39.42 23.42 -12.61
C PHE B 226 40.56 23.91 -13.50
N GLY B 227 41.81 23.65 -13.11
CA GLY B 227 42.93 23.98 -13.97
C GLY B 227 42.96 23.24 -15.28
N ASN B 228 42.13 22.20 -15.42
CA ASN B 228 41.99 21.44 -16.66
C ASN B 228 40.62 21.63 -17.29
N MET B 229 39.91 22.69 -16.92
CA MET B 229 38.54 22.92 -17.36
C MET B 229 38.41 24.35 -17.89
N GLU B 230 37.49 24.53 -18.82
CA GLU B 230 37.26 25.80 -19.49
C GLU B 230 35.91 26.37 -19.10
N GLY B 231 35.66 27.61 -19.56
CA GLY B 231 34.40 28.27 -19.29
C GLY B 231 34.33 28.89 -17.91
N ASP B 232 33.75 30.10 -17.82
CA ASP B 232 33.63 30.80 -16.56
C ASP B 232 32.32 30.44 -15.89
N CYS B 233 32.38 30.17 -14.59
CA CYS B 233 31.17 29.87 -13.84
C CYS B 233 30.34 31.14 -13.67
N PRO B 234 29.03 31.07 -13.90
CA PRO B 234 28.23 32.30 -13.92
C PRO B 234 28.26 33.06 -12.60
N SER B 235 28.11 34.39 -12.71
CA SER B 235 28.08 35.23 -11.52
C SER B 235 26.83 34.99 -10.68
N ASP B 236 25.79 34.40 -11.26
CA ASP B 236 24.59 34.05 -10.47
C ASP B 236 24.93 33.10 -9.34
N TRP B 237 25.87 32.18 -9.57
CA TRP B 237 26.17 31.13 -8.61
C TRP B 237 26.85 31.64 -7.35
N LYS B 238 27.57 32.78 -7.45
CA LYS B 238 28.31 33.35 -6.32
C LYS B 238 29.26 32.32 -5.72
N THR B 239 30.22 31.89 -6.53
CA THR B 239 31.21 30.90 -6.12
C THR B 239 32.61 31.49 -6.26
N ASP B 240 33.62 30.65 -6.08
CA ASP B 240 35.00 31.10 -6.18
C ASP B 240 35.31 31.51 -7.62
N SER B 241 36.33 32.36 -7.75
CA SER B 241 36.76 32.81 -9.07
C SER B 241 37.57 31.75 -9.81
N THR B 242 38.17 30.80 -9.10
CA THR B 242 38.88 29.69 -9.72
C THR B 242 37.95 28.67 -10.37
N CYS B 243 36.63 28.86 -10.24
CA CYS B 243 35.67 27.91 -10.76
C CYS B 243 35.71 27.86 -12.28
N ARG B 244 35.52 26.67 -12.84
CA ARG B 244 35.44 26.47 -14.28
C ARG B 244 34.28 25.51 -14.57
N MET B 245 33.98 25.34 -15.85
CA MET B 245 32.73 24.69 -16.28
C MET B 245 32.94 23.31 -16.87
N VAL B 246 33.74 23.17 -17.93
CA VAL B 246 33.86 21.91 -18.66
C VAL B 246 35.33 21.66 -18.99
N THR B 247 35.73 20.40 -18.90
CA THR B 247 37.10 20.01 -19.20
C THR B 247 37.47 20.33 -20.65
N SER B 248 38.78 20.32 -20.91
CA SER B 248 39.30 20.56 -22.24
C SER B 248 38.94 19.41 -23.18
N GLU B 249 39.35 19.55 -24.45
CA GLU B 249 38.94 18.61 -25.48
C GLU B 249 39.53 17.21 -25.27
N SER B 250 40.80 17.14 -24.89
CA SER B 250 41.50 15.86 -24.80
C SER B 250 41.64 15.34 -23.38
N LYS B 251 40.99 15.98 -22.41
CA LYS B 251 41.13 15.62 -21.00
C LYS B 251 39.86 14.94 -20.50
N ASN B 252 40.06 13.87 -19.72
CA ASN B 252 38.97 13.14 -19.08
C ASN B 252 39.27 12.99 -17.60
N VAL B 253 38.25 12.60 -16.84
CA VAL B 253 38.37 12.36 -15.41
C VAL B 253 38.04 10.89 -15.15
N LYS B 254 38.92 10.22 -14.40
CA LYS B 254 38.73 8.82 -14.05
C LYS B 254 38.38 8.74 -12.56
N LEU B 255 37.10 8.53 -12.26
CA LEU B 255 36.65 8.36 -10.89
C LEU B 255 36.63 6.88 -10.55
N THR B 256 37.26 6.52 -9.44
CA THR B 256 37.37 5.13 -9.00
C THR B 256 36.87 5.05 -7.55
N VAL B 257 35.70 4.45 -7.36
CA VAL B 257 35.13 4.22 -6.05
C VAL B 257 34.95 2.72 -5.87
N SER B 258 35.38 2.21 -4.72
CA SER B 258 35.32 0.77 -4.45
C SER B 258 34.82 0.48 -3.05
N ASN B 259 33.90 1.29 -2.53
CA ASN B 259 33.39 1.09 -1.19
C ASN B 259 32.69 -0.26 -1.07
N VAL B 260 32.64 -0.77 0.16
CA VAL B 260 32.07 -2.09 0.43
C VAL B 260 31.04 -1.97 1.55
N LEU B 261 30.07 -2.88 1.55
CA LEU B 261 29.06 -2.93 2.58
C LEU B 261 29.61 -3.59 3.84
N LYS B 262 28.94 -3.33 4.97
CA LYS B 262 29.33 -3.90 6.24
C LYS B 262 28.11 -4.00 7.14
N GLU B 263 27.78 -5.22 7.55
CA GLU B 263 26.67 -5.44 8.48
C GLU B 263 27.15 -5.07 9.89
N ILE B 264 26.43 -4.16 10.54
CA ILE B 264 26.82 -3.65 11.85
C ILE B 264 25.63 -3.75 12.80
N LYS B 265 25.95 -3.77 14.09
CA LYS B 265 24.95 -3.74 15.15
C LYS B 265 24.82 -2.31 15.66
N ILE B 266 23.62 -1.76 15.59
CA ILE B 266 23.34 -0.41 16.07
C ILE B 266 22.46 -0.51 17.30
N LEU B 267 22.53 0.51 18.16
CA LEU B 267 21.81 0.52 19.42
C LEU B 267 20.93 1.76 19.48
N ASN B 268 19.65 1.55 19.78
CA ASN B 268 18.72 2.62 20.11
C ASN B 268 18.46 2.55 21.60
N ILE B 269 18.79 3.63 22.32
CA ILE B 269 18.63 3.69 23.76
C ILE B 269 17.39 4.50 24.09
N PHE B 270 16.58 4.01 25.02
CA PHE B 270 15.29 4.61 25.32
C PHE B 270 15.14 4.83 26.82
N GLY B 271 14.33 5.84 27.15
CA GLY B 271 13.89 6.09 28.51
C GLY B 271 12.53 6.74 28.48
N VAL B 272 11.67 6.39 29.43
CA VAL B 272 10.27 6.84 29.42
C VAL B 272 9.88 7.34 30.80
N ILE B 273 9.19 8.48 30.83
CA ILE B 273 8.50 8.97 32.02
C ILE B 273 7.02 8.70 31.82
N LYS B 274 6.49 7.71 32.53
CA LYS B 274 5.11 7.29 32.33
C LYS B 274 4.14 8.38 32.78
N GLY B 275 3.00 8.45 32.08
CA GLY B 275 1.99 9.43 32.38
C GLY B 275 1.16 9.06 33.60
N PHE B 276 0.26 9.98 33.96
CA PHE B 276 -0.57 9.82 35.14
C PHE B 276 -2.05 9.68 34.85
N VAL B 277 -2.51 10.00 33.64
CA VAL B 277 -3.92 9.91 33.30
C VAL B 277 -4.11 8.96 32.13
N GLU B 278 -3.54 9.32 30.97
CA GLU B 278 -3.58 8.49 29.77
C GLU B 278 -2.14 8.16 29.39
N PRO B 279 -1.49 7.22 30.10
CA PRO B 279 -0.09 6.90 29.80
C PRO B 279 0.11 6.12 28.52
N ASP B 280 -0.94 5.55 27.93
CA ASP B 280 -0.80 4.82 26.68
C ASP B 280 -0.51 5.73 25.49
N HIS B 281 -0.72 7.04 25.64
CA HIS B 281 -0.30 8.02 24.66
C HIS B 281 0.97 8.70 25.15
N TYR B 282 1.81 9.13 24.21
CA TYR B 282 3.13 9.64 24.59
C TYR B 282 3.72 10.47 23.47
N VAL B 283 4.62 11.38 23.87
CA VAL B 283 5.44 12.17 22.96
C VAL B 283 6.83 11.55 22.92
N VAL B 284 7.53 11.72 21.80
CA VAL B 284 8.85 11.15 21.59
C VAL B 284 9.84 12.28 21.33
N VAL B 285 10.95 12.26 22.06
CA VAL B 285 12.05 13.22 21.88
C VAL B 285 13.29 12.43 21.51
N GLY B 286 13.86 12.72 20.34
CA GLY B 286 14.97 11.96 19.82
C GLY B 286 16.14 12.84 19.44
N ALA B 287 17.31 12.19 19.32
CA ALA B 287 18.54 12.88 18.97
C ALA B 287 19.54 11.87 18.44
N GLN B 288 20.13 12.18 17.28
CA GLN B 288 21.15 11.32 16.69
C GLN B 288 22.39 11.27 17.59
N ARG B 289 23.02 10.10 17.66
CA ARG B 289 24.18 9.89 18.52
C ARG B 289 25.47 9.62 17.77
N ASP B 290 25.42 8.97 16.62
CA ASP B 290 26.63 8.66 15.87
C ASP B 290 27.03 9.82 14.96
N ALA B 291 28.27 9.76 14.48
CA ALA B 291 28.81 10.78 13.58
C ALA B 291 30.09 10.23 12.95
N TRP B 292 30.38 10.71 11.74
CA TRP B 292 31.58 10.24 11.04
C TRP B 292 32.84 10.79 11.69
N GLY B 293 32.89 12.10 11.90
CA GLY B 293 33.97 12.70 12.66
C GLY B 293 33.62 12.75 14.13
N PRO B 294 34.07 13.81 14.82
CA PRO B 294 33.63 13.99 16.21
C PRO B 294 32.16 14.34 16.34
N GLY B 295 31.60 15.04 15.35
CA GLY B 295 30.18 15.36 15.36
C GLY B 295 29.71 16.13 16.58
N ALA B 296 30.47 17.14 16.99
CA ALA B 296 30.06 17.95 18.15
C ALA B 296 28.77 18.70 17.87
N ALA B 297 28.71 19.39 16.74
CA ALA B 297 27.51 20.13 16.37
C ALA B 297 26.43 19.20 15.83
N LYS B 298 26.82 18.18 15.08
CA LYS B 298 25.85 17.27 14.48
C LYS B 298 25.20 16.37 15.53
N SER B 299 26.02 15.66 16.30
CA SER B 299 25.52 14.65 17.24
C SER B 299 25.73 15.01 18.70
N GLY B 300 26.82 15.71 19.03
CA GLY B 300 27.10 15.99 20.43
C GLY B 300 26.07 16.88 21.07
N VAL B 301 25.72 17.98 20.40
CA VAL B 301 24.74 18.92 20.95
C VAL B 301 23.38 18.25 21.11
N GLY B 302 22.98 17.44 20.13
CA GLY B 302 21.68 16.78 20.20
C GLY B 302 21.56 15.84 21.38
N THR B 303 22.54 14.93 21.52
CA THR B 303 22.50 13.97 22.63
C THR B 303 22.64 14.68 23.97
N ALA B 304 23.45 15.74 24.04
CA ALA B 304 23.59 16.49 25.28
C ALA B 304 22.28 17.13 25.68
N LEU B 305 21.55 17.69 24.71
CA LEU B 305 20.22 18.23 25.00
C LEU B 305 19.27 17.13 25.45
N LEU B 306 19.39 15.94 24.87
CA LEU B 306 18.52 14.82 25.25
C LEU B 306 18.81 14.36 26.68
N LEU B 307 20.09 14.27 27.04
CA LEU B 307 20.45 13.83 28.39
C LEU B 307 19.93 14.79 29.44
N LYS B 308 20.11 16.09 29.23
CA LYS B 308 19.70 17.07 30.23
C LYS B 308 18.20 17.30 30.22
N LEU B 309 17.53 17.11 29.09
CA LEU B 309 16.07 17.21 29.08
C LEU B 309 15.45 16.07 29.89
N ALA B 310 16.03 14.87 29.81
CA ALA B 310 15.52 13.76 30.60
C ALA B 310 15.81 13.95 32.08
N GLN B 311 16.96 14.54 32.41
CA GLN B 311 17.29 14.79 33.81
C GLN B 311 16.38 15.84 34.42
N MET B 312 16.11 16.92 33.68
CA MET B 312 15.27 17.98 34.22
C MET B 312 13.83 17.53 34.41
N PHE B 313 13.28 16.80 33.43
CA PHE B 313 11.88 16.39 33.53
C PHE B 313 11.70 15.29 34.58
N SER B 314 12.67 14.38 34.70
CA SER B 314 12.61 13.39 35.78
C SER B 314 12.73 14.05 37.14
N ASP B 315 13.56 15.08 37.26
CA ASP B 315 13.64 15.85 38.49
C ASP B 315 12.32 16.54 38.79
N MET B 316 11.64 17.05 37.75
CA MET B 316 10.39 17.76 37.95
C MET B 316 9.28 16.83 38.44
N VAL B 317 9.28 15.58 37.98
CA VAL B 317 8.22 14.66 38.37
C VAL B 317 8.41 14.17 39.81
N LEU B 318 9.64 13.90 40.21
CA LEU B 318 9.90 13.33 41.53
C LEU B 318 10.10 14.40 42.60
N LYS B 319 10.72 15.53 42.25
CA LYS B 319 11.07 16.53 43.26
C LYS B 319 10.16 17.75 43.27
N ASP B 320 9.43 18.02 42.18
CA ASP B 320 8.60 19.21 42.09
C ASP B 320 7.13 18.89 41.85
N GLY B 321 6.75 17.62 41.88
CA GLY B 321 5.35 17.26 41.77
C GLY B 321 4.73 17.43 40.40
N PHE B 322 5.51 17.23 39.34
CA PHE B 322 4.97 17.27 37.99
C PHE B 322 4.22 15.98 37.69
N GLN B 323 3.02 16.11 37.13
CA GLN B 323 2.16 14.96 36.82
C GLN B 323 1.65 15.11 35.39
N PRO B 324 2.44 14.66 34.40
CA PRO B 324 1.96 14.69 33.02
C PRO B 324 0.90 13.62 32.78
N SER B 325 -0.13 13.99 32.01
CA SER B 325 -1.19 13.03 31.70
C SER B 325 -0.68 11.92 30.77
N ARG B 326 -0.03 12.30 29.69
CA ARG B 326 0.57 11.35 28.76
C ARG B 326 2.05 11.17 29.07
N SER B 327 2.62 10.10 28.51
CA SER B 327 4.01 9.76 28.80
C SER B 327 4.96 10.53 27.90
N ILE B 328 6.24 10.42 28.22
CA ILE B 328 7.32 11.07 27.46
C ILE B 328 8.40 10.03 27.21
N ILE B 329 8.82 9.92 25.95
CA ILE B 329 9.85 8.95 25.56
C ILE B 329 11.08 9.71 25.06
N PHE B 330 12.23 9.38 25.64
CA PHE B 330 13.52 9.92 25.20
C PHE B 330 14.27 8.83 24.46
N ALA B 331 14.74 9.15 23.25
CA ALA B 331 15.37 8.16 22.38
C ALA B 331 16.68 8.70 21.83
N SER B 332 17.70 7.85 21.84
CA SER B 332 19.02 8.18 21.30
C SER B 332 19.30 7.21 20.16
N TRP B 333 19.05 7.64 18.94
CA TRP B 333 19.21 6.78 17.77
C TRP B 333 20.69 6.65 17.42
N SER B 334 21.00 5.61 16.64
CA SER B 334 22.31 5.41 16.04
C SER B 334 22.17 5.37 14.52
N ALA B 335 23.31 5.28 13.83
CA ALA B 335 23.35 5.25 12.37
C ALA B 335 22.62 6.45 11.78
N GLY B 336 22.78 7.61 12.42
CA GLY B 336 22.11 8.82 11.96
C GLY B 336 22.74 9.48 10.76
N ASP B 337 24.05 9.28 10.55
CA ASP B 337 24.69 9.87 9.39
C ASP B 337 24.20 9.22 8.10
N PHE B 338 23.77 7.97 8.19
CA PHE B 338 23.15 7.30 7.06
C PHE B 338 21.69 7.76 7.00
N GLY B 339 20.87 7.10 6.19
CA GLY B 339 19.50 7.53 6.03
C GLY B 339 18.63 7.42 7.27
N SER B 340 18.92 8.22 8.31
CA SER B 340 18.13 8.26 9.53
C SER B 340 17.74 6.85 9.99
N VAL B 341 18.73 5.96 9.95
CA VAL B 341 18.46 4.53 10.01
C VAL B 341 17.93 4.12 11.39
N GLY B 342 18.55 4.62 12.45
CA GLY B 342 18.12 4.22 13.79
C GLY B 342 16.68 4.57 14.09
N ALA B 343 16.24 5.74 13.64
CA ALA B 343 14.86 6.16 13.89
C ALA B 343 13.88 5.46 12.94
N THR B 344 14.28 5.24 11.69
CA THR B 344 13.38 4.63 10.72
C THR B 344 13.09 3.17 11.05
N GLU B 345 14.11 2.43 11.49
CA GLU B 345 13.91 1.03 11.84
C GLU B 345 12.99 0.88 13.05
N TRP B 346 13.03 1.85 13.97
CA TRP B 346 12.11 1.83 15.10
C TRP B 346 10.66 2.03 14.63
N LEU B 347 10.44 2.98 13.72
CA LEU B 347 9.11 3.20 13.18
C LEU B 347 8.63 2.00 12.37
N GLU B 348 9.51 1.46 11.51
CA GLU B 348 9.14 0.32 10.68
C GLU B 348 8.92 -0.95 11.50
N GLY B 349 9.45 -1.01 12.71
CA GLY B 349 9.35 -2.20 13.52
C GLY B 349 8.15 -2.23 14.44
N TYR B 350 7.87 -1.09 15.09
CA TYR B 350 6.81 -0.99 16.09
C TYR B 350 5.65 -0.12 15.61
N LEU B 351 5.41 -0.09 14.29
CA LEU B 351 4.36 0.77 13.75
C LEU B 351 2.99 0.40 14.30
N SER B 352 2.73 -0.90 14.50
CA SER B 352 1.44 -1.32 15.03
C SER B 352 1.24 -0.88 16.47
N SER B 353 2.30 -0.84 17.27
CA SER B 353 2.17 -0.55 18.69
C SER B 353 2.16 0.94 19.00
N LEU B 354 2.40 1.80 18.01
CA LEU B 354 2.28 3.25 18.18
C LEU B 354 1.40 3.87 17.10
N HIS B 355 0.39 3.12 16.65
CA HIS B 355 -0.43 3.58 15.53
C HIS B 355 -1.13 4.89 15.86
N LEU B 356 -1.86 4.92 16.98
CA LEU B 356 -2.58 6.11 17.42
C LEU B 356 -2.24 6.42 18.87
N LYS B 357 -0.98 6.18 19.25
CA LYS B 357 -0.50 6.43 20.61
C LYS B 357 0.57 7.52 20.65
N ALA B 358 1.53 7.50 19.74
CA ALA B 358 2.54 8.54 19.65
C ALA B 358 2.01 9.67 18.78
N PHE B 359 1.89 10.86 19.38
CA PHE B 359 1.22 11.97 18.71
C PHE B 359 2.12 13.16 18.44
N THR B 360 3.40 13.09 18.78
CA THR B 360 4.34 14.18 18.47
C THR B 360 5.76 13.66 18.62
N TYR B 361 6.63 14.06 17.69
CA TYR B 361 8.05 13.79 17.77
C TYR B 361 8.82 15.10 17.74
N ILE B 362 9.78 15.25 18.65
CA ILE B 362 10.63 16.43 18.74
C ILE B 362 12.05 16.01 18.45
N ASN B 363 12.69 16.69 17.51
CA ASN B 363 14.03 16.34 17.04
C ASN B 363 15.02 17.41 17.51
N LEU B 364 15.99 16.99 18.32
CA LEU B 364 16.99 17.90 18.87
C LEU B 364 18.26 17.96 18.04
N ASP B 365 18.31 17.29 16.89
CA ASP B 365 19.54 17.21 16.11
C ASP B 365 19.92 18.58 15.54
N LYS B 366 21.19 18.95 15.72
CA LYS B 366 21.76 20.19 15.19
C LYS B 366 20.94 21.41 15.61
N ALA B 367 20.54 21.43 16.88
CA ALA B 367 19.74 22.53 17.40
C ALA B 367 20.58 23.78 17.63
N VAL B 368 21.90 23.64 17.73
CA VAL B 368 22.81 24.77 17.92
C VAL B 368 23.83 24.73 16.80
N LEU B 369 23.76 25.70 15.89
CA LEU B 369 24.70 25.81 14.78
C LEU B 369 25.22 27.24 14.68
N GLY B 370 24.41 28.19 15.09
CA GLY B 370 24.79 29.59 15.11
C GLY B 370 24.01 30.32 16.17
N THR B 371 23.85 31.63 15.99
CA THR B 371 23.11 32.43 16.95
C THR B 371 22.22 33.51 16.33
N SER B 372 22.31 33.76 15.02
CA SER B 372 21.55 34.85 14.42
C SER B 372 20.05 34.52 14.38
N ASN B 373 19.68 33.45 13.70
CA ASN B 373 18.29 33.14 13.42
C ASN B 373 17.83 31.93 14.23
N PHE B 374 16.52 31.85 14.40
CA PHE B 374 15.83 30.71 15.01
C PHE B 374 14.89 30.14 13.96
N LYS B 375 15.28 29.01 13.36
CA LYS B 375 14.54 28.38 12.29
C LYS B 375 13.75 27.19 12.80
N VAL B 376 12.61 26.93 12.16
CA VAL B 376 11.72 25.85 12.54
C VAL B 376 11.13 25.23 11.27
N SER B 377 11.11 23.91 11.22
CA SER B 377 10.39 23.15 10.19
C SER B 377 9.58 22.08 10.90
N ALA B 378 8.27 22.08 10.67
CA ALA B 378 7.39 21.23 11.46
C ALA B 378 6.07 21.03 10.75
N SER B 379 5.26 20.11 11.29
CA SER B 379 3.91 19.91 10.81
C SER B 379 3.03 21.09 11.23
N PRO B 380 2.04 21.44 10.42
CA PRO B 380 1.16 22.57 10.78
C PRO B 380 0.41 22.38 12.08
N LEU B 381 0.16 21.14 12.50
CA LEU B 381 -0.55 20.90 13.76
C LEU B 381 0.18 21.49 14.96
N LEU B 382 1.50 21.67 14.87
CA LEU B 382 2.32 22.21 15.93
C LEU B 382 2.68 23.67 15.74
N TYR B 383 2.13 24.32 14.70
CA TYR B 383 2.44 25.72 14.45
C TYR B 383 1.97 26.61 15.60
N THR B 384 0.76 26.37 16.11
CA THR B 384 0.25 27.18 17.21
C THR B 384 1.07 26.98 18.47
N LEU B 385 1.46 25.73 18.77
CA LEU B 385 2.32 25.47 19.91
C LEU B 385 3.68 26.15 19.75
N ILE B 386 4.23 26.09 18.53
CA ILE B 386 5.52 26.75 18.28
C ILE B 386 5.37 28.27 18.42
N GLU B 387 4.26 28.82 17.96
CA GLU B 387 4.05 30.27 18.07
C GLU B 387 3.88 30.68 19.53
N LYS B 388 3.13 29.90 20.31
CA LYS B 388 2.96 30.21 21.72
C LYS B 388 4.29 30.11 22.48
N THR B 389 5.16 29.19 22.07
CA THR B 389 6.45 29.06 22.74
C THR B 389 7.36 30.24 22.43
N MET B 390 7.36 30.71 21.18
CA MET B 390 8.21 31.84 20.79
C MET B 390 7.80 33.14 21.44
N GLN B 391 6.62 33.21 22.06
CA GLN B 391 6.13 34.46 22.67
C GLN B 391 6.55 34.60 24.13
N ASN B 392 7.16 33.57 24.72
CA ASN B 392 7.65 33.65 26.09
C ASN B 392 8.95 32.89 26.26
N VAL B 393 9.80 32.88 25.22
CA VAL B 393 11.14 32.31 25.28
C VAL B 393 12.08 33.34 24.67
N LYS B 394 13.06 33.79 25.46
CA LYS B 394 13.91 34.91 25.08
C LYS B 394 15.13 34.44 24.28
N HIS B 395 15.51 35.25 23.30
CA HIS B 395 16.69 34.96 22.51
C HIS B 395 17.94 34.95 23.39
N PRO B 396 18.88 34.02 23.18
CA PRO B 396 20.06 33.96 24.06
C PRO B 396 20.91 35.23 24.05
N VAL B 397 21.10 35.86 22.89
CA VAL B 397 21.98 37.02 22.79
C VAL B 397 21.20 38.30 23.00
N THR B 398 20.22 38.55 22.14
CA THR B 398 19.50 39.83 22.18
C THR B 398 18.70 39.99 23.45
N GLY B 399 18.22 38.89 24.04
CA GLY B 399 17.29 38.97 25.15
C GLY B 399 15.87 39.28 24.76
N GLN B 400 15.62 39.60 23.50
CA GLN B 400 14.26 39.81 23.01
C GLN B 400 13.57 38.48 22.75
N PHE B 401 12.25 38.52 22.68
CA PHE B 401 11.47 37.32 22.42
C PHE B 401 11.75 36.78 21.03
N LEU B 402 11.59 35.45 20.88
CA LEU B 402 11.79 34.83 19.58
C LEU B 402 10.69 35.23 18.60
N TYR B 403 9.47 35.46 19.09
CA TYR B 403 8.37 35.86 18.24
C TYR B 403 8.58 37.31 17.81
N GLN B 404 9.10 37.49 16.60
CA GLN B 404 9.31 38.82 16.03
C GLN B 404 8.64 39.00 14.67
N ASP B 405 8.39 37.93 13.93
CA ASP B 405 7.69 37.98 12.65
C ASP B 405 6.29 37.43 12.86
N SER B 406 5.28 38.27 12.62
CA SER B 406 3.90 37.83 12.75
C SER B 406 3.45 36.96 11.59
N ASN B 407 4.08 37.10 10.42
CA ASN B 407 3.82 36.25 9.26
C ASN B 407 4.88 35.16 9.12
N TRP B 408 5.33 34.60 10.25
CA TRP B 408 6.40 33.62 10.23
C TRP B 408 5.95 32.28 9.64
N ALA B 409 4.69 31.91 9.85
CA ALA B 409 4.22 30.59 9.42
C ALA B 409 4.18 30.48 7.90
N SER B 410 3.94 31.59 7.20
CA SER B 410 3.93 31.57 5.74
C SER B 410 5.31 31.40 5.14
N LYS B 411 6.37 31.52 5.94
CA LYS B 411 7.75 31.41 5.46
C LYS B 411 8.41 30.10 5.87
N VAL B 412 7.67 29.19 6.51
CA VAL B 412 8.25 27.93 6.96
C VAL B 412 8.47 27.00 5.77
N GLU B 413 9.60 26.31 5.76
CA GLU B 413 9.90 25.30 4.76
C GLU B 413 9.61 23.91 5.32
N LYS B 414 9.25 22.98 4.45
CA LYS B 414 8.90 21.65 4.89
C LYS B 414 10.14 20.84 5.24
N LEU B 415 9.94 19.79 6.03
CA LEU B 415 11.05 18.95 6.47
C LEU B 415 11.70 18.25 5.29
N THR B 416 13.02 18.16 5.32
CA THR B 416 13.79 17.58 4.23
C THR B 416 14.18 16.14 4.55
N LEU B 417 14.74 15.48 3.54
CA LEU B 417 15.04 14.05 3.66
C LEU B 417 16.10 13.78 4.73
N ASP B 418 17.06 14.69 4.91
CA ASP B 418 18.13 14.48 5.86
C ASP B 418 17.71 14.69 7.31
N ASN B 419 16.49 15.17 7.55
CA ASN B 419 16.04 15.46 8.90
C ASN B 419 15.41 14.21 9.51
N ALA B 420 15.81 13.89 10.74
CA ALA B 420 15.30 12.70 11.41
C ALA B 420 13.81 12.81 11.74
N ALA B 421 13.27 14.03 11.76
CA ALA B 421 11.84 14.20 12.00
C ALA B 421 11.00 13.99 10.75
N PHE B 422 11.65 13.86 9.57
CA PHE B 422 10.89 13.65 8.34
C PHE B 422 10.19 12.30 8.30
N PRO B 423 10.83 11.16 8.61
CA PRO B 423 10.10 9.89 8.55
C PRO B 423 8.98 9.78 9.57
N PHE B 424 9.09 10.45 10.72
CA PHE B 424 8.00 10.45 11.69
C PHE B 424 6.74 11.06 11.10
N LEU B 425 6.88 12.14 10.33
CA LEU B 425 5.74 12.86 9.77
C LEU B 425 5.29 12.29 8.42
N ALA B 426 6.23 11.98 7.53
CA ALA B 426 5.89 11.59 6.18
C ALA B 426 5.55 10.11 6.04
N TYR B 427 6.00 9.27 6.98
CA TYR B 427 5.79 7.83 6.90
C TYR B 427 4.83 7.30 7.94
N SER B 428 5.01 7.68 9.21
CA SER B 428 4.17 7.16 10.28
C SER B 428 2.98 8.06 10.61
N GLY B 429 2.91 9.25 10.02
CA GLY B 429 1.81 10.16 10.31
C GLY B 429 1.85 10.75 11.70
N ILE B 430 3.03 10.92 12.28
CA ILE B 430 3.19 11.51 13.60
C ILE B 430 3.67 12.95 13.42
N PRO B 431 2.99 13.94 13.98
CA PRO B 431 3.46 15.32 13.86
C PRO B 431 4.85 15.48 14.46
N ALA B 432 5.72 16.19 13.73
CA ALA B 432 7.12 16.30 14.11
C ALA B 432 7.55 17.76 14.11
N VAL B 433 8.65 18.02 14.82
CA VAL B 433 9.22 19.35 14.93
C VAL B 433 10.74 19.24 14.91
N SER B 434 11.39 20.06 14.08
CA SER B 434 12.84 20.23 14.13
C SER B 434 13.11 21.72 14.19
N PHE B 435 13.96 22.13 15.12
CA PHE B 435 14.26 23.53 15.34
C PHE B 435 15.74 23.69 15.64
N CYS B 436 16.24 24.90 15.43
CA CYS B 436 17.65 25.17 15.64
C CYS B 436 17.90 26.66 15.71
N PHE B 437 18.90 27.04 16.50
CA PHE B 437 19.49 28.36 16.45
C PHE B 437 20.67 28.30 15.49
N CYS B 438 20.55 28.96 14.35
CA CYS B 438 21.55 28.85 13.29
C CYS B 438 21.71 30.19 12.61
N GLU B 439 22.68 30.26 11.70
CA GLU B 439 22.94 31.45 10.92
C GLU B 439 22.59 31.20 9.46
N ASP B 440 22.60 32.28 8.67
CA ASP B 440 22.21 32.21 7.27
C ASP B 440 23.14 31.35 6.42
N THR B 441 24.29 30.93 6.95
CA THR B 441 25.21 30.07 6.24
C THR B 441 25.33 28.73 6.94
N ASP B 442 25.60 27.68 6.16
CA ASP B 442 25.71 26.34 6.72
C ASP B 442 26.91 26.24 7.64
N TYR B 443 26.76 25.50 8.74
CA TYR B 443 27.87 25.19 9.62
C TYR B 443 28.92 24.44 8.82
N PRO B 444 30.08 25.03 8.58
CA PRO B 444 30.99 24.47 7.57
C PRO B 444 31.58 23.13 7.94
N TYR B 445 31.79 22.86 9.23
CA TYR B 445 32.51 21.68 9.68
C TYR B 445 31.61 20.46 9.86
N LEU B 446 30.34 20.54 9.48
CA LEU B 446 29.46 19.39 9.58
C LEU B 446 29.93 18.29 8.64
N GLY B 447 29.97 17.05 9.15
CA GLY B 447 30.42 15.93 8.36
C GLY B 447 31.92 15.88 8.09
N THR B 448 32.70 16.67 8.82
CA THR B 448 34.15 16.70 8.66
C THR B 448 34.82 16.29 9.97
N THR B 449 36.15 16.17 9.91
CA THR B 449 36.94 15.91 11.10
C THR B 449 37.14 17.15 11.96
N MET B 450 36.64 18.30 11.52
CA MET B 450 36.76 19.54 12.27
C MET B 450 35.50 19.88 13.04
N ASP B 451 34.55 18.95 13.14
CA ASP B 451 33.34 19.15 13.95
C ASP B 451 33.63 18.81 15.41
N THR B 452 34.63 19.49 15.96
CA THR B 452 35.08 19.28 17.33
C THR B 452 34.42 20.29 18.27
N TYR B 453 34.56 20.02 19.57
CA TYR B 453 34.06 20.97 20.57
C TYR B 453 34.81 22.29 20.48
N LYS B 454 36.14 22.23 20.26
CA LYS B 454 36.95 23.43 20.20
C LYS B 454 36.48 24.38 19.12
N GLU B 455 36.13 23.86 17.95
CA GLU B 455 35.64 24.71 16.88
C GLU B 455 34.22 25.20 17.15
N LEU B 456 33.44 24.46 17.94
CA LEU B 456 32.06 24.85 18.18
C LEU B 456 31.97 25.95 19.23
N ILE B 457 32.76 25.87 20.30
CA ILE B 457 32.73 26.90 21.32
C ILE B 457 33.46 28.15 20.85
N GLU B 458 34.45 27.99 19.97
CA GLU B 458 35.16 29.14 19.42
C GLU B 458 34.25 29.96 18.50
N ARG B 459 33.39 29.28 17.73
CA ARG B 459 32.47 29.99 16.85
C ARG B 459 31.22 30.45 17.60
N ILE B 460 30.78 29.71 18.60
CA ILE B 460 29.63 30.08 19.41
C ILE B 460 30.09 30.22 20.86
N PRO B 461 30.57 31.40 21.28
CA PRO B 461 31.06 31.53 22.66
C PRO B 461 29.99 31.34 23.72
N GLU B 462 28.77 31.81 23.48
CA GLU B 462 27.67 31.62 24.43
C GLU B 462 26.96 30.29 24.23
N LEU B 463 27.71 29.21 24.04
CA LEU B 463 27.11 27.91 23.75
C LEU B 463 26.18 27.45 24.86
N ASN B 464 26.51 27.77 26.12
CA ASN B 464 25.69 27.33 27.23
C ASN B 464 24.34 28.03 27.24
N LYS B 465 24.33 29.35 27.04
CA LYS B 465 23.08 30.09 27.00
C LYS B 465 22.26 29.74 25.76
N VAL B 466 22.92 29.41 24.65
CA VAL B 466 22.20 29.03 23.43
C VAL B 466 21.60 27.63 23.59
N ALA B 467 22.40 26.69 24.10
CA ALA B 467 21.88 25.34 24.35
C ALA B 467 20.81 25.36 25.43
N ARG B 468 20.84 26.35 26.32
CA ARG B 468 19.78 26.45 27.33
C ARG B 468 18.46 26.89 26.71
N ALA B 469 18.51 27.87 25.81
CA ALA B 469 17.29 28.31 25.14
C ALA B 469 16.75 27.24 24.21
N ALA B 470 17.64 26.50 23.54
CA ALA B 470 17.20 25.37 22.73
C ALA B 470 16.52 24.31 23.59
N ALA B 471 17.03 24.08 24.79
CA ALA B 471 16.38 23.15 25.70
C ALA B 471 15.09 23.71 26.26
N GLU B 472 15.01 25.03 26.47
CA GLU B 472 13.79 25.64 26.95
C GLU B 472 12.67 25.53 25.92
N VAL B 473 13.01 25.64 24.63
CA VAL B 473 12.02 25.50 23.58
C VAL B 473 11.47 24.08 23.55
N ALA B 474 12.37 23.09 23.55
CA ALA B 474 11.93 21.70 23.56
C ALA B 474 11.25 21.34 24.88
N GLY B 475 11.65 21.96 25.98
CA GLY B 475 11.00 21.70 27.25
C GLY B 475 9.56 22.18 27.29
N GLN B 476 9.33 23.41 26.80
CA GLN B 476 7.97 23.93 26.75
C GLN B 476 7.10 23.13 25.78
N PHE B 477 7.70 22.60 24.72
CA PHE B 477 6.96 21.72 23.82
C PHE B 477 6.41 20.51 24.57
N VAL B 478 7.25 19.87 25.37
CA VAL B 478 6.85 18.65 26.07
C VAL B 478 5.77 18.96 27.11
N ILE B 479 5.93 20.06 27.86
CA ILE B 479 5.00 20.37 28.93
C ILE B 479 3.61 20.67 28.37
N LYS B 480 3.54 21.48 27.31
CA LYS B 480 2.25 21.86 26.75
C LYS B 480 1.51 20.65 26.18
N LEU B 481 2.23 19.62 25.75
CA LEU B 481 1.62 18.45 25.13
C LEU B 481 1.20 17.38 26.13
N THR B 482 1.55 17.53 27.41
CA THR B 482 1.38 16.45 28.37
C THR B 482 0.64 16.84 29.65
N HIS B 483 0.56 18.13 30.01
CA HIS B 483 0.02 18.48 31.31
C HIS B 483 -1.48 18.77 31.29
N ASP B 484 -1.99 19.38 30.23
CA ASP B 484 -3.39 19.74 30.13
C ASP B 484 -4.21 18.61 29.51
N VAL B 485 -5.51 18.63 29.77
CA VAL B 485 -6.42 17.69 29.14
C VAL B 485 -6.55 17.89 27.64
N GLU B 486 -6.06 19.02 27.13
CA GLU B 486 -6.00 19.29 25.71
C GLU B 486 -4.58 19.08 25.21
N LEU B 487 -4.46 18.51 24.01
CA LEU B 487 -3.16 18.19 23.43
C LEU B 487 -2.44 19.41 22.86
N ASN B 488 -3.08 20.57 22.83
CA ASN B 488 -2.54 21.80 22.23
C ASN B 488 -2.20 21.64 20.76
N LEU B 489 -2.61 20.53 20.14
CA LEU B 489 -2.49 20.36 18.70
C LEU B 489 -3.59 21.17 18.01
N ASP B 490 -3.20 21.98 17.03
CA ASP B 490 -4.14 22.86 16.34
C ASP B 490 -4.45 22.25 14.98
N TYR B 491 -5.62 21.61 14.87
CA TYR B 491 -6.05 21.04 13.61
C TYR B 491 -6.50 22.10 12.61
N GLU B 492 -6.86 23.29 13.08
CA GLU B 492 -7.30 24.35 12.18
C GLU B 492 -6.19 24.86 11.28
N ARG B 493 -4.93 24.55 11.61
CA ARG B 493 -3.80 25.05 10.81
C ARG B 493 -3.78 24.48 9.41
N TYR B 494 -4.49 23.37 9.16
CA TYR B 494 -4.53 22.79 7.82
C TYR B 494 -5.52 23.48 6.90
N ASN B 495 -6.36 24.37 7.42
CA ASN B 495 -7.25 25.15 6.56
C ASN B 495 -6.45 26.06 5.64
N SER B 496 -5.39 26.67 6.17
CA SER B 496 -4.51 27.49 5.33
C SER B 496 -3.74 26.64 4.33
N GLN B 497 -3.33 25.44 4.74
CA GLN B 497 -2.60 24.56 3.83
C GLN B 497 -3.47 24.13 2.66
N LEU B 498 -4.73 23.77 2.93
CA LEU B 498 -5.64 23.40 1.86
C LEU B 498 -5.98 24.60 0.97
N LEU B 499 -6.22 25.76 1.59
CA LEU B 499 -6.54 26.96 0.82
C LEU B 499 -5.39 27.35 -0.10
N SER B 500 -4.15 27.17 0.36
CA SER B 500 -3.00 27.45 -0.50
C SER B 500 -2.95 26.48 -1.67
N PHE B 501 -3.37 25.23 -1.48
CA PHE B 501 -3.38 24.25 -2.56
C PHE B 501 -4.45 24.60 -3.59
N VAL B 502 -5.62 25.02 -3.14
CA VAL B 502 -6.70 25.37 -4.05
C VAL B 502 -6.35 26.62 -4.84
N ARG B 503 -5.73 27.61 -4.19
CA ARG B 503 -5.32 28.83 -4.88
C ARG B 503 -4.27 28.51 -5.96
N ASP B 504 -3.28 27.69 -5.61
CA ASP B 504 -2.29 27.29 -6.60
C ASP B 504 -2.92 26.50 -7.73
N LEU B 505 -3.91 25.66 -7.41
CA LEU B 505 -4.58 24.87 -8.44
C LEU B 505 -5.50 25.73 -9.30
N ASN B 506 -6.04 26.82 -8.74
CA ASN B 506 -6.91 27.69 -9.52
C ASN B 506 -6.16 28.39 -10.65
N GLN B 507 -4.83 28.44 -10.57
CA GLN B 507 -4.03 29.02 -11.64
C GLN B 507 -4.12 28.23 -12.94
N TYR B 508 -4.45 26.94 -12.85
CA TYR B 508 -4.59 26.07 -14.02
C TYR B 508 -6.05 25.75 -14.36
N ARG B 509 -6.97 26.67 -14.03
CA ARG B 509 -8.37 26.44 -14.35
C ARG B 509 -8.59 26.33 -15.85
N ALA B 510 -7.74 26.96 -16.65
CA ALA B 510 -7.86 26.84 -18.10
C ALA B 510 -7.57 25.41 -18.56
N ASP B 511 -6.51 24.80 -18.02
CA ASP B 511 -6.19 23.42 -18.37
C ASP B 511 -7.25 22.44 -17.88
N ILE B 512 -7.81 22.69 -16.69
CA ILE B 512 -8.78 21.76 -16.11
C ILE B 512 -10.06 21.72 -16.94
N LYS B 513 -10.57 22.89 -17.31
CA LYS B 513 -11.77 22.95 -18.13
C LYS B 513 -11.53 22.36 -19.52
N GLU B 514 -10.30 22.48 -20.03
CA GLU B 514 -10.00 22.05 -21.39
C GLU B 514 -9.92 20.52 -21.51
N MET B 515 -9.67 19.80 -20.43
CA MET B 515 -9.75 18.34 -20.43
C MET B 515 -11.10 17.82 -19.95
N GLY B 516 -12.10 18.69 -19.82
CA GLY B 516 -13.40 18.26 -19.37
C GLY B 516 -13.50 17.91 -17.90
N LEU B 517 -12.68 18.53 -17.06
CA LEU B 517 -12.70 18.30 -15.62
C LEU B 517 -13.20 19.53 -14.90
N SER B 518 -13.40 19.40 -13.58
CA SER B 518 -13.95 20.48 -12.78
C SER B 518 -13.34 20.45 -11.39
N LEU B 519 -13.03 21.63 -10.86
CA LEU B 519 -12.51 21.78 -9.52
C LEU B 519 -13.61 21.94 -8.46
N GLN B 520 -14.88 21.74 -8.84
CA GLN B 520 -15.97 22.00 -7.91
C GLN B 520 -16.00 21.02 -6.74
N TRP B 521 -15.59 19.77 -6.96
CA TRP B 521 -15.58 18.80 -5.87
C TRP B 521 -14.40 19.00 -4.94
N LEU B 522 -13.29 19.54 -5.45
CA LEU B 522 -12.19 19.93 -4.58
C LEU B 522 -12.53 21.16 -3.77
N TYR B 523 -13.33 22.07 -4.35
CA TYR B 523 -13.87 23.18 -3.60
C TYR B 523 -14.72 22.69 -2.44
N SER B 524 -15.58 21.70 -2.69
CA SER B 524 -16.44 21.14 -1.64
C SER B 524 -15.61 20.48 -0.53
N ALA B 525 -14.52 19.81 -0.90
CA ALA B 525 -13.71 19.13 0.11
C ALA B 525 -12.99 20.13 1.01
N ARG B 526 -12.49 21.22 0.43
CA ARG B 526 -11.82 22.25 1.24
C ARG B 526 -12.79 22.85 2.24
N GLY B 527 -14.04 23.09 1.83
CA GLY B 527 -15.03 23.64 2.75
C GLY B 527 -15.49 22.62 3.77
N ASP B 528 -15.66 21.36 3.36
CA ASP B 528 -16.08 20.32 4.30
C ASP B 528 -15.04 20.08 5.38
N PHE B 529 -13.75 20.25 5.05
CA PHE B 529 -12.72 20.13 6.08
C PHE B 529 -12.75 21.31 7.02
N PHE B 530 -13.06 22.50 6.49
CA PHE B 530 -13.17 23.68 7.34
C PHE B 530 -14.31 23.53 8.33
N ARG B 531 -15.46 23.01 7.85
CA ARG B 531 -16.60 22.78 8.75
C ARG B 531 -16.31 21.68 9.75
N ALA B 532 -15.51 20.69 9.39
CA ALA B 532 -15.15 19.63 10.33
C ALA B 532 -14.29 20.16 11.45
N THR B 533 -13.38 21.08 11.16
CA THR B 533 -12.56 21.67 12.21
C THR B 533 -13.37 22.62 13.08
N SER B 534 -14.35 23.32 12.50
CA SER B 534 -15.22 24.18 13.30
C SER B 534 -16.13 23.36 14.20
N ARG B 535 -16.61 22.21 13.72
CA ARG B 535 -17.44 21.36 14.57
C ARG B 535 -16.65 20.77 15.72
N LEU B 536 -15.38 20.43 15.48
CA LEU B 536 -14.56 19.87 16.55
C LEU B 536 -14.18 20.95 17.57
N THR B 537 -13.93 22.17 17.10
CA THR B 537 -13.67 23.28 18.02
C THR B 537 -14.92 23.59 18.84
N THR B 538 -16.10 23.53 18.23
CA THR B 538 -17.34 23.70 18.97
C THR B 538 -17.51 22.61 20.00
N ASP B 539 -17.25 21.36 19.63
CA ASP B 539 -17.35 20.26 20.58
C ASP B 539 -16.39 20.43 21.75
N PHE B 540 -15.18 20.94 21.47
CA PHE B 540 -14.24 21.24 22.55
C PHE B 540 -14.73 22.38 23.43
N GLY B 541 -15.47 23.33 22.85
CA GLY B 541 -15.98 24.43 23.66
C GLY B 541 -17.05 23.97 24.63
N ASN B 542 -18.04 23.24 24.12
CA ASN B 542 -19.12 22.72 24.96
C ASN B 542 -18.69 21.53 25.81
N ALA B 543 -17.43 21.14 25.76
CA ALA B 543 -16.97 19.96 26.49
C ALA B 543 -16.79 20.27 27.97
N GLU B 544 -17.25 19.35 28.81
CA GLU B 544 -17.01 19.43 30.25
C GLU B 544 -15.56 19.02 30.47
N LYS B 545 -14.70 20.00 30.76
CA LYS B 545 -13.26 19.75 30.85
C LYS B 545 -12.91 18.69 31.88
N THR B 546 -13.77 18.48 32.88
CA THR B 546 -13.53 17.46 33.89
C THR B 546 -13.99 16.07 33.44
N ASP B 547 -14.88 16.00 32.45
CA ASP B 547 -15.38 14.72 31.94
C ASP B 547 -14.27 14.05 31.13
N ARG B 548 -13.66 13.02 31.73
CA ARG B 548 -12.53 12.36 31.08
C ARG B 548 -12.94 11.63 29.81
N PHE B 549 -14.18 11.16 29.72
CA PHE B 549 -14.59 10.40 28.55
C PHE B 549 -14.79 11.29 27.33
N VAL B 550 -15.49 12.41 27.50
CA VAL B 550 -15.74 13.30 26.35
C VAL B 550 -14.44 13.91 25.86
N MET B 551 -13.47 14.12 26.76
CA MET B 551 -12.20 14.72 26.35
C MET B 551 -11.40 13.74 25.50
N LYS B 552 -11.28 12.50 25.96
CA LYS B 552 -10.56 11.51 25.16
C LYS B 552 -11.35 11.07 23.93
N LYS B 553 -12.68 11.24 23.95
CA LYS B 553 -13.46 11.05 22.73
C LYS B 553 -13.12 12.12 21.69
N LEU B 554 -12.89 13.35 22.14
CA LEU B 554 -12.51 14.42 21.22
C LEU B 554 -11.02 14.37 20.89
N ASN B 555 -10.19 14.00 21.86
CA ASN B 555 -8.75 13.89 21.60
C ASN B 555 -8.44 12.76 20.62
N ASP B 556 -9.22 11.68 20.65
CA ASP B 556 -9.00 10.60 19.69
C ASP B 556 -9.27 11.07 18.26
N ARG B 557 -10.16 12.06 18.08
CA ARG B 557 -10.36 12.62 16.75
C ARG B 557 -9.20 13.51 16.33
N VAL B 558 -8.51 14.13 17.30
CA VAL B 558 -7.38 14.97 16.97
C VAL B 558 -6.17 14.13 16.59
N MET B 559 -5.93 13.04 17.32
CA MET B 559 -4.80 12.16 17.03
C MET B 559 -4.94 11.44 15.70
N ARG B 560 -6.13 11.44 15.10
CA ARG B 560 -6.34 10.88 13.76
C ARG B 560 -6.17 11.90 12.65
N VAL B 561 -6.02 13.19 12.99
CA VAL B 561 -5.97 14.23 11.96
C VAL B 561 -4.75 14.04 11.07
N GLU B 562 -3.58 13.84 11.68
CA GLU B 562 -2.36 13.66 10.89
C GLU B 562 -2.37 12.31 10.16
N TYR B 563 -2.95 11.28 10.77
CA TYR B 563 -2.95 9.96 10.16
C TYR B 563 -3.81 9.93 8.90
N HIS B 564 -4.96 10.61 8.92
CA HIS B 564 -5.89 10.58 7.79
C HIS B 564 -5.36 11.30 6.55
N PHE B 565 -4.17 11.89 6.61
CA PHE B 565 -3.55 12.49 5.45
C PHE B 565 -2.52 11.59 4.78
N LEU B 566 -2.21 10.44 5.38
CA LEU B 566 -1.40 9.44 4.68
C LEU B 566 -2.25 8.79 3.60
N SER B 567 -1.71 8.71 2.39
CA SER B 567 -2.46 8.21 1.25
C SER B 567 -2.84 6.75 1.45
N PRO B 568 -4.14 6.43 1.49
CA PRO B 568 -4.55 5.03 1.66
C PRO B 568 -4.45 4.19 0.40
N TYR B 569 -3.95 4.76 -0.70
CA TYR B 569 -3.92 4.09 -1.99
C TYR B 569 -2.51 3.77 -2.45
N VAL B 570 -1.51 3.88 -1.57
CA VAL B 570 -0.12 3.68 -1.95
C VAL B 570 0.47 2.57 -1.10
N SER B 571 1.44 1.87 -1.68
CA SER B 571 2.11 0.78 -0.95
C SER B 571 3.14 1.36 0.01
N PRO B 572 2.97 1.17 1.32
CA PRO B 572 3.97 1.71 2.27
C PRO B 572 5.35 1.09 2.13
N LYS B 573 5.48 -0.04 1.44
CA LYS B 573 6.80 -0.66 1.26
C LYS B 573 7.57 0.00 0.12
N GLU B 574 6.91 0.23 -1.02
CA GLU B 574 7.57 0.77 -2.19
C GLU B 574 7.50 2.29 -2.27
N SER B 575 6.66 2.93 -1.46
CA SER B 575 6.62 4.39 -1.36
C SER B 575 6.22 4.75 0.06
N PRO B 576 7.15 4.72 1.00
CA PRO B 576 6.78 4.86 2.42
C PRO B 576 6.39 6.27 2.81
N PHE B 577 6.84 7.30 2.08
CA PHE B 577 6.53 8.68 2.41
C PHE B 577 5.16 9.01 1.82
N ARG B 578 4.12 8.55 2.52
CA ARG B 578 2.75 8.57 2.01
C ARG B 578 2.03 9.90 2.24
N HIS B 579 2.54 10.74 3.14
CA HIS B 579 1.84 11.98 3.48
C HIS B 579 1.65 12.84 2.24
N VAL B 580 0.38 13.10 1.90
CA VAL B 580 0.06 13.83 0.68
C VAL B 580 0.58 15.27 0.72
N PHE B 581 0.86 15.79 1.91
CA PHE B 581 1.39 17.14 2.05
C PHE B 581 2.92 17.16 2.09
N TRP B 582 3.54 16.24 2.84
CA TRP B 582 4.95 16.33 3.15
C TRP B 582 5.76 15.12 2.67
N GLY B 583 5.13 14.15 2.03
CA GLY B 583 5.82 12.97 1.56
C GLY B 583 6.40 13.16 0.16
N SER B 584 6.91 12.06 -0.38
CA SER B 584 7.47 12.03 -1.73
C SER B 584 6.73 10.99 -2.57
N GLY B 585 6.54 11.30 -3.84
CA GLY B 585 5.87 10.41 -4.77
C GLY B 585 4.78 11.12 -5.54
N SER B 586 4.25 10.40 -6.53
CA SER B 586 3.20 10.93 -7.39
C SER B 586 1.88 11.15 -6.65
N HIS B 587 1.75 10.63 -5.43
CA HIS B 587 0.52 10.78 -4.65
C HIS B 587 0.46 12.10 -3.89
N THR B 588 1.56 12.82 -3.79
CA THR B 588 1.60 14.07 -3.05
C THR B 588 0.90 15.18 -3.82
N LEU B 589 0.39 16.16 -3.08
CA LEU B 589 -0.25 17.31 -3.71
C LEU B 589 0.71 18.12 -4.58
N PRO B 590 1.97 18.37 -4.19
CA PRO B 590 2.88 19.04 -5.14
C PRO B 590 3.08 18.27 -6.43
N ALA B 591 3.08 16.93 -6.38
CA ALA B 591 3.23 16.14 -7.60
C ALA B 591 2.05 16.37 -8.55
N LEU B 592 0.85 16.56 -8.00
CA LEU B 592 -0.30 16.89 -8.84
C LEU B 592 -0.08 18.21 -9.58
N LEU B 593 0.50 19.20 -8.89
CA LEU B 593 0.74 20.49 -9.51
C LEU B 593 1.89 20.41 -10.50
N GLU B 594 2.95 19.69 -10.15
CA GLU B 594 4.11 19.58 -11.03
C GLU B 594 3.74 18.93 -12.36
N ASN B 595 2.86 17.92 -12.31
CA ASN B 595 2.41 17.29 -13.55
C ASN B 595 1.54 18.23 -14.36
N LEU B 596 0.54 18.84 -13.71
CA LEU B 596 -0.35 19.77 -14.41
C LEU B 596 0.41 20.98 -14.93
N LYS B 597 1.52 21.33 -14.30
CA LYS B 597 2.35 22.42 -14.79
C LYS B 597 2.92 22.10 -16.17
N LEU B 598 3.04 20.82 -16.51
CA LEU B 598 3.59 20.42 -17.80
C LEU B 598 2.55 20.43 -18.91
N ARG B 599 1.29 20.78 -18.62
CA ARG B 599 0.28 20.80 -19.67
C ARG B 599 0.21 22.16 -20.36
N LYS B 600 0.39 23.25 -19.61
CA LYS B 600 0.31 24.57 -20.23
C LYS B 600 1.38 24.75 -21.30
N GLN B 601 2.53 24.12 -21.11
CA GLN B 601 3.53 24.03 -22.16
C GLN B 601 3.09 22.97 -23.17
N ASN B 602 3.24 23.30 -24.45
CA ASN B 602 2.80 22.40 -25.52
C ASN B 602 3.53 21.06 -25.51
N ASN B 603 4.64 20.96 -24.79
CA ASN B 603 5.45 19.75 -24.77
C ASN B 603 4.64 18.57 -24.22
N GLY B 604 5.07 17.36 -24.58
CA GLY B 604 4.38 16.15 -24.19
C GLY B 604 4.88 15.56 -22.88
N ALA B 605 5.43 16.41 -22.02
CA ALA B 605 5.83 15.97 -20.69
C ALA B 605 4.63 15.63 -19.82
N PHE B 606 3.46 16.18 -20.11
CA PHE B 606 2.26 15.87 -19.34
C PHE B 606 1.79 14.44 -19.59
N ASN B 607 1.33 13.80 -18.52
CA ASN B 607 0.77 12.45 -18.55
C ASN B 607 -0.69 12.60 -18.08
N GLU B 608 -1.60 12.75 -19.04
CA GLU B 608 -3.01 12.94 -18.73
C GLU B 608 -3.56 11.85 -17.82
N THR B 609 -3.45 10.60 -18.25
CA THR B 609 -4.05 9.49 -17.51
C THR B 609 -3.50 9.38 -16.09
N LEU B 610 -2.25 9.79 -15.86
CA LEU B 610 -1.73 9.85 -14.50
C LEU B 610 -2.39 10.99 -13.72
N PHE B 611 -2.50 12.17 -14.33
CA PHE B 611 -3.07 13.32 -13.64
C PHE B 611 -4.52 13.06 -13.23
N ARG B 612 -5.31 12.47 -14.13
CA ARG B 612 -6.70 12.18 -13.81
C ARG B 612 -6.81 11.27 -12.58
N ASN B 613 -5.88 10.32 -12.44
CA ASN B 613 -5.87 9.50 -11.24
C ASN B 613 -5.35 10.28 -10.03
N GLN B 614 -4.34 11.14 -10.24
CA GLN B 614 -3.85 11.97 -9.16
C GLN B 614 -4.93 12.89 -8.63
N LEU B 615 -5.65 13.57 -9.52
CA LEU B 615 -6.72 14.48 -9.09
C LEU B 615 -7.83 13.71 -8.40
N ALA B 616 -8.13 12.50 -8.85
CA ALA B 616 -9.19 11.71 -8.26
C ALA B 616 -8.85 11.29 -6.83
N LEU B 617 -7.67 10.69 -6.65
CA LEU B 617 -7.31 10.15 -5.34
C LEU B 617 -7.01 11.27 -4.35
N ALA B 618 -6.41 12.37 -4.81
CA ALA B 618 -6.16 13.50 -3.93
C ALA B 618 -7.44 14.17 -3.49
N THR B 619 -8.45 14.23 -4.38
CA THR B 619 -9.72 14.83 -4.03
C THR B 619 -10.39 14.05 -2.90
N TRP B 620 -10.37 12.71 -2.97
CA TRP B 620 -11.07 11.92 -1.97
C TRP B 620 -10.27 11.79 -0.67
N THR B 621 -8.94 11.85 -0.75
CA THR B 621 -8.13 11.85 0.46
C THR B 621 -8.47 13.05 1.34
N ILE B 622 -8.71 14.20 0.73
CA ILE B 622 -9.11 15.38 1.49
C ILE B 622 -10.54 15.22 2.00
N GLN B 623 -11.45 14.80 1.12
CA GLN B 623 -12.85 14.63 1.52
C GLN B 623 -12.99 13.56 2.58
N GLY B 624 -12.17 12.50 2.53
CA GLY B 624 -12.24 11.46 3.54
C GLY B 624 -11.81 11.95 4.91
N ALA B 625 -10.72 12.72 4.96
CA ALA B 625 -10.28 13.28 6.24
C ALA B 625 -11.33 14.23 6.82
N ALA B 626 -12.06 14.93 5.96
CA ALA B 626 -13.13 15.81 6.44
C ALA B 626 -14.29 15.00 7.01
N ASN B 627 -14.68 13.93 6.31
CA ASN B 627 -15.81 13.12 6.76
C ASN B 627 -15.49 12.37 8.05
N ALA B 628 -14.23 11.96 8.22
CA ALA B 628 -13.84 11.27 9.45
C ALA B 628 -13.76 12.23 10.63
N LEU B 629 -13.41 13.50 10.38
CA LEU B 629 -13.31 14.48 11.44
C LEU B 629 -14.67 15.04 11.85
N SER B 630 -15.67 14.98 10.97
CA SER B 630 -16.99 15.53 11.30
C SER B 630 -17.62 14.79 12.46
N GLY B 631 -17.37 13.49 12.61
CA GLY B 631 -17.95 12.72 13.68
C GLY B 631 -18.34 11.31 13.25
N ASP B 632 -19.54 10.88 13.62
CA ASP B 632 -20.00 9.56 13.24
C ASP B 632 -20.28 9.50 11.75
N VAL B 633 -20.39 8.27 11.23
CA VAL B 633 -20.57 8.11 9.79
C VAL B 633 -21.97 8.56 9.36
N TRP B 634 -22.98 8.33 10.21
CA TRP B 634 -24.33 8.77 9.87
C TRP B 634 -24.52 10.27 10.04
N ASP B 635 -23.58 10.95 10.68
CA ASP B 635 -23.67 12.40 10.85
C ASP B 635 -22.70 13.09 9.92
N ILE B 636 -22.79 12.80 8.63
CA ILE B 636 -21.93 13.40 7.61
C ILE B 636 -22.85 13.88 6.50
N ASP B 637 -23.34 15.11 6.62
CA ASP B 637 -24.20 15.67 5.59
C ASP B 637 -23.31 16.39 4.59
N ASN B 638 -23.53 16.12 3.31
CA ASN B 638 -22.74 16.70 2.24
C ASN B 638 -23.64 16.94 1.04
N GLU B 639 -23.13 17.75 0.11
CA GLU B 639 -23.86 18.00 -1.14
C GLU B 639 -23.38 17.04 -2.22
N PHE B 640 -23.40 15.75 -1.91
CA PHE B 640 -23.02 14.70 -2.83
C PHE B 640 -23.92 14.70 -4.06
N ASP C 1 62.49 3.24 -3.39
CA ASP C 1 61.21 3.16 -4.06
C ASP C 1 61.38 3.23 -5.57
N GLU C 2 62.40 3.96 -6.02
CA GLU C 2 62.71 4.02 -7.45
C GLU C 2 62.95 2.62 -8.02
N GLU C 3 63.68 1.78 -7.29
CA GLU C 3 63.89 0.41 -7.72
C GLU C 3 62.57 -0.37 -7.73
N GLU C 4 61.72 -0.15 -6.73
CA GLU C 4 60.47 -0.89 -6.66
C GLU C 4 59.52 -0.48 -7.78
N ILE C 5 59.47 0.81 -8.11
CA ILE C 5 58.62 1.26 -9.20
C ILE C 5 59.15 0.75 -10.54
N GLN C 6 60.46 0.91 -10.77
CA GLN C 6 61.06 0.47 -12.02
C GLN C 6 60.91 -1.03 -12.22
N LYS C 7 60.92 -1.81 -11.12
CA LYS C 7 60.70 -3.24 -11.24
C LYS C 7 59.23 -3.60 -11.35
N ALA C 8 58.35 -2.85 -10.68
CA ALA C 8 56.92 -3.12 -10.80
C ALA C 8 56.38 -2.70 -12.16
N ILE C 9 56.93 -1.62 -12.75
CA ILE C 9 56.53 -1.27 -14.11
C ILE C 9 57.09 -2.27 -15.10
N GLU C 10 58.25 -2.86 -14.79
CA GLU C 10 58.81 -3.90 -15.65
C GLU C 10 57.89 -5.10 -15.71
N GLU C 11 57.28 -5.46 -14.57
CA GLU C 11 56.43 -6.65 -14.54
C GLU C 11 55.12 -6.39 -15.27
N LEU C 12 54.54 -5.20 -15.10
CA LEU C 12 53.31 -4.87 -15.80
C LEU C 12 53.50 -4.92 -17.31
N LEU C 13 54.65 -4.43 -17.79
CA LEU C 13 54.92 -4.48 -19.22
C LEU C 13 55.28 -5.89 -19.67
N ARG C 14 55.94 -6.66 -18.80
CA ARG C 14 56.23 -8.05 -19.15
C ARG C 14 54.98 -8.90 -19.17
N LYS C 15 54.04 -8.63 -18.25
CA LYS C 15 52.78 -9.37 -18.22
C LYS C 15 51.91 -9.08 -19.43
N GLY C 16 52.19 -8.01 -20.18
CA GLY C 16 51.43 -7.66 -21.36
C GLY C 16 50.54 -6.45 -21.23
N VAL C 17 50.59 -5.73 -20.11
CA VAL C 17 49.78 -4.54 -19.93
C VAL C 17 50.38 -3.41 -20.75
N SER C 18 49.52 -2.58 -21.35
CA SER C 18 50.00 -1.49 -22.18
C SER C 18 50.63 -0.40 -21.31
N GLU C 19 51.44 0.44 -21.95
CA GLU C 19 52.08 1.54 -21.24
C GLU C 19 51.05 2.52 -20.69
N GLU C 20 50.01 2.82 -21.47
CA GLU C 20 48.98 3.74 -21.01
C GLU C 20 48.24 3.19 -19.80
N GLU C 21 47.92 1.89 -19.81
CA GLU C 21 47.27 1.29 -18.66
C GLU C 21 48.22 1.18 -17.47
N ALA C 22 49.48 0.82 -17.73
CA ALA C 22 50.46 0.73 -16.65
C ALA C 22 50.68 2.07 -15.97
N ALA C 23 50.56 3.16 -16.72
CA ALA C 23 50.70 4.49 -16.13
C ALA C 23 49.66 4.74 -15.05
N ILE C 24 48.40 4.35 -15.31
CA ILE C 24 47.34 4.56 -14.33
C ILE C 24 47.52 3.64 -13.13
N ILE C 25 48.03 2.43 -13.34
CA ILE C 25 48.21 1.48 -12.25
C ILE C 25 49.28 1.99 -11.28
N ILE C 26 50.34 2.62 -11.80
CA ILE C 26 51.41 3.13 -10.95
C ILE C 26 50.88 4.24 -10.04
N VAL C 27 50.00 5.09 -10.57
CA VAL C 27 49.54 6.25 -9.81
C VAL C 27 48.65 5.83 -8.65
N GLN C 28 47.87 4.76 -8.80
CA GLN C 28 47.02 4.29 -7.71
C GLN C 28 47.69 3.25 -6.82
N ARG C 29 48.90 2.78 -7.19
CA ARG C 29 49.66 1.85 -6.37
C ARG C 29 50.84 2.50 -5.68
N PHE C 30 51.31 3.65 -6.17
CA PHE C 30 52.45 4.35 -5.59
C PHE C 30 52.06 5.80 -5.34
N ASN C 31 52.89 6.49 -4.57
CA ASN C 31 52.66 7.90 -4.25
C ASN C 31 53.24 8.78 -5.37
N VAL C 32 52.66 8.63 -6.55
CA VAL C 32 53.14 9.32 -7.75
C VAL C 32 52.18 10.45 -8.10
N ALA C 33 52.74 11.53 -8.62
CA ALA C 33 51.99 12.74 -8.96
C ALA C 33 51.61 12.80 -10.43
N VAL C 34 52.58 12.62 -11.33
CA VAL C 34 52.36 12.70 -12.77
C VAL C 34 53.16 11.60 -13.46
N VAL C 35 52.56 10.97 -14.45
CA VAL C 35 53.24 9.97 -15.28
C VAL C 35 53.03 10.35 -16.74
N VAL C 36 54.10 10.31 -17.54
CA VAL C 36 54.06 10.67 -18.94
C VAL C 36 54.57 9.48 -19.76
N VAL C 37 53.86 9.17 -20.84
CA VAL C 37 54.24 8.12 -21.78
C VAL C 37 54.76 8.81 -23.04
N VAL C 38 56.00 8.50 -23.41
CA VAL C 38 56.70 9.17 -24.51
C VAL C 38 56.97 8.14 -25.61
N GLN C 39 57.35 8.66 -26.78
CA GLN C 39 57.62 7.80 -27.93
C GLN C 39 59.01 7.16 -27.83
N ASP C 40 60.06 7.96 -28.01
CA ASP C 40 61.42 7.44 -28.00
C ASP C 40 62.04 7.59 -26.61
N GLU C 41 63.23 7.00 -26.45
CA GLU C 41 63.98 7.17 -25.22
C GLU C 41 64.66 8.53 -25.12
N ARG C 42 64.87 9.19 -26.25
CA ARG C 42 65.42 10.55 -26.23
C ARG C 42 64.43 11.52 -25.60
N GLN C 43 63.15 11.40 -25.95
CA GLN C 43 62.13 12.25 -25.35
C GLN C 43 61.99 11.96 -23.86
N ALA C 44 62.16 10.70 -23.45
CA ALA C 44 62.03 10.35 -22.04
C ALA C 44 63.01 11.12 -21.17
N LYS C 45 64.26 11.27 -21.63
CA LYS C 45 65.20 12.10 -20.89
C LYS C 45 64.93 13.57 -21.09
N HIS C 46 64.53 13.97 -22.31
CA HIS C 46 64.22 15.37 -22.57
C HIS C 46 63.10 15.87 -21.67
N ILE C 47 62.03 15.08 -21.53
CA ILE C 47 60.95 15.46 -20.63
C ILE C 47 61.45 15.48 -19.19
N SER C 48 62.30 14.51 -18.83
CA SER C 48 62.85 14.47 -17.49
C SER C 48 63.81 15.62 -17.25
N GLU C 49 64.61 15.98 -18.27
CA GLU C 49 65.48 17.14 -18.16
C GLU C 49 64.67 18.41 -17.96
N TYR C 50 63.61 18.59 -18.76
CA TYR C 50 62.80 19.79 -18.66
C TYR C 50 62.15 19.91 -17.29
N ILE C 51 61.64 18.81 -16.76
CA ILE C 51 60.91 18.85 -15.50
C ILE C 51 61.85 19.02 -14.31
N ARG C 52 63.05 18.44 -14.38
CA ARG C 52 64.02 18.64 -13.29
C ARG C 52 64.57 20.06 -13.28
N ARG C 53 64.67 20.71 -14.43
CA ARG C 53 65.19 22.08 -14.45
C ARG C 53 64.20 23.05 -13.81
N TYR C 54 62.94 23.01 -14.23
CA TYR C 54 61.96 24.00 -13.79
C TYR C 54 61.29 23.62 -12.47
N ILE C 55 61.26 22.34 -12.12
CA ILE C 55 60.77 21.92 -10.80
C ILE C 55 61.83 21.01 -10.21
N PRO C 56 62.92 21.58 -9.66
CA PRO C 56 63.98 20.74 -9.09
C PRO C 56 63.60 20.08 -7.77
N GLU C 57 62.46 20.45 -7.18
CA GLU C 57 61.98 19.77 -5.98
C GLU C 57 61.43 18.39 -6.28
N ALA C 58 61.28 18.04 -7.55
CA ALA C 58 60.69 16.78 -7.95
C ALA C 58 61.75 15.71 -8.14
N ASP C 59 61.43 14.49 -7.74
CA ASP C 59 62.22 13.30 -8.06
C ASP C 59 61.62 12.66 -9.30
N VAL C 60 62.42 12.56 -10.36
CA VAL C 60 61.95 12.02 -11.64
C VAL C 60 62.71 10.73 -11.91
N ILE C 61 61.97 9.62 -11.94
CA ILE C 61 62.52 8.33 -12.32
C ILE C 61 61.85 7.88 -13.61
N LEU C 62 62.60 7.18 -14.45
CA LEU C 62 62.09 6.76 -15.74
C LEU C 62 62.48 5.32 -16.02
N PHE C 63 61.60 4.62 -16.74
CA PHE C 63 61.84 3.26 -17.19
C PHE C 63 61.24 3.11 -18.56
N ALA C 64 62.05 2.70 -19.53
CA ALA C 64 61.64 2.54 -20.92
C ALA C 64 61.12 3.90 -21.40
N ASN C 65 59.92 3.98 -21.98
CA ASN C 65 59.36 5.24 -22.44
C ASN C 65 58.32 5.81 -21.48
N ILE C 66 58.36 5.41 -20.21
CA ILE C 66 57.46 5.91 -19.18
C ILE C 66 58.29 6.62 -18.12
N VAL C 67 57.92 7.87 -17.81
CA VAL C 67 58.65 8.69 -16.85
C VAL C 67 57.73 8.95 -15.66
N VAL C 68 58.24 8.70 -14.46
CA VAL C 68 57.47 8.84 -13.22
C VAL C 68 57.99 10.06 -12.46
N ILE C 69 57.08 10.81 -11.83
CA ILE C 69 57.40 12.05 -11.14
C ILE C 69 56.71 12.03 -9.78
N LYS C 70 57.47 12.28 -8.72
CA LYS C 70 56.94 12.31 -7.36
C LYS C 70 57.18 13.68 -6.74
N VAL C 71 56.08 14.37 -6.40
CA VAL C 71 56.12 15.64 -5.69
C VAL C 71 55.04 15.61 -4.62
N GLU C 72 55.12 16.55 -3.67
CA GLU C 72 54.32 16.46 -2.45
C GLU C 72 53.39 17.64 -2.22
N THR C 73 53.73 18.86 -2.62
CA THR C 73 52.88 20.00 -2.34
C THR C 73 51.92 20.28 -3.50
N HIS C 74 50.74 20.81 -3.16
CA HIS C 74 49.72 21.11 -4.15
C HIS C 74 50.24 22.02 -5.26
N GLU C 75 50.94 23.10 -4.90
CA GLU C 75 51.45 24.01 -5.92
C GLU C 75 52.52 23.36 -6.79
N LEU C 76 53.50 22.71 -6.16
CA LEU C 76 54.55 22.05 -6.94
C LEU C 76 53.97 20.94 -7.81
N ARG C 77 53.03 20.16 -7.28
CA ARG C 77 52.35 19.15 -8.09
C ARG C 77 51.65 19.79 -9.28
N LYS C 78 51.02 20.94 -9.08
CA LYS C 78 50.39 21.66 -10.19
C LYS C 78 51.41 22.06 -11.24
N ARG C 79 52.55 22.60 -10.81
CA ARG C 79 53.56 23.06 -11.75
C ARG C 79 54.14 21.90 -12.56
N VAL C 80 54.28 20.73 -11.94
CA VAL C 80 54.79 19.56 -12.64
C VAL C 80 53.82 19.14 -13.75
N TRP C 81 52.53 19.10 -13.43
CA TRP C 81 51.53 18.73 -14.43
C TRP C 81 51.52 19.70 -15.60
N GLU C 82 51.66 21.00 -15.31
CA GLU C 82 51.70 22.00 -16.38
C GLU C 82 52.98 21.90 -17.18
N ALA C 83 54.10 21.52 -16.55
CA ALA C 83 55.35 21.36 -17.27
C ALA C 83 55.30 20.17 -18.21
N ALA C 84 54.66 19.07 -17.78
CA ALA C 84 54.60 17.88 -18.62
C ALA C 84 53.72 18.11 -19.84
N GLN C 85 52.64 18.88 -19.69
CA GLN C 85 51.79 19.21 -20.83
C GLN C 85 52.52 20.11 -21.81
N LYS C 86 53.35 21.03 -21.29
CA LYS C 86 54.08 21.96 -22.15
C LYS C 86 55.10 21.25 -23.02
N ALA C 87 55.85 20.31 -22.44
CA ALA C 87 56.96 19.66 -23.13
C ALA C 87 56.56 18.39 -23.86
N TYR C 88 55.35 17.87 -23.65
CA TYR C 88 54.91 16.63 -24.28
C TYR C 88 54.95 16.72 -25.80
N ASP D 1 -41.05 -14.44 -44.89
CA ASP D 1 -39.71 -14.33 -44.32
C ASP D 1 -38.66 -14.88 -45.27
N GLU D 2 -39.04 -15.88 -46.06
CA GLU D 2 -38.13 -16.40 -47.09
C GLU D 2 -37.69 -15.29 -48.04
N GLU D 3 -38.62 -14.39 -48.40
CA GLU D 3 -38.27 -13.26 -49.24
C GLU D 3 -37.23 -12.37 -48.57
N GLU D 4 -37.38 -12.14 -47.27
CA GLU D 4 -36.43 -11.28 -46.56
C GLU D 4 -35.06 -11.94 -46.44
N ILE D 5 -35.04 -13.25 -46.20
CA ILE D 5 -33.77 -13.95 -46.04
C ILE D 5 -32.99 -13.97 -47.35
N GLN D 6 -33.65 -14.38 -48.44
CA GLN D 6 -32.97 -14.46 -49.74
C GLN D 6 -32.45 -13.11 -50.19
N LYS D 7 -33.12 -12.02 -49.80
CA LYS D 7 -32.64 -10.69 -50.17
C LYS D 7 -31.45 -10.27 -49.31
N ALA D 8 -31.41 -10.69 -48.05
CA ALA D 8 -30.25 -10.42 -47.22
C ALA D 8 -29.05 -11.27 -47.64
N ILE D 9 -29.30 -12.47 -48.16
CA ILE D 9 -28.23 -13.30 -48.68
C ILE D 9 -27.66 -12.71 -49.97
N GLU D 10 -28.48 -12.01 -50.75
CA GLU D 10 -27.98 -11.39 -51.97
C GLU D 10 -26.92 -10.34 -51.68
N GLU D 11 -27.11 -9.54 -50.63
CA GLU D 11 -26.20 -8.44 -50.36
C GLU D 11 -24.86 -8.91 -49.80
N LEU D 12 -24.88 -9.91 -48.91
CA LEU D 12 -23.64 -10.37 -48.28
C LEU D 12 -22.65 -10.90 -49.31
N LEU D 13 -23.12 -11.67 -50.29
CA LEU D 13 -22.21 -12.20 -51.30
C LEU D 13 -21.77 -11.13 -52.30
N ARG D 14 -22.65 -10.18 -52.61
CA ARG D 14 -22.26 -9.09 -53.50
C ARG D 14 -21.25 -8.16 -52.84
N LYS D 15 -21.38 -7.94 -51.54
CA LYS D 15 -20.44 -7.07 -50.83
C LYS D 15 -19.04 -7.68 -50.77
N GLY D 16 -18.89 -8.97 -51.03
CA GLY D 16 -17.59 -9.61 -51.02
C GLY D 16 -17.31 -10.52 -49.85
N VAL D 17 -18.29 -10.74 -48.96
CA VAL D 17 -18.11 -11.62 -47.82
C VAL D 17 -18.12 -13.08 -48.29
N SER D 18 -17.30 -13.90 -47.65
CA SER D 18 -17.15 -15.29 -48.05
C SER D 18 -18.42 -16.08 -47.71
N GLU D 19 -18.57 -17.23 -48.38
CA GLU D 19 -19.73 -18.10 -48.14
C GLU D 19 -19.73 -18.62 -46.71
N GLU D 20 -18.57 -19.04 -46.20
CA GLU D 20 -18.50 -19.52 -44.82
C GLU D 20 -18.81 -18.41 -43.83
N GLU D 21 -18.32 -17.20 -44.11
CA GLU D 21 -18.62 -16.07 -43.23
C GLU D 21 -20.08 -15.67 -43.35
N ALA D 22 -20.63 -15.67 -44.56
CA ALA D 22 -22.05 -15.33 -44.74
C ALA D 22 -22.95 -16.33 -44.03
N ALA D 23 -22.55 -17.61 -43.97
CA ALA D 23 -23.34 -18.60 -43.26
C ALA D 23 -23.47 -18.25 -41.79
N ILE D 24 -22.39 -17.79 -41.18
CA ILE D 24 -22.42 -17.42 -39.76
C ILE D 24 -23.23 -16.15 -39.55
N ILE D 25 -23.21 -15.23 -40.53
CA ILE D 25 -24.00 -14.02 -40.41
C ILE D 25 -25.49 -14.34 -40.49
N ILE D 26 -25.86 -15.30 -41.34
CA ILE D 26 -27.26 -15.65 -41.52
C ILE D 26 -27.83 -16.26 -40.23
N VAL D 27 -27.06 -17.11 -39.56
CA VAL D 27 -27.58 -17.78 -38.37
C VAL D 27 -27.74 -16.82 -37.22
N GLN D 28 -26.93 -15.76 -37.17
CA GLN D 28 -27.02 -14.77 -36.11
C GLN D 28 -28.00 -13.65 -36.42
N ARG D 29 -28.53 -13.58 -37.64
CA ARG D 29 -29.50 -12.57 -38.02
C ARG D 29 -30.93 -13.10 -38.20
N PHE D 30 -31.09 -14.40 -38.44
CA PHE D 30 -32.41 -15.00 -38.61
C PHE D 30 -32.53 -16.23 -37.73
N ASN D 31 -33.76 -16.71 -37.59
CA ASN D 31 -34.07 -17.90 -36.77
C ASN D 31 -33.90 -19.18 -37.60
N VAL D 32 -32.67 -19.40 -38.05
CA VAL D 32 -32.33 -20.55 -38.87
C VAL D 32 -31.53 -21.53 -38.02
N ALA D 33 -31.68 -22.82 -38.34
CA ALA D 33 -31.09 -23.88 -37.52
C ALA D 33 -29.73 -24.35 -38.03
N VAL D 34 -29.64 -24.72 -39.30
CA VAL D 34 -28.40 -25.24 -39.88
C VAL D 34 -28.22 -24.64 -41.27
N VAL D 35 -26.99 -24.28 -41.61
CA VAL D 35 -26.64 -23.78 -42.93
C VAL D 35 -25.47 -24.59 -43.46
N VAL D 36 -25.56 -24.97 -44.74
CA VAL D 36 -24.57 -25.82 -45.39
C VAL D 36 -23.99 -25.06 -46.59
N VAL D 37 -22.68 -25.15 -46.75
CA VAL D 37 -21.99 -24.54 -47.88
C VAL D 37 -21.65 -25.65 -48.87
N VAL D 38 -22.14 -25.50 -50.09
CA VAL D 38 -22.08 -26.55 -51.11
C VAL D 38 -21.22 -26.05 -52.28
N GLN D 39 -20.71 -26.99 -53.06
CA GLN D 39 -19.90 -26.68 -54.24
C GLN D 39 -20.76 -26.32 -55.44
N ASP D 40 -21.35 -27.33 -56.07
CA ASP D 40 -22.17 -27.19 -57.26
C ASP D 40 -23.65 -27.19 -56.89
N GLU D 41 -24.51 -26.96 -57.88
CA GLU D 41 -25.94 -27.03 -57.61
C GLU D 41 -26.44 -28.46 -57.44
N ARG D 42 -25.66 -29.46 -57.86
CA ARG D 42 -26.09 -30.84 -57.69
C ARG D 42 -26.21 -31.22 -56.22
N GLN D 43 -25.18 -30.91 -55.43
CA GLN D 43 -25.24 -31.22 -54.00
C GLN D 43 -26.33 -30.39 -53.31
N ALA D 44 -26.51 -29.14 -53.75
CA ALA D 44 -27.57 -28.31 -53.17
C ALA D 44 -28.93 -28.96 -53.35
N LYS D 45 -29.15 -29.60 -54.50
CA LYS D 45 -30.37 -30.37 -54.70
C LYS D 45 -30.34 -31.67 -53.92
N HIS D 46 -29.16 -32.30 -53.85
CA HIS D 46 -29.01 -33.53 -53.08
C HIS D 46 -29.29 -33.29 -51.60
N ILE D 47 -28.71 -32.24 -51.03
CA ILE D 47 -28.91 -31.93 -49.62
C ILE D 47 -30.34 -31.51 -49.35
N SER D 48 -30.94 -30.72 -50.25
CA SER D 48 -32.30 -30.24 -50.01
C SER D 48 -33.32 -31.38 -50.06
N GLU D 49 -33.18 -32.29 -51.03
CA GLU D 49 -34.06 -33.46 -51.07
C GLU D 49 -33.87 -34.35 -49.84
N TYR D 50 -32.62 -34.61 -49.49
CA TYR D 50 -32.33 -35.56 -48.41
C TYR D 50 -32.92 -35.09 -47.08
N ILE D 51 -32.81 -33.80 -46.78
CA ILE D 51 -33.28 -33.32 -45.49
C ILE D 51 -34.81 -33.20 -45.46
N ARG D 52 -35.42 -32.85 -46.60
CA ARG D 52 -36.88 -32.81 -46.65
C ARG D 52 -37.47 -34.22 -46.59
N ARG D 53 -36.76 -35.21 -47.13
CA ARG D 53 -37.25 -36.57 -47.13
C ARG D 53 -37.30 -37.14 -45.73
N TYR D 54 -36.21 -37.01 -44.97
CA TYR D 54 -36.14 -37.59 -43.64
C TYR D 54 -36.71 -36.68 -42.56
N ILE D 55 -36.72 -35.38 -42.79
CA ILE D 55 -37.30 -34.43 -41.83
C ILE D 55 -38.25 -33.50 -42.58
N PRO D 56 -39.49 -33.92 -42.87
CA PRO D 56 -40.42 -33.05 -43.60
C PRO D 56 -40.96 -31.89 -42.77
N GLU D 57 -40.72 -31.86 -41.46
CA GLU D 57 -41.17 -30.73 -40.64
C GLU D 57 -40.34 -29.47 -40.85
N ALA D 58 -39.22 -29.56 -41.57
CA ALA D 58 -38.34 -28.42 -41.76
C ALA D 58 -38.67 -27.66 -43.03
N ASP D 59 -38.57 -26.33 -42.96
CA ASP D 59 -38.64 -25.47 -44.13
C ASP D 59 -37.22 -25.13 -44.56
N VAL D 60 -36.86 -25.51 -45.79
CA VAL D 60 -35.52 -25.31 -46.32
C VAL D 60 -35.60 -24.35 -47.50
N ILE D 61 -34.95 -23.20 -47.37
CA ILE D 61 -34.81 -22.27 -48.48
C ILE D 61 -33.33 -22.19 -48.83
N LEU D 62 -33.03 -22.00 -50.11
CA LEU D 62 -31.65 -22.02 -50.59
C LEU D 62 -31.42 -20.87 -51.56
N PHE D 63 -30.19 -20.37 -51.57
CA PHE D 63 -29.76 -19.33 -52.50
C PHE D 63 -28.32 -19.64 -52.90
N ALA D 64 -28.09 -19.74 -54.21
CA ALA D 64 -26.78 -20.08 -54.78
C ALA D 64 -26.38 -21.45 -54.25
N ASN D 65 -25.17 -21.63 -53.73
CA ASN D 65 -24.72 -22.91 -53.21
C ASN D 65 -24.74 -22.96 -51.68
N ILE D 66 -25.53 -22.09 -51.05
CA ILE D 66 -25.71 -22.06 -49.60
C ILE D 66 -27.16 -22.39 -49.31
N VAL D 67 -27.37 -23.37 -48.42
CA VAL D 67 -28.70 -23.88 -48.10
C VAL D 67 -29.04 -23.52 -46.66
N VAL D 68 -30.21 -22.90 -46.47
CA VAL D 68 -30.67 -22.45 -45.17
C VAL D 68 -31.83 -23.35 -44.73
N ILE D 69 -31.88 -23.66 -43.43
CA ILE D 69 -32.86 -24.58 -42.87
C ILE D 69 -33.44 -23.98 -41.60
N LYS D 70 -34.77 -23.94 -41.52
CA LYS D 70 -35.47 -23.44 -40.34
C LYS D 70 -36.34 -24.54 -39.75
N VAL D 71 -36.01 -24.95 -38.53
CA VAL D 71 -36.81 -25.90 -37.75
C VAL D 71 -36.83 -25.39 -36.30
N GLU D 72 -37.72 -25.94 -35.49
CA GLU D 72 -38.01 -25.31 -34.20
C GLU D 72 -37.73 -26.16 -32.96
N THR D 73 -37.89 -27.47 -33.00
CA THR D 73 -37.70 -28.21 -31.75
C THR D 73 -36.26 -28.68 -31.62
N HIS D 74 -35.80 -28.75 -30.37
CA HIS D 74 -34.45 -29.23 -30.09
C HIS D 74 -34.22 -30.60 -30.72
N GLU D 75 -35.20 -31.48 -30.62
CA GLU D 75 -35.08 -32.82 -31.19
C GLU D 75 -34.99 -32.77 -32.71
N LEU D 76 -35.91 -32.04 -33.35
CA LEU D 76 -35.87 -31.90 -34.80
C LEU D 76 -34.61 -31.18 -35.25
N ARG D 77 -34.22 -30.12 -34.53
CA ARG D 77 -32.97 -29.44 -34.84
C ARG D 77 -31.79 -30.38 -34.79
N LYS D 78 -31.80 -31.31 -33.82
CA LYS D 78 -30.76 -32.34 -33.74
C LYS D 78 -30.74 -33.20 -34.99
N ARG D 79 -31.91 -33.67 -35.43
CA ARG D 79 -31.97 -34.55 -36.58
C ARG D 79 -31.52 -33.86 -37.86
N VAL D 80 -31.84 -32.57 -38.00
CA VAL D 80 -31.43 -31.83 -39.19
C VAL D 80 -29.91 -31.75 -39.27
N TRP D 81 -29.26 -31.42 -38.14
CA TRP D 81 -27.81 -31.36 -38.13
C TRP D 81 -27.19 -32.71 -38.44
N GLU D 82 -27.75 -33.79 -37.88
CA GLU D 82 -27.24 -35.12 -38.18
C GLU D 82 -27.53 -35.54 -39.61
N ALA D 83 -28.67 -35.10 -40.16
CA ALA D 83 -28.96 -35.41 -41.56
C ALA D 83 -28.02 -34.64 -42.50
N ALA D 84 -27.71 -33.39 -42.17
CA ALA D 84 -26.83 -32.60 -43.01
C ALA D 84 -25.40 -33.13 -42.98
N GLN D 85 -24.95 -33.62 -41.83
CA GLN D 85 -23.61 -34.20 -41.74
C GLN D 85 -23.51 -35.49 -42.55
N LYS D 86 -24.58 -36.29 -42.54
CA LYS D 86 -24.55 -37.57 -43.26
C LYS D 86 -24.50 -37.37 -44.77
N ALA D 87 -25.28 -36.42 -45.29
CA ALA D 87 -25.42 -36.27 -46.74
C ALA D 87 -24.38 -35.35 -47.36
N TYR D 88 -23.61 -34.61 -46.55
CA TYR D 88 -22.60 -33.70 -47.07
C TYR D 88 -21.57 -34.44 -47.92
C1 NAG E . -22.52 12.39 -11.17
C2 NAG E . -23.38 13.54 -11.67
C3 NAG E . -24.56 13.00 -12.47
C4 NAG E . -24.06 12.12 -13.61
C5 NAG E . -23.13 11.02 -13.09
C6 NAG E . -22.45 10.23 -14.19
C7 NAG E . -23.37 15.58 -10.29
C8 NAG E . -23.97 16.26 -9.10
N2 NAG E . -23.84 14.35 -10.56
O3 NAG E . -25.32 14.08 -12.99
O4 NAG E . -25.18 11.53 -14.27
O5 NAG E . -22.08 11.59 -12.29
O6 NAG E . -21.80 11.07 -15.13
O7 NAG E . -22.50 16.10 -10.97
C1 NAG E . -25.22 11.93 -15.66
C2 NAG E . -26.21 11.02 -16.36
C3 NAG E . -26.31 11.39 -17.83
C4 NAG E . -26.65 12.88 -17.98
C5 NAG E . -25.66 13.72 -17.18
C6 NAG E . -26.00 15.20 -17.18
C7 NAG E . -26.52 8.75 -15.49
C8 NAG E . -25.99 7.35 -15.47
N2 NAG E . -25.82 9.62 -16.22
O3 NAG E . -27.31 10.58 -18.44
O4 NAG E . -26.59 13.28 -19.34
O5 NAG E . -25.62 13.30 -15.81
O6 NAG E . -27.10 15.46 -16.33
O7 NAG E . -27.54 9.07 -14.89
C1 BMA E . -27.87 13.07 -20.01
C2 BMA E . -28.05 14.14 -21.12
C3 BMA E . -29.30 13.80 -21.94
C4 BMA E . -29.32 12.33 -22.39
C5 BMA E . -29.14 11.41 -21.16
C6 BMA E . -29.06 9.94 -21.53
O2 BMA E . -26.95 14.14 -22.02
O3 BMA E . -29.42 14.66 -23.08
O4 BMA E . -30.55 12.02 -23.02
O5 BMA E . -27.90 11.76 -20.55
O6 BMA E . -30.32 9.56 -22.08
C1 NAG F . 10.16 -13.83 -8.36
C2 NAG F . 10.28 -13.48 -9.83
C3 NAG F . 10.93 -12.10 -9.99
C4 NAG F . 10.20 -11.06 -9.15
C5 NAG F . 9.99 -11.55 -7.72
C6 NAG F . 9.08 -10.65 -6.92
C7 NAG F . 10.51 -15.21 -11.55
C8 NAG F . 11.43 -16.22 -12.19
N2 NAG F . 11.03 -14.49 -10.56
O3 NAG F . 10.93 -11.73 -11.36
O4 NAG F . 10.96 -9.86 -9.11
O5 NAG F . 9.38 -12.85 -7.71
O6 NAG F . 9.41 -10.67 -5.53
O7 NAG F . 9.36 -15.06 -11.92
C1 NAG F . 10.38 -8.88 -9.98
C2 NAG F . 10.41 -7.52 -9.31
C3 NAG F . 9.82 -6.47 -10.23
C4 NAG F . 10.59 -6.46 -11.55
C5 NAG F . 10.58 -7.85 -12.17
C6 NAG F . 11.45 -7.96 -13.40
C7 NAG F . 10.35 -7.38 -6.86
C8 NAG F . 9.48 -7.38 -5.64
N2 NAG F . 9.72 -7.53 -8.03
O3 NAG F . 9.89 -5.19 -9.59
O4 NAG F . 10.01 -5.54 -12.46
O5 NAG F . 11.09 -8.83 -11.23
O6 NAG F . 12.83 -7.92 -13.06
O7 NAG F . 11.57 -7.25 -6.80
C1 BMA F . 10.84 -4.36 -12.44
C2 BMA F . 11.38 -4.07 -13.85
C3 BMA F . 12.21 -2.78 -13.82
C4 BMA F . 11.46 -1.63 -13.12
C5 BMA F . 10.89 -2.08 -11.76
C6 BMA F . 10.03 -1.02 -11.08
O2 BMA F . 10.34 -3.87 -14.78
O3 BMA F . 12.59 -2.37 -15.13
O4 BMA F . 12.33 -0.52 -12.91
O5 BMA F . 10.08 -3.24 -11.97
O6 BMA F . 10.60 0.27 -11.36
C1 NAG G . 1.49 7.75 -17.84
C2 NAG G . 2.48 6.71 -18.31
C3 NAG G . 1.82 5.33 -18.31
C4 NAG G . 1.20 5.02 -16.96
C5 NAG G . 0.31 6.18 -16.50
C6 NAG G . -0.17 6.02 -15.08
C7 NAG G . 4.24 7.46 -19.83
C8 NAG G . 4.61 7.74 -21.25
N2 NAG G . 3.00 7.03 -19.63
O3 NAG G . 2.80 4.34 -18.65
O4 NAG G . 0.39 3.86 -17.09
O5 NAG G . 1.02 7.42 -16.55
O6 NAG G . 0.91 5.69 -14.21
O7 NAG G . 5.02 7.64 -18.91
C1 NAG G . 1.00 2.78 -16.34
C2 NAG G . -0.10 1.93 -15.70
C3 NAG G . 0.53 0.79 -14.90
C4 NAG G . 1.43 -0.03 -15.80
C5 NAG G . 2.45 0.86 -16.51
C6 NAG G . 3.23 0.11 -17.56
C7 NAG G . -2.21 3.06 -15.25
C8 NAG G . -3.01 3.87 -14.27
N2 NAG G . -0.98 2.73 -14.86
O3 NAG G . -0.50 -0.03 -14.36
O4 NAG G . 2.13 -1.01 -15.05
O5 NAG G . 1.80 1.95 -17.20
O6 NAG G . 2.38 -0.26 -18.64
O7 NAG G . -2.66 2.72 -16.34
C1 NAG H . 20.98 -11.85 14.04
C2 NAG H . 21.80 -12.92 14.75
C3 NAG H . 23.21 -12.40 15.03
C4 NAG H . 23.85 -11.87 13.75
C5 NAG H . 22.93 -10.87 13.05
C6 NAG H . 23.46 -10.46 11.69
C7 NAG H . 20.63 -14.59 16.15
C8 NAG H . 20.01 -14.85 17.50
N2 NAG H . 21.15 -13.36 15.98
O3 NAG H . 23.98 -13.49 15.51
O4 NAG H . 25.05 -11.18 14.09
O5 NAG H . 21.64 -11.46 12.83
O6 NAG H . 23.45 -11.53 10.75
O7 NAG H . 20.63 -15.43 15.26
C1 NAG H . 26.20 -11.91 13.66
C2 NAG H . 27.39 -11.02 13.95
C3 NAG H . 28.70 -11.76 13.64
C4 NAG H . 28.77 -13.09 14.38
C5 NAG H . 27.52 -13.92 14.08
C6 NAG H . 27.44 -15.21 14.88
C7 NAG H . 27.70 -8.60 13.68
C8 NAG H . 27.49 -7.42 12.79
N2 NAG H . 27.30 -9.79 13.20
O3 NAG H . 29.79 -10.96 14.09
O4 NAG H . 29.90 -13.79 13.91
O5 NAG H . 26.33 -13.17 14.36
O6 NAG H . 27.52 -15.02 16.30
O7 NAG H . 28.23 -8.49 14.78
C1 BMA H . 30.74 -14.05 15.04
C2 BMA H . 31.86 -14.96 14.55
C3 BMA H . 32.70 -15.34 15.75
C4 BMA H . 33.21 -14.07 16.49
C5 BMA H . 32.03 -13.09 16.81
C6 BMA H . 32.52 -11.75 17.36
O2 BMA H . 32.73 -14.26 13.67
O3 BMA H . 33.77 -16.15 15.39
O4 BMA H . 33.90 -14.44 17.70
O5 BMA H . 31.29 -12.85 15.60
O6 BMA H . 33.82 -11.51 16.83
C1 MAN H . 33.41 -17.49 15.77
C2 MAN H . 34.73 -18.21 16.10
C3 MAN H . 35.59 -18.27 14.84
C4 MAN H . 34.82 -18.92 13.69
C5 MAN H . 33.45 -18.19 13.45
C6 MAN H . 32.58 -18.88 12.41
O2 MAN H . 34.50 -19.57 16.49
O3 MAN H . 36.84 -18.95 15.06
O4 MAN H . 35.62 -18.95 12.50
O5 MAN H . 32.71 -18.10 14.71
O6 MAN H . 33.42 -19.23 11.30
CA CA I . -14.68 1.27 -6.43
C1 NAG J . 25.03 12.89 -25.52
C2 NAG J . 26.06 12.00 -26.25
C3 NAG J . 26.36 12.57 -27.63
C4 NAG J . 25.07 12.76 -28.42
C5 NAG J . 24.10 13.63 -27.63
C6 NAG J . 22.76 13.78 -28.30
C7 NAG J . 27.56 10.83 -24.70
C8 NAG J . 28.88 10.88 -23.97
N2 NAG J . 27.29 11.88 -25.47
O3 NAG J . 27.23 11.67 -28.33
O4 NAG J . 25.35 13.39 -29.67
O5 NAG J . 23.86 13.04 -26.34
O6 NAG J . 22.37 12.58 -28.94
O7 NAG J . 26.79 9.89 -24.58
C1 MAN K . 36.80 -10.42 15.60
C2 MAN K . 37.99 -10.98 14.81
C3 MAN K . 38.10 -10.26 13.47
C4 MAN K . 36.74 -10.26 12.73
C5 MAN K . 35.64 -9.65 13.63
C6 MAN K . 34.26 -9.73 13.01
O2 MAN K . 37.79 -12.36 14.48
O3 MAN K . 39.13 -10.81 12.65
O4 MAN K . 36.84 -9.51 11.53
O5 MAN K . 35.60 -10.38 14.86
O6 MAN K . 34.36 -9.13 11.73
CA CA L . 14.33 -1.11 7.17
#